data_8VOJ
#
_entry.id   8VOJ
#
loop_
_entity.id
_entity.type
_entity.pdbx_description
1 polymer 'Isoform 2 of Kelch repeat and BTB domain-containing protein 4'
2 polymer 'Histone deacetylase 1'
3 polymer 'REST corepressor 1'
4 non-polymer 'ZINC ION'
5 non-polymer 'INOSITOL HEXAKISPHOSPHATE'
6 non-polymer (1r,4r)-N~1~-[(7P)-2-benzyl-7-(2-methyl-2H-tetrazol-5-yl)-9H-pyrimido[4,5-b]indol-4-yl]cyclohexane-1,4-diamine
#
loop_
_entity_poly.entity_id
_entity_poly.type
_entity_poly.pdbx_seq_one_letter_code
_entity_poly.pdbx_strand_id
1 'polypeptide(L)'
;MKGGNADSWQREKLASMESPEEPGASMDENYFVNYTFKDRSHSGRVAQGIMKLCLEEELFADVTISVEGREFQLHRLVLS
AQSCFFRSMFTSNLKEAHNRVIVLQDVSESVFQLLVDYIYHGTVKLRAEELQEIYEVSDMYQLTSLFEECSRFLARTVQV
GNCLQVMWLADRHSDPELYTAAKHCAKTHLAQLQNTEEFLHLPHRLLTDIISDGVPCSQNPTEAIEAWINFNKEEREAFA
ESLRTSLKEIGENVHIYLIGKESSRTHSLAVSLHCAEDDSISVSGQNSLCHQITAACKHGGDLYVVGGSIPRRMWKCNNA
TVDWEWCAPLPRDRLQHTLVSVPGKDAIYSLGGKTLQDTLSNAVIYYRVGDNVWTETTQLEVAVSGAAGANLNGIIYLLG
GEENDLDFFTKPSRLIQCFDTETDKCHVKPYVLPFAGRMHAAVHKDLVFIVAEGDSLVCYNPLLDSFTRLCLPEAWSSAP
SLWKIASCNGSIYVFRDRYKKGDANTYKLDPATSAVTVTRGIKVLLTNLQFVLA
;
A,B
2 'polypeptide(L)'
;MAQTQGTRRKVCYYYDGDVGNYYYGQGHPMKPHRIRMTHNLLLNYGLYRKMEIYRPHKANAEEMTKYHSDDYIKFLRSIR
PDNMSEYSKQMQRFNVGEDCPVFDGLFEFCQLSTGGSVASAVKLNKQQTDIAVNWAGGLHHAKKSEASGFCYVNDIVLAI
LELLKYHQRVLYIDIDIHHGDGVEEAFYTTDRVMTVSFHKYGEYFPGTGDLRDIGAGKGKYYAVNYPLRDGIDDESYEAI
FKPVMSKVMEMFQPSAVVLQCGSDSLSGDRLGCFNLTIKGHAKCVEFVKSFNLPMLMLGGGGYTIRNVARCWTYETAVAL
DTEIPNELPYNDYFEYFGPDFKLHISPSNMTNQNTNEYLEKIKQRLFENLRMLPHAPGVQMQAIPEDAIPEESGDEDEDD
PDKRISICSSDKRIACEEEFSDSEEEGEGGRKNSSNFKKAKRVKTEDEKEKDPEEKKEVTEEEKTKEEKPEAKGVKEEVK
LA
;
C
3 'polypeptide(L)'
;MSWEEGSSGSSSDEEHGGGGMRVGPQYQAVVPDFDPAKLARRSQERDNLGMLVWSPNQNLSEAKLDEYIAIAKEKHGYNM
EQALGMLFWHKHNIEKSLADLPNFTPFPDEWTVEDKVLFEQAFSFHGKTFHRIQQMLPDKSIASLVKFYYSWKKTRTKTS
VMDRHARKQKREREESEDELEEANGNNPIDIEVDQNKESKKEVPPTETVPQVKKEKHSTQAKNRAKRKPPKGMFLSQEDV
EAVSANATAATTVLRQLDMELVSVKRQIQNIKQTNSALKEKLDGGIEPYRLPEVIQKCNARWTTEEQLLAVQAIRKYGRD
FQAISDVIGNKSVVQVKNFFVNYRRRFNIDEVLQEWEAEHGKEETNGPSNQKPVKSPDNSIKMPEEEDEAPVLDVRYASA
S
;
D
#
loop_
_chem_comp.id
_chem_comp.type
_chem_comp.name
_chem_comp.formula
A1ACV non-polymer (1r,4r)-N~1~-[(7P)-2-benzyl-7-(2-methyl-2H-tetrazol-5-yl)-9H-pyrimido[4,5-b]indol-4-yl]cyclohexane-1,4-diamine 'C25 H27 N9'
IHP non-polymer 'INOSITOL HEXAKISPHOSPHATE' 'C6 H18 O24 P6'
ZN non-polymer 'ZINC ION' 'Zn 2'
#
# COMPACT_ATOMS: atom_id res chain seq x y z
N PRO A 23 -23.47 -7.53 -8.47
CA PRO A 23 -23.08 -6.23 -9.01
C PRO A 23 -24.21 -5.56 -9.79
N GLY A 24 -25.38 -6.20 -9.81
CA GLY A 24 -26.53 -5.65 -10.49
C GLY A 24 -27.40 -4.78 -9.60
N ALA A 25 -27.45 -3.48 -9.90
CA ALA A 25 -28.21 -2.52 -9.10
C ALA A 25 -29.69 -2.70 -9.39
N SER A 26 -30.25 -3.79 -8.87
CA SER A 26 -31.66 -4.09 -9.05
C SER A 26 -32.51 -3.19 -8.17
N MET A 27 -33.53 -2.58 -8.76
CA MET A 27 -34.42 -1.69 -8.03
C MET A 27 -35.61 -2.41 -7.40
N ASP A 28 -35.92 -3.63 -7.85
CA ASP A 28 -37.08 -4.34 -7.31
C ASP A 28 -36.83 -4.89 -5.92
N GLU A 29 -35.64 -5.41 -5.66
CA GLU A 29 -35.34 -6.04 -4.38
C GLU A 29 -34.91 -4.99 -3.37
N ASN A 30 -35.42 -5.12 -2.15
CA ASN A 30 -35.06 -4.27 -1.04
C ASN A 30 -34.65 -5.15 0.13
N TYR A 31 -33.45 -4.92 0.67
CA TYR A 31 -32.86 -5.82 1.65
C TYR A 31 -33.63 -5.88 2.97
N PHE A 32 -34.73 -5.16 3.12
CA PHE A 32 -35.54 -5.24 4.32
C PHE A 32 -36.92 -5.85 4.06
N VAL A 33 -37.23 -6.20 2.82
CA VAL A 33 -38.50 -6.83 2.49
C VAL A 33 -38.27 -8.18 1.83
N ASN A 34 -37.60 -8.18 0.68
CA ASN A 34 -37.31 -9.43 -0.02
C ASN A 34 -36.12 -9.23 -0.94
N TYR A 35 -35.38 -10.32 -1.16
CA TYR A 35 -34.26 -10.32 -2.08
C TYR A 35 -33.91 -11.77 -2.41
N THR A 36 -32.98 -11.95 -3.34
CA THR A 36 -32.57 -13.27 -3.81
C THR A 36 -31.27 -13.65 -3.14
N PHE A 37 -31.27 -14.77 -2.44
CA PHE A 37 -30.10 -15.23 -1.69
C PHE A 37 -29.22 -16.04 -2.64
N LYS A 38 -28.34 -15.35 -3.35
CA LYS A 38 -27.42 -16.00 -4.30
C LYS A 38 -26.30 -16.64 -3.49
N ASP A 39 -26.35 -17.97 -3.37
CA ASP A 39 -25.36 -18.69 -2.58
C ASP A 39 -24.19 -19.09 -3.46
N ARG A 40 -23.01 -18.54 -3.17
CA ARG A 40 -21.80 -18.84 -3.93
C ARG A 40 -21.06 -20.05 -3.38
N SER A 41 -21.49 -20.60 -2.25
CA SER A 41 -20.88 -21.80 -1.68
C SER A 41 -21.66 -23.06 -2.04
N HIS A 42 -22.70 -22.95 -2.85
CA HIS A 42 -23.49 -24.12 -3.24
C HIS A 42 -22.95 -24.75 -4.52
N SER A 43 -21.64 -24.99 -4.52
CA SER A 43 -21.04 -25.89 -5.49
C SER A 43 -20.09 -26.82 -4.75
N GLY A 44 -19.46 -26.29 -3.70
CA GLY A 44 -18.58 -27.09 -2.88
C GLY A 44 -19.32 -28.13 -2.07
N ARG A 45 -20.48 -27.75 -1.51
CA ARG A 45 -21.20 -28.67 -0.62
C ARG A 45 -21.67 -29.91 -1.36
N VAL A 46 -22.28 -29.76 -2.53
CA VAL A 46 -22.76 -30.93 -3.26
C VAL A 46 -21.60 -31.76 -3.80
N ALA A 47 -20.59 -31.09 -4.37
CA ALA A 47 -19.44 -31.81 -4.93
C ALA A 47 -18.65 -32.56 -3.86
N GLN A 48 -18.66 -32.07 -2.63
CA GLN A 48 -18.01 -32.79 -1.53
C GLN A 48 -18.92 -33.85 -0.93
N GLY A 49 -20.22 -33.58 -0.86
CA GLY A 49 -21.15 -34.58 -0.33
C GLY A 49 -21.22 -35.81 -1.20
N ILE A 50 -21.11 -35.63 -2.51
CA ILE A 50 -21.11 -36.81 -3.38
C ILE A 50 -19.82 -37.60 -3.24
N MET A 51 -18.68 -36.94 -3.16
CA MET A 51 -17.43 -37.66 -3.03
C MET A 51 -17.24 -38.28 -1.64
N LYS A 52 -17.96 -37.81 -0.62
CA LYS A 52 -17.87 -38.36 0.72
C LYS A 52 -18.94 -39.40 1.00
N LEU A 53 -20.18 -39.13 0.61
CA LEU A 53 -21.35 -39.92 0.94
C LEU A 53 -21.67 -40.99 -0.10
N CYS A 54 -21.27 -40.79 -1.35
CA CYS A 54 -21.70 -41.65 -2.45
C CYS A 54 -20.68 -42.71 -2.81
N LEU A 55 -19.42 -42.57 -2.40
CA LEU A 55 -18.37 -43.50 -2.79
C LEU A 55 -17.67 -44.19 -1.63
N GLU A 56 -17.52 -43.53 -0.49
CA GLU A 56 -16.74 -44.09 0.61
C GLU A 56 -17.39 -45.32 1.23
N GLU A 57 -18.72 -45.37 1.29
CA GLU A 57 -19.41 -46.50 1.89
C GLU A 57 -20.60 -47.01 1.10
N GLU A 58 -20.91 -46.40 -0.05
CA GLU A 58 -21.75 -47.02 -1.09
C GLU A 58 -23.16 -47.36 -0.61
N LEU A 59 -23.94 -46.32 -0.32
CA LEU A 59 -25.40 -46.46 -0.31
C LEU A 59 -25.98 -45.73 -1.52
N PHE A 60 -27.31 -45.72 -1.59
CA PHE A 60 -28.07 -45.04 -2.64
C PHE A 60 -27.75 -45.61 -4.01
N ALA A 61 -27.12 -46.77 -4.06
CA ALA A 61 -26.82 -47.41 -5.33
C ALA A 61 -28.07 -47.98 -5.95
N ASP A 62 -28.32 -47.63 -7.21
CA ASP A 62 -29.54 -48.06 -7.90
C ASP A 62 -29.31 -48.59 -9.30
N VAL A 63 -28.08 -48.60 -9.81
CA VAL A 63 -27.76 -49.24 -11.08
C VAL A 63 -26.51 -50.09 -10.88
N THR A 64 -26.48 -51.23 -11.57
CA THR A 64 -25.38 -52.19 -11.47
C THR A 64 -24.77 -52.37 -12.84
N ILE A 65 -23.55 -51.86 -13.03
CA ILE A 65 -22.82 -51.96 -14.28
C ILE A 65 -21.70 -52.99 -14.09
N SER A 66 -21.71 -54.04 -14.88
CA SER A 66 -20.70 -55.10 -14.81
C SER A 66 -19.80 -55.02 -16.02
N VAL A 67 -18.50 -54.90 -15.78
CA VAL A 67 -17.50 -54.80 -16.84
C VAL A 67 -16.45 -55.88 -16.59
N GLU A 68 -16.32 -56.81 -17.54
CA GLU A 68 -15.32 -57.87 -17.48
C GLU A 68 -15.37 -58.63 -16.16
N GLY A 69 -16.59 -59.06 -15.81
CA GLY A 69 -16.84 -59.93 -14.69
C GLY A 69 -17.07 -59.25 -13.36
N ARG A 70 -16.34 -58.17 -13.09
CA ARG A 70 -16.43 -57.48 -11.81
C ARG A 70 -17.60 -56.49 -11.80
N GLU A 71 -18.33 -56.48 -10.69
CA GLU A 71 -19.59 -55.76 -10.60
C GLU A 71 -19.38 -54.37 -10.00
N PHE A 72 -20.03 -53.37 -10.59
CA PHE A 72 -20.09 -52.04 -10.03
C PHE A 72 -21.50 -51.67 -9.60
N GLN A 73 -21.59 -50.92 -8.51
CA GLN A 73 -22.80 -50.21 -8.12
C GLN A 73 -22.53 -48.73 -8.41
N LEU A 74 -23.42 -48.11 -9.16
CA LEU A 74 -23.22 -46.71 -9.55
C LEU A 74 -24.52 -45.94 -9.40
N HIS A 75 -24.44 -44.64 -9.64
CA HIS A 75 -25.55 -43.72 -9.40
C HIS A 75 -25.90 -43.01 -10.70
N ARG A 76 -27.08 -43.31 -11.24
CA ARG A 76 -27.48 -42.75 -12.52
C ARG A 76 -27.55 -41.23 -12.50
N LEU A 77 -27.78 -40.63 -11.33
CA LEU A 77 -27.86 -39.17 -11.25
C LEU A 77 -26.55 -38.52 -11.68
N VAL A 78 -25.44 -38.88 -11.05
CA VAL A 78 -24.16 -38.23 -11.34
C VAL A 78 -23.71 -38.57 -12.76
N LEU A 79 -23.79 -39.85 -13.13
CA LEU A 79 -23.32 -40.27 -14.44
C LEU A 79 -24.11 -39.60 -15.56
N SER A 80 -25.43 -39.54 -15.42
CA SER A 80 -26.26 -38.89 -16.42
C SER A 80 -26.17 -37.38 -16.37
N ALA A 81 -25.73 -36.80 -15.25
CA ALA A 81 -25.53 -35.36 -15.16
C ALA A 81 -24.14 -34.94 -15.59
N GLN A 82 -23.23 -35.87 -15.84
CA GLN A 82 -21.89 -35.52 -16.27
C GLN A 82 -21.54 -35.97 -17.68
N SER A 83 -22.01 -37.13 -18.12
CA SER A 83 -21.71 -37.65 -19.45
C SER A 83 -23.01 -37.89 -20.20
N CYS A 84 -23.13 -37.30 -21.39
CA CYS A 84 -24.38 -37.39 -22.15
C CYS A 84 -24.65 -38.79 -22.66
N PHE A 85 -23.62 -39.61 -22.90
CA PHE A 85 -23.86 -40.97 -23.39
C PHE A 85 -24.63 -41.79 -22.37
N PHE A 86 -24.26 -41.70 -21.09
CA PHE A 86 -25.04 -42.39 -20.07
C PHE A 86 -26.42 -41.80 -19.92
N ARG A 87 -26.61 -40.52 -20.24
CA ARG A 87 -27.95 -39.95 -20.24
C ARG A 87 -28.81 -40.57 -21.33
N SER A 88 -28.26 -40.72 -22.54
CA SER A 88 -28.97 -41.41 -23.61
C SER A 88 -29.17 -42.89 -23.30
N MET A 89 -28.28 -43.49 -22.53
CA MET A 89 -28.38 -44.89 -22.11
C MET A 89 -29.51 -45.12 -21.11
N PHE A 90 -29.49 -44.40 -19.98
CA PHE A 90 -30.45 -44.65 -18.91
C PHE A 90 -31.85 -44.21 -19.29
N THR A 91 -31.99 -43.12 -20.04
CA THR A 91 -33.29 -42.55 -20.39
C THR A 91 -33.82 -43.07 -21.73
N SER A 92 -33.45 -44.28 -22.11
CA SER A 92 -33.93 -44.87 -23.36
C SER A 92 -35.35 -45.38 -23.18
N ASN A 93 -35.90 -46.02 -24.21
CA ASN A 93 -37.25 -46.55 -24.15
C ASN A 93 -37.24 -48.07 -24.27
N ASN A 99 -33.54 -53.40 -17.32
CA ASN A 99 -32.93 -54.38 -16.42
C ASN A 99 -32.04 -53.69 -15.39
N ARG A 100 -31.91 -54.31 -14.21
CA ARG A 100 -31.09 -53.75 -13.15
C ARG A 100 -29.60 -53.80 -13.48
N VAL A 101 -29.15 -54.86 -14.16
CA VAL A 101 -27.74 -55.06 -14.47
C VAL A 101 -27.54 -54.88 -15.97
N ILE A 102 -26.57 -54.03 -16.33
CA ILE A 102 -26.20 -53.81 -17.73
C ILE A 102 -24.69 -54.03 -17.83
N VAL A 103 -24.28 -54.81 -18.82
CA VAL A 103 -22.88 -55.14 -19.03
C VAL A 103 -22.33 -54.30 -20.18
N LEU A 104 -21.17 -53.68 -19.96
CA LEU A 104 -20.48 -52.96 -21.02
C LEU A 104 -19.64 -53.93 -21.84
N GLN A 105 -19.67 -53.75 -23.16
CA GLN A 105 -19.07 -54.73 -24.06
C GLN A 105 -17.56 -54.83 -23.87
N ASP A 106 -16.84 -53.72 -24.08
CA ASP A 106 -15.38 -53.78 -24.07
C ASP A 106 -14.83 -52.40 -23.73
N VAL A 107 -14.44 -52.22 -22.46
CA VAL A 107 -13.59 -51.08 -22.12
C VAL A 107 -12.30 -51.51 -21.44
N SER A 108 -12.39 -51.99 -20.20
CA SER A 108 -11.26 -52.51 -19.42
C SER A 108 -11.71 -52.86 -18.02
N GLU A 109 -10.82 -53.43 -17.22
CA GLU A 109 -11.05 -53.47 -15.78
C GLU A 109 -10.51 -52.22 -15.10
N SER A 110 -9.35 -51.72 -15.53
CA SER A 110 -8.71 -50.61 -14.85
C SER A 110 -9.10 -49.26 -15.45
N VAL A 111 -9.27 -49.20 -16.78
CA VAL A 111 -9.59 -47.93 -17.42
C VAL A 111 -10.95 -47.42 -16.96
N PHE A 112 -11.95 -48.31 -16.88
CA PHE A 112 -13.25 -47.91 -16.40
C PHE A 112 -13.23 -47.56 -14.92
N GLN A 113 -12.36 -48.21 -14.13
CA GLN A 113 -12.17 -47.81 -12.74
C GLN A 113 -11.65 -46.39 -12.65
N LEU A 114 -10.64 -46.04 -13.46
CA LEU A 114 -10.13 -44.68 -13.48
C LEU A 114 -11.19 -43.69 -13.95
N LEU A 115 -11.99 -44.08 -14.95
CA LEU A 115 -13.04 -43.19 -15.44
C LEU A 115 -14.09 -42.93 -14.36
N VAL A 116 -14.51 -43.97 -13.63
CA VAL A 116 -15.47 -43.78 -12.55
C VAL A 116 -14.87 -42.90 -11.45
N ASP A 117 -13.60 -43.14 -11.11
CA ASP A 117 -12.93 -42.34 -10.10
C ASP A 117 -12.88 -40.87 -10.50
N TYR A 118 -12.60 -40.59 -11.78
CA TYR A 118 -12.63 -39.20 -12.23
C TYR A 118 -14.03 -38.62 -12.17
N ILE A 119 -15.03 -39.41 -12.59
CA ILE A 119 -16.40 -38.91 -12.62
C ILE A 119 -16.86 -38.52 -11.22
N TYR A 120 -16.49 -39.31 -10.21
CA TYR A 120 -16.92 -39.00 -8.85
C TYR A 120 -16.03 -37.94 -8.20
N HIS A 121 -14.72 -38.20 -8.13
CA HIS A 121 -13.83 -37.30 -7.39
C HIS A 121 -13.43 -36.09 -8.22
N GLY A 122 -12.73 -36.33 -9.32
CA GLY A 122 -12.23 -35.23 -10.14
C GLY A 122 -10.72 -35.22 -10.27
N THR A 123 -10.08 -36.30 -9.80
CA THR A 123 -8.63 -36.45 -9.93
C THR A 123 -8.34 -37.86 -10.44
N VAL A 124 -7.64 -37.96 -11.56
CA VAL A 124 -7.25 -39.23 -12.14
C VAL A 124 -5.76 -39.18 -12.45
N LYS A 125 -5.09 -40.32 -12.24
CA LYS A 125 -3.64 -40.43 -12.45
C LYS A 125 -3.40 -40.97 -13.86
N LEU A 126 -3.16 -40.06 -14.80
CA LEU A 126 -2.88 -40.46 -16.17
C LEU A 126 -1.48 -41.06 -16.27
N ARG A 127 -1.38 -42.20 -16.95
CA ARG A 127 -0.11 -42.88 -17.16
C ARG A 127 0.16 -43.04 -18.66
N ALA A 128 1.46 -43.06 -19.00
CA ALA A 128 1.85 -43.21 -20.39
C ALA A 128 1.56 -44.60 -20.94
N GLU A 129 1.53 -45.62 -20.09
CA GLU A 129 1.32 -46.98 -20.56
C GLU A 129 -0.14 -47.24 -20.92
N GLU A 130 -1.07 -46.59 -20.21
CA GLU A 130 -2.50 -46.84 -20.44
C GLU A 130 -3.21 -45.56 -20.86
N LEU A 131 -2.63 -44.83 -21.81
CA LEU A 131 -3.16 -43.53 -22.20
C LEU A 131 -4.09 -43.60 -23.40
N GLN A 132 -3.70 -44.34 -24.44
CA GLN A 132 -4.49 -44.37 -25.67
C GLN A 132 -5.87 -44.97 -25.42
N GLU A 133 -5.92 -46.03 -24.62
CA GLU A 133 -7.21 -46.65 -24.26
C GLU A 133 -8.10 -45.65 -23.54
N ILE A 134 -7.52 -44.89 -22.60
CA ILE A 134 -8.29 -43.89 -21.88
C ILE A 134 -8.79 -42.81 -22.84
N TYR A 135 -7.96 -42.41 -23.81
CA TYR A 135 -8.40 -41.43 -24.79
C TYR A 135 -9.61 -41.94 -25.58
N GLU A 136 -9.51 -43.16 -26.13
CA GLU A 136 -10.60 -43.70 -26.93
C GLU A 136 -11.87 -43.83 -26.10
N VAL A 137 -11.76 -44.32 -24.87
CA VAL A 137 -12.95 -44.49 -24.05
C VAL A 137 -13.54 -43.15 -23.61
N SER A 138 -12.72 -42.21 -23.19
CA SER A 138 -13.18 -40.89 -22.77
C SER A 138 -13.84 -40.12 -23.90
N ASP A 139 -13.43 -40.34 -25.15
CA ASP A 139 -14.19 -39.81 -26.27
C ASP A 139 -15.44 -40.63 -26.57
N MET A 140 -15.42 -41.93 -26.31
CA MET A 140 -16.62 -42.75 -26.47
C MET A 140 -17.72 -42.32 -25.52
N TYR A 141 -17.38 -42.03 -24.26
CA TYR A 141 -18.35 -41.62 -23.26
C TYR A 141 -18.54 -40.12 -23.19
N GLN A 142 -17.87 -39.36 -24.06
CA GLN A 142 -18.04 -37.91 -24.20
C GLN A 142 -17.73 -37.13 -22.94
N LEU A 143 -16.75 -37.57 -22.14
CA LEU A 143 -16.22 -36.73 -21.07
C LEU A 143 -15.25 -35.74 -21.68
N THR A 144 -15.74 -34.56 -22.04
CA THR A 144 -14.97 -33.64 -22.88
C THR A 144 -13.71 -33.11 -22.21
N SER A 145 -13.74 -32.82 -20.91
CA SER A 145 -12.57 -32.25 -20.25
C SER A 145 -11.43 -33.26 -20.20
N LEU A 146 -11.71 -34.49 -19.77
CA LEU A 146 -10.68 -35.52 -19.80
C LEU A 146 -10.24 -35.85 -21.21
N PHE A 147 -11.17 -35.76 -22.18
CA PHE A 147 -10.79 -35.99 -23.57
C PHE A 147 -9.76 -34.96 -24.03
N GLU A 148 -9.98 -33.68 -23.72
CA GLU A 148 -9.02 -32.64 -24.08
C GLU A 148 -7.69 -32.82 -23.35
N GLU A 149 -7.74 -33.15 -22.06
CA GLU A 149 -6.50 -33.33 -21.30
C GLU A 149 -5.69 -34.50 -21.85
N CYS A 150 -6.36 -35.62 -22.17
CA CYS A 150 -5.69 -36.75 -22.79
C CYS A 150 -5.15 -36.40 -24.17
N SER A 151 -5.88 -35.60 -24.95
CA SER A 151 -5.38 -35.16 -26.24
C SER A 151 -4.07 -34.40 -26.08
N ARG A 152 -4.03 -33.44 -25.15
CA ARG A 152 -2.79 -32.68 -24.94
C ARG A 152 -1.66 -33.58 -24.44
N PHE A 153 -1.93 -34.42 -23.44
CA PHE A 153 -0.88 -35.26 -22.87
C PHE A 153 -0.36 -36.28 -23.87
N LEU A 154 -1.21 -36.78 -24.76
CA LEU A 154 -0.75 -37.69 -25.80
C LEU A 154 -0.04 -36.96 -26.93
N ALA A 155 -0.40 -35.69 -27.18
CA ALA A 155 0.36 -34.88 -28.13
C ALA A 155 1.75 -34.56 -27.62
N ARG A 156 1.93 -34.54 -26.30
CA ARG A 156 3.25 -34.24 -25.75
C ARG A 156 4.24 -35.40 -25.87
N THR A 157 3.76 -36.62 -26.09
CA THR A 157 4.61 -37.82 -25.97
C THR A 157 4.65 -38.65 -27.26
N VAL A 158 4.85 -38.00 -28.41
CA VAL A 158 4.97 -38.70 -29.68
C VAL A 158 6.30 -38.31 -30.30
N GLN A 159 7.33 -39.16 -30.15
CA GLN A 159 8.65 -38.75 -30.59
C GLN A 159 8.87 -39.03 -32.08
N VAL A 160 9.08 -40.28 -32.45
CA VAL A 160 9.08 -40.69 -33.85
C VAL A 160 8.35 -42.02 -34.02
N GLY A 161 8.25 -42.79 -32.92
CA GLY A 161 7.86 -44.18 -33.04
C GLY A 161 6.41 -44.40 -33.37
N ASN A 162 5.51 -43.64 -32.75
CA ASN A 162 4.07 -43.78 -32.95
C ASN A 162 3.48 -42.57 -33.66
N CYS A 163 4.33 -41.76 -34.31
CA CYS A 163 3.88 -40.55 -34.98
C CYS A 163 3.01 -40.83 -36.20
N LEU A 164 3.10 -42.03 -36.77
CA LEU A 164 2.21 -42.46 -37.84
C LEU A 164 1.07 -43.34 -37.35
N GLN A 165 1.13 -43.79 -36.09
CA GLN A 165 0.01 -44.47 -35.47
C GLN A 165 -0.92 -43.52 -34.73
N VAL A 166 -0.38 -42.47 -34.11
CA VAL A 166 -1.20 -41.43 -33.49
C VAL A 166 -1.92 -40.60 -34.54
N MET A 167 -1.22 -40.27 -35.64
CA MET A 167 -1.88 -39.55 -36.73
C MET A 167 -3.08 -40.31 -37.26
N TRP A 168 -2.97 -41.65 -37.34
CA TRP A 168 -4.11 -42.46 -37.79
C TRP A 168 -5.27 -42.39 -36.80
N LEU A 169 -4.98 -42.20 -35.52
CA LEU A 169 -6.01 -42.13 -34.49
C LEU A 169 -6.52 -40.70 -34.28
N ALA A 170 -6.04 -39.75 -35.07
CA ALA A 170 -6.57 -38.40 -35.06
C ALA A 170 -7.48 -38.12 -36.25
N ASP A 171 -7.11 -38.56 -37.46
CA ASP A 171 -7.99 -38.45 -38.60
C ASP A 171 -9.25 -39.29 -38.42
N ARG A 172 -9.10 -40.50 -37.88
CA ARG A 172 -10.25 -41.35 -37.59
C ARG A 172 -11.11 -40.80 -36.47
N HIS A 173 -10.58 -39.90 -35.65
CA HIS A 173 -11.25 -39.51 -34.42
C HIS A 173 -11.69 -38.04 -34.41
N SER A 174 -11.31 -37.26 -35.42
CA SER A 174 -11.71 -35.86 -35.56
C SER A 174 -11.25 -35.03 -34.35
N ASP A 175 -9.94 -34.96 -34.20
CA ASP A 175 -9.30 -34.13 -33.18
C ASP A 175 -8.24 -33.28 -33.86
N PRO A 176 -8.63 -32.12 -34.42
CA PRO A 176 -7.71 -31.35 -35.27
C PRO A 176 -6.44 -30.89 -34.58
N GLU A 177 -6.48 -30.52 -33.30
CA GLU A 177 -5.27 -30.04 -32.63
C GLU A 177 -4.24 -31.15 -32.50
N LEU A 178 -4.67 -32.34 -32.05
CA LEU A 178 -3.77 -33.47 -31.98
C LEU A 178 -3.31 -33.89 -33.38
N TYR A 179 -4.19 -33.76 -34.37
CA TYR A 179 -3.81 -34.07 -35.74
C TYR A 179 -2.71 -33.15 -36.25
N THR A 180 -2.75 -31.87 -35.90
CA THR A 180 -1.67 -30.96 -36.28
C THR A 180 -0.41 -31.24 -35.49
N ALA A 181 -0.55 -31.54 -34.19
CA ALA A 181 0.60 -31.81 -33.34
C ALA A 181 1.33 -33.09 -33.74
N ALA A 182 0.63 -34.11 -34.22
CA ALA A 182 1.24 -35.35 -34.66
C ALA A 182 1.69 -35.29 -36.11
N LYS A 183 1.31 -34.25 -36.84
CA LYS A 183 1.79 -34.02 -38.19
C LYS A 183 3.05 -33.16 -38.22
N HIS A 184 3.15 -32.20 -37.29
CA HIS A 184 4.36 -31.39 -37.20
C HIS A 184 5.58 -32.24 -36.88
N CYS A 185 5.43 -33.20 -35.97
CA CYS A 185 6.53 -34.06 -35.55
C CYS A 185 6.76 -35.21 -36.53
N ALA A 186 5.86 -35.42 -37.47
CA ALA A 186 6.05 -36.44 -38.50
C ALA A 186 6.58 -35.88 -39.81
N LYS A 187 6.38 -34.59 -40.07
CA LYS A 187 6.90 -33.99 -41.30
C LYS A 187 8.40 -33.84 -41.25
N THR A 188 8.94 -33.51 -40.07
CA THR A 188 10.37 -33.21 -39.93
C THR A 188 11.23 -34.44 -39.74
N HIS A 189 10.64 -35.64 -39.69
CA HIS A 189 11.41 -36.88 -39.60
C HIS A 189 11.08 -37.81 -40.75
N LEU A 190 10.78 -37.25 -41.92
CA LEU A 190 10.37 -38.04 -43.09
C LEU A 190 11.52 -38.87 -43.66
N ALA A 191 12.76 -38.57 -43.33
CA ALA A 191 13.89 -39.31 -43.90
C ALA A 191 13.92 -40.74 -43.38
N GLN A 192 14.05 -40.91 -42.06
CA GLN A 192 14.10 -42.24 -41.46
C GLN A 192 12.73 -42.89 -41.36
N LEU A 193 11.65 -42.13 -41.59
CA LEU A 193 10.31 -42.69 -41.57
C LEU A 193 9.93 -43.37 -42.88
N GLN A 194 10.75 -43.19 -43.92
CA GLN A 194 10.43 -43.77 -45.23
C GLN A 194 10.43 -45.29 -45.19
N ASN A 195 11.42 -45.89 -44.54
CA ASN A 195 11.61 -47.33 -44.57
C ASN A 195 10.62 -48.08 -43.70
N THR A 196 9.88 -47.40 -42.82
CA THR A 196 8.89 -48.08 -42.00
C THR A 196 7.72 -48.54 -42.86
N GLU A 197 7.32 -49.79 -42.67
CA GLU A 197 6.23 -50.36 -43.46
C GLU A 197 4.89 -49.70 -43.17
N GLU A 198 4.73 -49.09 -41.99
CA GLU A 198 3.49 -48.38 -41.70
C GLU A 198 3.32 -47.18 -42.63
N PHE A 199 4.41 -46.46 -42.91
CA PHE A 199 4.35 -45.36 -43.87
C PHE A 199 4.06 -45.86 -45.28
N LEU A 200 4.55 -47.05 -45.62
CA LEU A 200 4.29 -47.63 -46.93
C LEU A 200 2.83 -48.02 -47.12
N HIS A 201 2.12 -48.35 -46.04
CA HIS A 201 0.71 -48.71 -46.10
C HIS A 201 -0.20 -47.53 -45.75
N LEU A 202 0.25 -46.33 -46.03
CA LEU A 202 -0.44 -45.10 -45.65
C LEU A 202 -1.39 -44.66 -46.75
N PRO A 203 -2.68 -44.43 -46.43
CA PRO A 203 -3.62 -43.98 -47.46
C PRO A 203 -3.28 -42.61 -48.05
N HIS A 204 -4.07 -42.18 -49.04
CA HIS A 204 -3.69 -41.02 -49.84
C HIS A 204 -3.88 -39.71 -49.09
N ARG A 205 -4.98 -39.56 -48.35
CA ARG A 205 -5.32 -38.27 -47.77
C ARG A 205 -4.29 -37.81 -46.75
N LEU A 206 -3.87 -38.70 -45.84
CA LEU A 206 -2.89 -38.32 -44.83
C LEU A 206 -1.54 -38.01 -45.45
N LEU A 207 -1.15 -38.76 -46.49
CA LEU A 207 0.08 -38.43 -47.21
C LEU A 207 -0.01 -37.05 -47.87
N THR A 208 -1.15 -36.74 -48.48
CA THR A 208 -1.33 -35.42 -49.08
C THR A 208 -1.22 -34.32 -48.03
N ASP A 209 -1.82 -34.54 -46.87
CA ASP A 209 -1.78 -33.53 -45.81
C ASP A 209 -0.42 -33.43 -45.12
N ILE A 210 0.37 -34.50 -45.09
CA ILE A 210 1.70 -34.44 -44.51
C ILE A 210 2.73 -33.89 -45.49
N ILE A 211 2.47 -33.97 -46.79
CA ILE A 211 3.41 -33.44 -47.77
C ILE A 211 3.19 -31.96 -48.06
N SER A 212 1.94 -31.49 -47.99
CA SER A 212 1.60 -30.13 -48.41
C SER A 212 1.82 -29.12 -47.30
N ASP A 213 2.68 -29.45 -46.33
CA ASP A 213 2.94 -28.57 -45.20
C ASP A 213 4.34 -27.97 -45.19
N GLY A 214 5.17 -28.22 -46.21
CA GLY A 214 6.50 -27.64 -46.23
C GLY A 214 7.58 -28.56 -45.69
N VAL A 215 7.68 -29.75 -46.25
CA VAL A 215 8.66 -30.76 -45.84
C VAL A 215 10.07 -30.17 -45.97
N PRO A 216 10.93 -30.36 -44.98
CA PRO A 216 12.28 -29.79 -45.05
C PRO A 216 13.09 -30.38 -46.20
N CYS A 217 14.23 -29.73 -46.46
CA CYS A 217 15.06 -30.08 -47.61
C CYS A 217 15.78 -31.41 -47.40
N SER A 218 16.32 -31.65 -46.20
CA SER A 218 17.16 -32.81 -45.95
C SER A 218 16.36 -34.09 -45.75
N GLN A 219 15.03 -34.01 -45.71
CA GLN A 219 14.20 -35.20 -45.53
C GLN A 219 13.95 -35.96 -46.81
N ASN A 220 14.33 -35.41 -47.97
CA ASN A 220 14.26 -36.09 -49.26
C ASN A 220 12.84 -36.53 -49.57
N PRO A 221 11.92 -35.60 -49.85
CA PRO A 221 10.51 -36.00 -50.04
C PRO A 221 10.25 -36.70 -51.35
N THR A 222 10.98 -36.35 -52.42
CA THR A 222 10.75 -36.99 -53.71
C THR A 222 11.08 -38.48 -53.68
N GLU A 223 12.15 -38.85 -52.97
CA GLU A 223 12.47 -40.27 -52.84
C GLU A 223 11.39 -40.99 -52.03
N ALA A 224 10.81 -40.30 -51.04
CA ALA A 224 9.67 -40.87 -50.33
C ALA A 224 8.49 -41.11 -51.27
N ILE A 225 8.20 -40.15 -52.15
CA ILE A 225 7.13 -40.30 -53.12
C ILE A 225 7.39 -41.52 -54.00
N GLU A 226 8.60 -41.62 -54.54
CA GLU A 226 8.92 -42.75 -55.43
C GLU A 226 8.88 -44.09 -54.69
N ALA A 227 9.39 -44.14 -53.46
CA ALA A 227 9.39 -45.39 -52.70
C ALA A 227 7.98 -45.82 -52.32
N TRP A 228 7.11 -44.86 -51.99
CA TRP A 228 5.72 -45.21 -51.73
C TRP A 228 5.04 -45.79 -52.96
N ILE A 229 5.35 -45.25 -54.15
CA ILE A 229 4.79 -45.79 -55.38
C ILE A 229 5.42 -47.15 -55.72
N ASN A 230 6.67 -47.37 -55.35
CA ASN A 230 7.40 -48.57 -55.73
C ASN A 230 6.80 -49.85 -55.14
N PHE A 231 5.92 -49.75 -54.15
CA PHE A 231 5.23 -50.94 -53.65
C PHE A 231 4.45 -51.61 -54.76
N ASN A 232 3.49 -50.90 -55.35
CA ASN A 232 2.74 -51.35 -56.53
C ASN A 232 2.77 -50.22 -57.54
N LYS A 233 3.84 -50.17 -58.34
CA LYS A 233 4.00 -49.07 -59.29
C LYS A 233 3.09 -49.24 -60.51
N GLU A 234 2.88 -50.47 -60.96
CA GLU A 234 2.04 -50.72 -62.14
C GLU A 234 0.57 -50.40 -61.90
N GLU A 235 0.16 -50.22 -60.64
CA GLU A 235 -1.21 -49.87 -60.31
C GLU A 235 -1.36 -48.43 -59.82
N ARG A 236 -0.28 -47.81 -59.34
CA ARG A 236 -0.33 -46.47 -58.77
C ARG A 236 0.54 -45.48 -59.54
N GLU A 237 0.99 -45.85 -60.74
CA GLU A 237 1.86 -44.95 -61.51
C GLU A 237 1.12 -43.70 -61.94
N ALA A 238 -0.09 -43.85 -62.48
CA ALA A 238 -0.91 -42.69 -62.84
C ALA A 238 -1.35 -41.91 -61.61
N PHE A 239 -1.44 -42.57 -60.45
CA PHE A 239 -1.80 -41.89 -59.21
C PHE A 239 -0.59 -41.24 -58.56
N ALA A 240 0.62 -41.51 -59.06
CA ALA A 240 1.82 -40.99 -58.44
C ALA A 240 1.95 -39.48 -58.64
N GLU A 241 1.72 -39.01 -59.86
CA GLU A 241 1.95 -37.60 -60.18
C GLU A 241 0.96 -36.66 -59.52
N SER A 242 -0.12 -37.18 -58.92
CA SER A 242 -1.06 -36.32 -58.21
C SER A 242 -0.42 -35.71 -56.98
N LEU A 243 0.57 -36.38 -56.39
CA LEU A 243 1.26 -35.86 -55.22
C LEU A 243 2.45 -34.97 -55.57
N ARG A 244 3.11 -35.24 -56.70
CA ARG A 244 4.17 -34.36 -57.18
C ARG A 244 3.66 -32.97 -57.50
N THR A 245 2.46 -32.86 -58.08
CA THR A 245 1.84 -31.57 -58.37
C THR A 245 1.38 -30.85 -57.11
N SER A 246 1.70 -31.37 -55.93
CA SER A 246 1.31 -30.75 -54.67
C SER A 246 2.43 -30.69 -53.64
N LEU A 247 3.63 -31.19 -53.95
CA LEU A 247 4.70 -31.22 -52.97
C LEU A 247 5.32 -29.84 -52.82
N LYS A 248 5.56 -29.43 -51.59
CA LYS A 248 6.24 -28.17 -51.28
C LYS A 248 7.63 -28.47 -50.73
N GLU A 249 8.54 -27.52 -50.94
CA GLU A 249 9.93 -27.67 -50.54
C GLU A 249 10.37 -26.45 -49.73
N ILE A 250 11.18 -26.69 -48.70
CA ILE A 250 11.70 -25.64 -47.85
C ILE A 250 13.05 -26.11 -47.27
N GLY A 251 13.88 -25.14 -46.91
CA GLY A 251 15.19 -25.45 -46.35
C GLY A 251 15.17 -25.49 -44.83
N GLU A 252 16.10 -26.27 -44.28
CA GLU A 252 16.21 -26.40 -42.83
C GLU A 252 16.73 -25.10 -42.25
N ASN A 253 15.90 -24.42 -41.46
CA ASN A 253 16.28 -23.13 -40.87
C ASN A 253 15.87 -23.06 -39.39
N VAL A 254 15.84 -24.20 -38.71
CA VAL A 254 15.57 -24.25 -37.27
C VAL A 254 16.92 -24.15 -36.56
N HIS A 255 17.15 -23.02 -35.88
CA HIS A 255 18.46 -22.70 -35.33
C HIS A 255 18.36 -22.51 -33.82
N ILE A 256 19.54 -22.50 -33.20
CA ILE A 256 19.71 -22.09 -31.80
C ILE A 256 20.78 -21.01 -31.81
N TYR A 257 20.36 -19.76 -31.65
CA TYR A 257 21.27 -18.63 -31.76
C TYR A 257 22.03 -18.43 -30.46
N LEU A 258 23.34 -18.30 -30.56
CA LEU A 258 24.21 -18.05 -29.41
C LEU A 258 24.92 -16.72 -29.60
N ILE A 259 24.94 -15.90 -28.56
CA ILE A 259 25.57 -14.59 -28.58
C ILE A 259 26.52 -14.49 -27.39
N GLY A 260 27.76 -14.11 -27.65
CA GLY A 260 28.72 -13.93 -26.59
C GLY A 260 30.03 -13.41 -27.13
N LYS A 261 30.80 -12.76 -26.27
CA LYS A 261 32.12 -12.27 -26.64
C LYS A 261 33.19 -13.26 -26.21
N GLU A 262 34.43 -13.00 -26.63
CA GLU A 262 35.56 -13.86 -26.31
C GLU A 262 36.45 -13.25 -25.23
N SER A 263 35.92 -12.30 -24.46
CA SER A 263 36.54 -11.68 -23.28
C SER A 263 37.75 -10.82 -23.63
N SER A 264 38.18 -10.78 -24.89
CA SER A 264 39.30 -9.95 -25.30
C SER A 264 39.05 -9.11 -26.54
N ARG A 265 38.09 -9.48 -27.37
CA ARG A 265 37.75 -8.73 -28.58
C ARG A 265 36.50 -7.91 -28.33
N THR A 266 36.52 -6.65 -28.77
CA THR A 266 35.37 -5.78 -28.63
C THR A 266 34.15 -6.32 -29.37
N HIS A 267 34.33 -6.81 -30.59
CA HIS A 267 33.23 -7.35 -31.36
C HIS A 267 32.72 -8.64 -30.74
N SER A 268 31.41 -8.77 -30.63
CA SER A 268 30.77 -9.97 -30.08
C SER A 268 30.04 -10.71 -31.20
N LEU A 269 30.32 -11.99 -31.32
CA LEU A 269 29.83 -12.80 -32.43
C LEU A 269 28.42 -13.34 -32.14
N ALA A 270 27.83 -13.93 -33.17
CA ALA A 270 26.44 -14.40 -33.17
C ALA A 270 26.33 -15.79 -33.80
N VAL A 271 27.18 -16.72 -33.33
CA VAL A 271 27.20 -18.07 -33.91
C VAL A 271 25.79 -18.64 -33.94
N SER A 272 25.41 -19.16 -35.10
CA SER A 272 24.08 -19.72 -35.32
C SER A 272 24.20 -21.23 -35.48
N LEU A 273 23.89 -21.96 -34.42
CA LEU A 273 23.95 -23.42 -34.47
C LEU A 273 22.77 -23.98 -35.24
N HIS A 274 22.97 -25.16 -35.81
CA HIS A 274 21.91 -25.92 -36.47
C HIS A 274 21.85 -27.30 -35.84
N CYS A 275 20.69 -27.67 -35.33
CA CYS A 275 20.51 -28.93 -34.61
C CYS A 275 20.21 -30.03 -35.61
N ALA A 276 21.05 -31.06 -35.63
CA ALA A 276 20.86 -32.21 -36.51
C ALA A 276 20.49 -33.43 -35.68
N GLU A 277 19.94 -34.44 -36.37
CA GLU A 277 19.44 -35.64 -35.72
C GLU A 277 20.40 -36.82 -35.82
N ASP A 278 21.63 -36.60 -36.27
CA ASP A 278 22.62 -37.66 -36.41
C ASP A 278 23.79 -37.48 -35.46
N ASP A 279 23.52 -36.93 -34.27
CA ASP A 279 24.53 -36.72 -33.22
C ASP A 279 25.68 -35.83 -33.70
N SER A 280 25.40 -34.97 -34.68
CA SER A 280 26.39 -34.02 -35.21
C SER A 280 25.76 -32.64 -35.25
N ILE A 281 25.86 -31.91 -34.13
CA ILE A 281 25.36 -30.55 -34.09
C ILE A 281 26.30 -29.64 -34.89
N SER A 282 25.77 -28.99 -35.91
CA SER A 282 26.56 -28.23 -36.86
C SER A 282 26.59 -26.76 -36.49
N VAL A 283 27.67 -26.09 -36.89
CA VAL A 283 27.87 -24.66 -36.66
C VAL A 283 27.89 -23.96 -38.02
N SER A 284 27.05 -22.93 -38.17
CA SER A 284 26.99 -22.17 -39.40
C SER A 284 27.88 -20.93 -39.28
N GLY A 285 27.80 -20.04 -40.26
CA GLY A 285 28.69 -18.89 -40.29
C GLY A 285 28.40 -17.89 -39.19
N GLN A 286 29.43 -17.16 -38.78
CA GLN A 286 29.29 -16.14 -37.77
C GLN A 286 28.94 -14.79 -38.40
N ASN A 287 28.59 -13.83 -37.55
CA ASN A 287 28.22 -12.50 -38.03
C ASN A 287 29.12 -11.43 -37.41
N SER A 288 29.33 -11.51 -36.10
CA SER A 288 30.35 -10.73 -35.38
C SER A 288 30.13 -9.22 -35.52
N LEU A 289 29.01 -8.76 -34.97
CA LEU A 289 28.80 -7.33 -34.80
C LEU A 289 29.78 -6.79 -33.74
N CYS A 290 30.08 -5.50 -33.83
CA CYS A 290 31.24 -4.96 -33.13
C CYS A 290 30.94 -3.86 -32.12
N HIS A 291 29.67 -3.56 -31.81
CA HIS A 291 29.44 -2.49 -30.85
C HIS A 291 29.26 -3.03 -29.43
N GLN A 292 28.18 -3.77 -29.19
CA GLN A 292 27.87 -4.47 -27.96
C GLN A 292 26.50 -5.11 -28.15
N ILE A 293 26.14 -6.02 -27.24
CA ILE A 293 24.86 -6.72 -27.32
C ILE A 293 24.24 -6.79 -25.94
N THR A 294 22.96 -6.44 -25.84
CA THR A 294 22.19 -6.59 -24.61
C THR A 294 20.73 -6.85 -24.96
N ALA A 295 20.14 -7.83 -24.29
CA ALA A 295 18.71 -8.14 -24.43
C ALA A 295 18.32 -8.46 -25.87
N ALA A 296 18.85 -9.56 -26.40
CA ALA A 296 18.56 -9.99 -27.76
C ALA A 296 17.37 -10.96 -27.78
N CYS A 297 16.92 -11.27 -28.99
CA CYS A 297 15.77 -12.15 -29.17
C CYS A 297 15.83 -12.80 -30.54
N LYS A 298 14.99 -13.82 -30.74
CA LYS A 298 14.87 -14.51 -32.01
C LYS A 298 13.40 -14.70 -32.36
N HIS A 299 13.07 -14.47 -33.64
CA HIS A 299 11.74 -14.76 -34.15
C HIS A 299 11.85 -15.19 -35.60
N GLY A 300 11.00 -16.13 -36.00
CA GLY A 300 11.04 -16.66 -37.34
C GLY A 300 12.32 -17.40 -37.64
N GLY A 301 13.14 -16.83 -38.52
CA GLY A 301 14.42 -17.42 -38.85
C GLY A 301 15.57 -16.45 -38.75
N ASP A 302 15.27 -15.20 -38.39
CA ASP A 302 16.25 -14.14 -38.29
C ASP A 302 16.39 -13.69 -36.84
N LEU A 303 17.47 -12.97 -36.56
CA LEU A 303 17.80 -12.54 -35.21
C LEU A 303 17.56 -11.04 -35.05
N TYR A 304 17.02 -10.66 -33.89
CA TYR A 304 16.81 -9.27 -33.52
C TYR A 304 17.62 -8.97 -32.27
N VAL A 305 18.38 -7.87 -32.29
CA VAL A 305 19.33 -7.56 -31.22
C VAL A 305 19.19 -6.10 -30.82
N VAL A 306 19.48 -5.81 -29.56
CA VAL A 306 19.51 -4.44 -29.07
C VAL A 306 20.96 -4.10 -28.70
N GLY A 307 21.46 -2.99 -29.23
CA GLY A 307 22.84 -2.65 -28.99
C GLY A 307 23.14 -1.19 -29.27
N GLY A 308 24.41 -0.93 -29.55
CA GLY A 308 24.91 0.41 -29.76
C GLY A 308 25.47 1.02 -28.49
N SER A 309 26.20 2.12 -28.68
CA SER A 309 26.75 2.85 -27.54
C SER A 309 25.65 3.35 -26.62
N ILE A 310 24.60 3.94 -27.20
CA ILE A 310 23.36 4.22 -26.48
C ILE A 310 22.41 3.07 -26.78
N PRO A 311 21.97 2.32 -25.78
CA PRO A 311 21.20 1.10 -26.06
C PRO A 311 19.82 1.39 -26.62
N ARG A 312 19.76 1.89 -27.85
CA ARG A 312 18.49 2.14 -28.52
C ARG A 312 18.41 1.64 -29.95
N ARG A 313 19.52 1.50 -30.67
CA ARG A 313 19.48 1.11 -32.07
C ARG A 313 19.49 -0.41 -32.16
N MET A 314 18.79 -0.94 -33.17
CA MET A 314 18.49 -2.36 -33.25
C MET A 314 18.91 -2.90 -34.62
N TRP A 315 19.59 -4.03 -34.63
CA TRP A 315 20.07 -4.66 -35.85
C TRP A 315 19.27 -5.93 -36.15
N LYS A 316 19.21 -6.28 -37.45
CA LYS A 316 18.50 -7.46 -37.91
C LYS A 316 19.51 -8.40 -38.57
N CYS A 317 19.63 -9.61 -38.05
CA CYS A 317 20.63 -10.55 -38.53
C CYS A 317 19.99 -11.59 -39.44
N ASN A 318 20.61 -11.82 -40.61
CA ASN A 318 20.17 -12.84 -41.54
C ASN A 318 21.18 -13.99 -41.57
N ASN A 319 20.66 -15.22 -41.61
CA ASN A 319 21.49 -16.41 -41.47
C ASN A 319 22.23 -16.75 -42.76
N ALA A 320 21.51 -17.04 -43.84
CA ALA A 320 22.16 -17.42 -45.09
C ALA A 320 22.94 -16.26 -45.68
N THR A 321 22.25 -15.16 -46.02
CA THR A 321 22.92 -13.95 -46.45
C THR A 321 23.37 -13.15 -45.24
N VAL A 322 24.61 -13.36 -44.82
CA VAL A 322 25.10 -12.79 -43.56
C VAL A 322 25.20 -11.28 -43.69
N ASP A 323 24.24 -10.58 -43.09
CA ASP A 323 24.15 -9.12 -43.20
C ASP A 323 23.60 -8.57 -41.89
N TRP A 324 23.95 -7.32 -41.59
CA TRP A 324 23.42 -6.61 -40.43
C TRP A 324 22.48 -5.51 -40.93
N GLU A 325 21.21 -5.86 -41.11
CA GLU A 325 20.22 -4.89 -41.54
C GLU A 325 19.85 -3.96 -40.39
N TRP A 326 19.13 -2.89 -40.72
CA TRP A 326 18.76 -1.86 -39.77
C TRP A 326 17.25 -1.82 -39.58
N CYS A 327 16.83 -1.52 -38.34
CA CYS A 327 15.43 -1.41 -37.99
C CYS A 327 15.24 -0.13 -37.17
N ALA A 328 13.99 0.16 -36.84
CA ALA A 328 13.67 1.37 -36.07
C ALA A 328 14.25 1.27 -34.67
N PRO A 329 14.71 2.38 -34.10
CA PRO A 329 15.30 2.33 -32.76
C PRO A 329 14.23 2.24 -31.67
N LEU A 330 14.69 2.01 -30.45
CA LEU A 330 13.79 1.95 -29.31
C LEU A 330 13.25 3.34 -29.01
N PRO A 331 11.92 3.50 -28.89
CA PRO A 331 11.38 4.84 -28.62
C PRO A 331 11.60 5.29 -27.18
N ARG A 332 11.85 4.36 -26.27
CA ARG A 332 11.97 4.65 -24.85
C ARG A 332 13.39 4.34 -24.38
N ASP A 333 13.61 4.52 -23.07
CA ASP A 333 14.91 4.32 -22.45
C ASP A 333 14.71 3.32 -21.32
N ARG A 334 15.37 2.17 -21.42
CA ARG A 334 15.32 1.14 -20.39
C ARG A 334 16.57 0.29 -20.49
N LEU A 335 16.83 -0.47 -19.42
CA LEU A 335 17.97 -1.37 -19.37
C LEU A 335 17.57 -2.62 -18.60
N GLN A 336 18.26 -3.73 -18.90
CA GLN A 336 18.00 -5.02 -18.27
C GLN A 336 16.53 -5.42 -18.41
N HIS A 337 15.98 -5.21 -19.60
CA HIS A 337 14.59 -5.53 -19.88
C HIS A 337 14.50 -6.86 -20.61
N THR A 338 13.28 -7.35 -20.78
CA THR A 338 13.01 -8.69 -21.30
C THR A 338 12.39 -8.56 -22.69
N LEU A 339 13.03 -9.12 -23.71
CA LEU A 339 12.50 -9.14 -25.06
C LEU A 339 11.94 -10.52 -25.36
N VAL A 340 10.64 -10.58 -25.68
CA VAL A 340 9.95 -11.84 -25.94
C VAL A 340 9.31 -11.77 -27.32
N SER A 341 9.41 -12.86 -28.07
CA SER A 341 8.90 -12.89 -29.43
C SER A 341 7.46 -13.39 -29.47
N VAL A 342 6.66 -12.77 -30.31
CA VAL A 342 5.29 -13.21 -30.55
C VAL A 342 5.09 -13.41 -32.04
N PRO A 343 5.28 -14.63 -32.57
CA PRO A 343 5.03 -14.87 -33.99
C PRO A 343 3.55 -14.95 -34.36
N GLY A 344 2.65 -14.93 -33.38
CA GLY A 344 1.23 -15.00 -33.69
C GLY A 344 0.74 -13.78 -34.44
N LYS A 345 1.15 -12.59 -33.99
CA LYS A 345 0.76 -11.34 -34.64
C LYS A 345 1.95 -10.60 -35.24
N ASP A 346 3.06 -11.31 -35.45
CA ASP A 346 4.26 -10.73 -36.09
C ASP A 346 4.74 -9.49 -35.34
N ALA A 347 4.74 -9.56 -34.01
CA ALA A 347 5.16 -8.46 -33.17
C ALA A 347 6.16 -8.95 -32.14
N ILE A 348 7.10 -8.08 -31.79
CA ILE A 348 8.12 -8.36 -30.79
C ILE A 348 7.91 -7.40 -29.63
N TYR A 349 7.66 -7.94 -28.45
CA TYR A 349 7.34 -7.15 -27.27
C TYR A 349 8.58 -6.86 -26.45
N SER A 350 8.43 -6.02 -25.43
CA SER A 350 9.50 -5.70 -24.49
C SER A 350 8.88 -5.28 -23.17
N LEU A 351 9.14 -6.04 -22.12
CA LEU A 351 8.50 -5.85 -20.83
C LEU A 351 9.55 -5.59 -19.76
N GLY A 352 9.15 -4.87 -18.72
CA GLY A 352 10.03 -4.57 -17.62
C GLY A 352 11.19 -3.67 -18.02
N GLY A 353 12.17 -3.60 -17.15
CA GLY A 353 13.40 -2.88 -17.41
C GLY A 353 13.75 -1.92 -16.28
N LYS A 354 14.83 -1.18 -16.52
CA LYS A 354 15.38 -0.23 -15.55
C LYS A 354 15.71 1.06 -16.29
N THR A 355 15.29 2.20 -15.72
CA THR A 355 15.27 3.44 -16.48
C THR A 355 16.35 4.43 -16.06
N LEU A 356 17.54 3.91 -15.74
CA LEU A 356 18.75 4.72 -15.56
C LEU A 356 18.72 5.55 -14.28
N GLN A 357 17.59 5.53 -13.57
CA GLN A 357 17.48 6.18 -12.26
C GLN A 357 17.22 5.15 -11.18
N ASP A 358 17.50 3.88 -11.47
CA ASP A 358 17.21 2.76 -10.57
C ASP A 358 15.74 2.76 -10.15
N THR A 359 14.88 3.08 -11.12
CA THR A 359 13.44 2.96 -10.97
C THR A 359 12.97 1.85 -11.90
N LEU A 360 12.32 0.84 -11.35
CA LEU A 360 11.89 -0.30 -12.13
C LEU A 360 10.57 0.04 -12.81
N SER A 361 10.59 0.06 -14.14
CA SER A 361 9.46 0.52 -14.93
C SER A 361 8.54 -0.64 -15.28
N ASN A 362 7.28 -0.30 -15.54
CA ASN A 362 6.27 -1.24 -16.02
C ASN A 362 5.64 -0.62 -17.26
N ALA A 363 6.25 -0.86 -18.42
CA ALA A 363 5.79 -0.33 -19.69
C ALA A 363 5.99 -1.37 -20.77
N VAL A 364 4.93 -1.66 -21.51
CA VAL A 364 4.98 -2.73 -22.51
C VAL A 364 4.84 -2.14 -23.91
N ILE A 365 5.96 -2.03 -24.61
CA ILE A 365 6.00 -1.52 -25.98
C ILE A 365 6.25 -2.69 -26.93
N TYR A 366 5.59 -2.67 -28.10
CA TYR A 366 5.76 -3.75 -29.06
C TYR A 366 6.15 -3.17 -30.41
N TYR A 367 6.90 -3.93 -31.19
CA TYR A 367 7.34 -3.52 -32.51
C TYR A 367 6.77 -4.45 -33.57
N ARG A 368 6.34 -3.88 -34.69
CA ARG A 368 5.77 -4.65 -35.78
C ARG A 368 6.81 -4.83 -36.89
N VAL A 369 6.96 -6.09 -37.31
CA VAL A 369 7.96 -6.44 -38.32
C VAL A 369 7.60 -5.87 -39.68
N GLY A 370 6.35 -6.01 -40.10
CA GLY A 370 5.94 -5.55 -41.41
C GLY A 370 5.66 -4.06 -41.54
N ASP A 371 5.61 -3.35 -40.41
CA ASP A 371 5.32 -1.93 -40.43
C ASP A 371 6.42 -1.06 -39.86
N ASN A 372 7.34 -1.62 -39.07
CA ASN A 372 8.50 -0.89 -38.55
C ASN A 372 8.07 0.28 -37.66
N VAL A 373 7.17 -0.02 -36.72
CA VAL A 373 6.63 0.98 -35.81
C VAL A 373 6.81 0.48 -34.38
N TRP A 374 6.80 1.40 -33.42
CA TRP A 374 7.01 1.09 -32.01
C TRP A 374 5.91 1.74 -31.18
N THR A 375 4.83 1.01 -30.95
CA THR A 375 3.68 1.52 -30.20
C THR A 375 3.55 0.81 -28.86
N GLU A 376 2.58 1.29 -28.07
CA GLU A 376 2.44 0.89 -26.67
C GLU A 376 1.20 0.02 -26.49
N THR A 377 1.08 -0.56 -25.30
CA THR A 377 -0.08 -1.34 -24.87
C THR A 377 -0.39 -0.94 -23.43
N THR A 378 -1.22 -1.72 -22.75
CA THR A 378 -1.42 -1.59 -21.32
C THR A 378 -0.12 -1.87 -20.58
N GLN A 379 -0.12 -1.54 -19.29
CA GLN A 379 1.06 -1.64 -18.43
C GLN A 379 0.92 -2.81 -17.46
N LEU A 380 2.07 -3.22 -16.92
CA LEU A 380 2.09 -4.33 -15.97
C LEU A 380 1.57 -3.88 -14.61
N GLU A 381 1.25 -4.88 -13.78
CA GLU A 381 0.72 -4.59 -12.44
C GLU A 381 1.84 -4.26 -11.46
N VAL A 382 2.82 -5.15 -11.35
CA VAL A 382 3.98 -4.96 -10.48
C VAL A 382 5.23 -4.94 -11.33
N ALA A 383 6.05 -3.90 -11.17
CA ALA A 383 7.21 -3.70 -12.03
C ALA A 383 8.35 -4.62 -11.62
N VAL A 384 8.97 -5.27 -12.61
CA VAL A 384 10.11 -6.15 -12.40
C VAL A 384 11.17 -5.81 -13.44
N SER A 385 12.40 -6.23 -13.17
CA SER A 385 13.52 -5.93 -14.06
C SER A 385 14.44 -7.13 -14.15
N GLY A 386 14.99 -7.37 -15.34
CA GLY A 386 15.91 -8.47 -15.54
C GLY A 386 15.32 -9.84 -15.37
N ALA A 387 14.09 -10.05 -15.82
CA ALA A 387 13.40 -11.32 -15.67
C ALA A 387 13.64 -12.19 -16.89
N ALA A 388 12.91 -13.30 -16.98
CA ALA A 388 12.94 -14.18 -18.14
C ALA A 388 11.53 -14.28 -18.70
N GLY A 389 11.37 -14.04 -20.00
CA GLY A 389 10.08 -14.03 -20.65
C GLY A 389 9.94 -15.22 -21.59
N ALA A 390 8.75 -15.83 -21.58
CA ALA A 390 8.48 -17.02 -22.38
C ALA A 390 7.16 -16.83 -23.10
N ASN A 391 7.19 -16.84 -24.42
CA ASN A 391 5.96 -16.84 -25.20
C ASN A 391 5.24 -18.16 -25.05
N LEU A 392 3.91 -18.11 -25.00
CA LEU A 392 3.10 -19.32 -24.89
C LEU A 392 1.91 -19.23 -25.84
N ASN A 393 2.20 -18.88 -27.10
CA ASN A 393 1.23 -18.88 -28.20
C ASN A 393 -0.09 -18.21 -27.85
N GLY A 394 0.00 -17.07 -27.16
CA GLY A 394 -1.19 -16.32 -26.80
C GLY A 394 -1.11 -15.63 -25.46
N ILE A 395 -0.16 -16.02 -24.62
CA ILE A 395 0.06 -15.39 -23.32
C ILE A 395 1.55 -15.21 -23.12
N ILE A 396 1.92 -14.08 -22.52
CA ILE A 396 3.32 -13.71 -22.32
C ILE A 396 3.61 -13.81 -20.84
N TYR A 397 4.61 -14.60 -20.47
CA TYR A 397 4.90 -14.92 -19.08
C TYR A 397 6.16 -14.20 -18.62
N LEU A 398 6.01 -13.36 -17.60
CA LEU A 398 7.13 -12.73 -16.92
C LEU A 398 7.50 -13.62 -15.74
N LEU A 399 8.73 -14.15 -15.76
CA LEU A 399 9.14 -15.17 -14.81
C LEU A 399 10.23 -14.60 -13.90
N GLY A 400 9.89 -14.39 -12.64
CA GLY A 400 10.89 -14.07 -11.64
C GLY A 400 11.58 -12.73 -11.90
N GLY A 401 12.87 -12.69 -11.63
CA GLY A 401 13.63 -11.46 -11.71
C GLY A 401 13.79 -10.86 -10.34
N GLU A 402 13.88 -9.53 -10.28
CA GLU A 402 13.95 -8.83 -9.01
C GLU A 402 12.97 -7.66 -9.04
N GLU A 403 12.19 -7.54 -7.97
CA GLU A 403 11.15 -6.53 -7.89
C GLU A 403 11.55 -5.46 -6.88
N ASN A 404 10.99 -4.27 -7.09
CA ASN A 404 11.30 -3.14 -6.23
C ASN A 404 10.80 -3.37 -4.83
N ASP A 405 11.51 -2.80 -3.86
CA ASP A 405 11.11 -2.82 -2.47
C ASP A 405 11.04 -1.38 -1.98
N LEU A 406 9.95 -1.05 -1.29
CA LEU A 406 9.84 0.24 -0.61
C LEU A 406 10.96 0.43 0.41
N ASP A 407 11.71 -0.63 0.71
CA ASP A 407 12.95 -0.51 1.45
C ASP A 407 14.08 -0.15 0.50
N PHE A 408 13.84 0.84 -0.36
CA PHE A 408 14.87 1.53 -1.14
C PHE A 408 15.65 0.64 -2.10
N PHE A 409 15.36 -0.66 -2.14
CA PHE A 409 16.27 -1.62 -2.77
C PHE A 409 15.48 -2.60 -3.63
N THR A 410 16.17 -3.61 -4.14
CA THR A 410 15.57 -4.65 -4.98
C THR A 410 15.85 -6.01 -4.35
N LYS A 411 14.79 -6.75 -4.08
CA LYS A 411 14.92 -8.11 -3.58
C LYS A 411 14.64 -9.12 -4.71
N PRO A 412 15.21 -10.32 -4.62
CA PRO A 412 14.93 -11.34 -5.64
C PRO A 412 13.45 -11.66 -5.70
N SER A 413 12.83 -11.35 -6.83
CA SER A 413 11.39 -11.49 -6.99
C SER A 413 11.02 -12.96 -7.19
N ARG A 414 9.74 -13.27 -7.01
CA ARG A 414 9.27 -14.64 -7.15
C ARG A 414 7.91 -14.74 -7.83
N LEU A 415 7.29 -13.65 -8.25
CA LEU A 415 5.93 -13.72 -8.75
C LEU A 415 5.90 -14.15 -10.21
N ILE A 416 4.74 -14.67 -10.62
CA ILE A 416 4.48 -15.05 -12.01
C ILE A 416 3.50 -14.03 -12.56
N GLN A 417 3.96 -13.19 -13.49
CA GLN A 417 3.13 -12.15 -14.07
C GLN A 417 2.66 -12.57 -15.45
N CYS A 418 1.36 -12.48 -15.69
CA CYS A 418 0.76 -12.89 -16.95
C CYS A 418 0.43 -11.65 -17.76
N PHE A 419 0.80 -11.64 -19.03
CA PHE A 419 0.46 -10.56 -19.94
C PHE A 419 -0.16 -11.16 -21.20
N ASP A 420 -1.46 -10.94 -21.38
CA ASP A 420 -2.14 -11.41 -22.56
C ASP A 420 -1.82 -10.52 -23.75
N THR A 421 -1.78 -11.13 -24.94
CA THR A 421 -1.54 -10.41 -26.16
C THR A 421 -2.72 -10.38 -27.11
N GLU A 422 -3.74 -11.19 -26.89
CA GLU A 422 -4.95 -11.17 -27.71
C GLU A 422 -5.99 -10.20 -27.15
N THR A 423 -6.17 -10.18 -25.84
CA THR A 423 -7.10 -9.26 -25.19
C THR A 423 -6.40 -8.10 -24.49
N ASP A 424 -5.07 -8.14 -24.37
CA ASP A 424 -4.29 -7.05 -23.78
C ASP A 424 -4.71 -6.77 -22.33
N LYS A 425 -4.63 -7.80 -21.49
CA LYS A 425 -4.92 -7.70 -20.07
C LYS A 425 -3.76 -8.26 -19.27
N CYS A 426 -3.55 -7.70 -18.09
CA CYS A 426 -2.44 -8.11 -17.21
C CYS A 426 -2.98 -8.52 -15.85
N HIS A 427 -2.50 -9.66 -15.35
CA HIS A 427 -2.86 -10.15 -14.04
C HIS A 427 -1.73 -11.00 -13.49
N VAL A 428 -1.68 -11.11 -12.16
CA VAL A 428 -0.61 -11.81 -11.46
C VAL A 428 -1.18 -13.09 -10.87
N LYS A 429 -0.51 -14.21 -11.12
CA LYS A 429 -0.96 -15.48 -10.57
C LYS A 429 -0.66 -15.57 -9.08
N PRO A 430 -1.51 -16.25 -8.30
CA PRO A 430 -1.32 -16.29 -6.84
C PRO A 430 -0.08 -17.04 -6.41
N TYR A 431 0.11 -18.26 -6.91
CA TYR A 431 1.23 -19.08 -6.47
C TYR A 431 2.56 -18.51 -6.98
N VAL A 432 3.64 -18.89 -6.30
CA VAL A 432 4.96 -18.36 -6.56
C VAL A 432 5.93 -19.50 -6.83
N LEU A 433 7.12 -19.13 -7.29
CA LEU A 433 8.16 -20.09 -7.65
C LEU A 433 8.74 -20.74 -6.40
N PRO A 434 9.41 -21.89 -6.55
CA PRO A 434 10.11 -22.47 -5.40
C PRO A 434 11.42 -21.78 -5.04
N PHE A 435 12.00 -21.00 -5.96
CA PHE A 435 13.22 -20.25 -5.67
C PHE A 435 13.07 -18.85 -6.24
N ALA A 436 14.17 -18.10 -6.28
CA ALA A 436 14.15 -16.73 -6.77
C ALA A 436 15.51 -16.38 -7.32
N GLY A 437 15.62 -15.17 -7.87
CA GLY A 437 16.84 -14.66 -8.43
C GLY A 437 16.82 -14.63 -9.94
N ARG A 438 18.00 -14.45 -10.52
CA ARG A 438 18.14 -14.46 -11.97
C ARG A 438 17.87 -15.85 -12.51
N MET A 439 17.24 -15.92 -13.68
CA MET A 439 16.75 -17.18 -14.20
C MET A 439 16.52 -17.05 -15.70
N HIS A 440 16.60 -18.18 -16.39
CA HIS A 440 16.40 -18.23 -17.84
C HIS A 440 15.33 -19.26 -18.16
N ALA A 441 14.48 -18.94 -19.14
CA ALA A 441 13.29 -19.75 -19.40
C ALA A 441 13.19 -20.10 -20.88
N ALA A 442 12.60 -21.26 -21.14
CA ALA A 442 12.30 -21.72 -22.50
C ALA A 442 11.12 -22.67 -22.44
N VAL A 443 10.47 -22.88 -23.58
CA VAL A 443 9.24 -23.64 -23.64
C VAL A 443 9.49 -24.97 -24.34
N HIS A 444 8.62 -25.95 -24.08
CA HIS A 444 8.68 -27.22 -24.78
C HIS A 444 7.26 -27.76 -24.97
N LYS A 445 6.63 -27.36 -26.08
CA LYS A 445 5.43 -27.94 -26.66
C LYS A 445 4.14 -27.71 -25.88
N ASP A 446 4.24 -27.48 -24.57
CA ASP A 446 3.15 -26.84 -23.83
C ASP A 446 3.71 -26.08 -22.63
N LEU A 447 4.94 -26.41 -22.25
CA LEU A 447 5.45 -26.13 -20.92
C LEU A 447 6.40 -24.94 -20.94
N VAL A 448 6.88 -24.59 -19.75
CA VAL A 448 7.82 -23.49 -19.58
C VAL A 448 8.96 -24.03 -18.70
N PHE A 449 10.06 -24.42 -19.33
CA PHE A 449 11.20 -24.95 -18.60
C PHE A 449 12.03 -23.80 -18.01
N ILE A 450 12.53 -24.01 -16.80
CA ILE A 450 13.23 -22.98 -16.04
C ILE A 450 14.51 -23.57 -15.45
N VAL A 451 15.61 -22.83 -15.58
CA VAL A 451 16.83 -23.11 -14.84
C VAL A 451 17.29 -21.80 -14.20
N ALA A 452 18.04 -21.92 -13.11
CA ALA A 452 18.52 -20.77 -12.37
C ALA A 452 19.84 -21.13 -11.69
N GLU A 453 20.38 -20.17 -10.95
CA GLU A 453 21.61 -20.41 -10.20
C GLU A 453 21.39 -21.51 -9.18
N GLY A 454 22.42 -22.32 -8.94
CA GLY A 454 22.25 -23.46 -8.07
C GLY A 454 21.32 -24.46 -8.70
N ASP A 455 21.79 -25.11 -9.78
CA ASP A 455 20.95 -25.86 -10.72
C ASP A 455 19.80 -26.62 -10.06
N SER A 456 18.59 -26.33 -10.54
CA SER A 456 17.40 -27.10 -10.13
C SER A 456 16.38 -26.89 -11.25
N LEU A 457 16.26 -27.88 -12.13
CA LEU A 457 15.41 -27.75 -13.30
C LEU A 457 13.97 -28.01 -12.91
N VAL A 458 13.14 -26.96 -12.94
CA VAL A 458 11.72 -27.08 -12.67
C VAL A 458 10.99 -27.02 -14.00
N CYS A 459 9.78 -27.59 -14.03
CA CYS A 459 8.97 -27.69 -15.24
C CYS A 459 7.60 -27.08 -14.96
N TYR A 460 7.45 -25.80 -15.29
CA TYR A 460 6.20 -25.10 -15.08
C TYR A 460 5.12 -25.63 -15.99
N ASN A 461 3.89 -25.66 -15.48
CA ASN A 461 2.73 -26.02 -16.28
C ASN A 461 1.59 -25.06 -15.97
N PRO A 462 1.21 -24.20 -16.90
CA PRO A 462 0.24 -23.14 -16.59
C PRO A 462 -1.21 -23.59 -16.62
N LEU A 463 -1.51 -24.64 -17.40
CA LEU A 463 -2.90 -25.05 -17.56
C LEU A 463 -3.47 -25.66 -16.29
N LEU A 464 -2.65 -26.38 -15.52
CA LEU A 464 -3.11 -27.01 -14.29
C LEU A 464 -2.37 -26.52 -13.06
N ASP A 465 -1.44 -25.56 -13.22
CA ASP A 465 -0.85 -24.80 -12.11
C ASP A 465 -0.15 -25.74 -11.10
N SER A 466 0.91 -26.38 -11.58
CA SER A 466 1.70 -27.24 -10.72
C SER A 466 3.15 -27.23 -11.17
N PHE A 467 4.03 -27.63 -10.25
CA PHE A 467 5.47 -27.67 -10.47
C PHE A 467 5.98 -29.10 -10.38
N THR A 468 7.07 -29.35 -11.10
CA THR A 468 7.87 -30.57 -10.95
C THR A 468 9.34 -30.16 -10.91
N ARG A 469 10.20 -31.11 -10.57
CA ARG A 469 11.63 -30.85 -10.49
C ARG A 469 12.41 -31.89 -11.29
N LEU A 470 13.61 -31.51 -11.69
CA LEU A 470 14.48 -32.41 -12.46
C LEU A 470 15.91 -32.11 -12.04
N CYS A 471 16.48 -32.98 -11.21
CA CYS A 471 17.83 -32.76 -10.69
C CYS A 471 18.85 -32.82 -11.81
N LEU A 472 19.95 -32.09 -11.62
CA LEU A 472 21.03 -32.02 -12.58
C LEU A 472 22.35 -32.39 -11.92
N PRO A 473 23.29 -32.98 -12.67
CA PRO A 473 24.60 -33.31 -12.11
C PRO A 473 25.46 -32.07 -11.95
N GLU A 474 25.74 -31.71 -10.70
CA GLU A 474 26.57 -30.54 -10.41
C GLU A 474 28.04 -30.85 -10.63
N SER A 481 27.58 -21.21 -11.02
CA SER A 481 27.60 -21.21 -12.47
C SER A 481 26.20 -21.24 -13.04
N LEU A 482 25.70 -20.08 -13.47
CA LEU A 482 24.36 -19.98 -14.01
C LEU A 482 24.27 -20.74 -15.33
N TRP A 483 23.15 -21.45 -15.50
CA TRP A 483 22.91 -22.26 -16.69
C TRP A 483 21.98 -21.53 -17.65
N LYS A 484 21.96 -22.01 -18.89
CA LYS A 484 21.09 -21.49 -19.94
C LYS A 484 20.35 -22.66 -20.59
N ILE A 485 19.18 -22.38 -21.13
CA ILE A 485 18.32 -23.41 -21.71
C ILE A 485 17.93 -23.01 -23.13
N ALA A 486 18.03 -23.96 -24.06
CA ALA A 486 17.53 -23.79 -25.42
C ALA A 486 16.75 -25.03 -25.81
N SER A 487 15.75 -24.84 -26.68
CA SER A 487 14.85 -25.91 -27.08
C SER A 487 14.88 -26.07 -28.59
N CYS A 488 15.05 -27.31 -29.05
CA CYS A 488 15.02 -27.63 -30.47
C CYS A 488 14.97 -29.14 -30.65
N ASN A 489 14.32 -29.56 -31.73
CA ASN A 489 14.27 -30.97 -32.13
C ASN A 489 13.66 -31.86 -31.05
N GLY A 490 12.73 -31.32 -30.26
CA GLY A 490 12.06 -32.07 -29.22
C GLY A 490 12.86 -32.24 -27.94
N SER A 491 14.17 -32.20 -28.01
CA SER A 491 15.03 -32.31 -26.85
C SER A 491 15.40 -30.93 -26.33
N ILE A 492 15.98 -30.91 -25.13
CA ILE A 492 16.40 -29.68 -24.49
C ILE A 492 17.93 -29.69 -24.42
N TYR A 493 18.54 -28.53 -24.58
CA TYR A 493 19.98 -28.37 -24.48
C TYR A 493 20.28 -27.30 -23.43
N VAL A 494 21.04 -27.67 -22.40
CA VAL A 494 21.41 -26.76 -21.32
C VAL A 494 22.90 -26.47 -21.44
N PHE A 495 23.25 -25.18 -21.35
CA PHE A 495 24.61 -24.71 -21.53
C PHE A 495 25.16 -24.16 -20.21
N ARG A 496 26.46 -23.95 -20.18
CA ARG A 496 27.16 -23.32 -19.06
C ARG A 496 27.53 -21.89 -19.43
N ASP A 497 27.95 -21.15 -18.41
CA ASP A 497 28.45 -19.78 -18.63
C ASP A 497 29.97 -19.81 -18.78
N ARG A 498 30.68 -20.32 -17.78
CA ARG A 498 32.13 -20.46 -17.87
C ARG A 498 32.47 -21.84 -18.42
N TYR A 499 33.24 -21.87 -19.50
CA TYR A 499 33.43 -23.11 -20.25
C TYR A 499 34.41 -24.06 -19.57
N LYS A 500 35.47 -23.54 -18.94
CA LYS A 500 36.76 -24.25 -18.85
C LYS A 500 36.58 -25.75 -18.76
N LYS A 501 37.22 -26.48 -19.68
CA LYS A 501 36.67 -27.70 -20.25
C LYS A 501 36.61 -28.82 -19.21
N GLY A 502 35.44 -28.98 -18.59
CA GLY A 502 35.19 -30.14 -17.78
C GLY A 502 34.99 -31.39 -18.61
N ASP A 503 33.85 -31.51 -19.30
CA ASP A 503 33.69 -32.56 -20.31
C ASP A 503 33.39 -31.99 -21.69
N ALA A 504 32.26 -31.31 -21.88
CA ALA A 504 31.97 -30.65 -23.15
C ALA A 504 31.27 -29.31 -22.95
N ASN A 505 30.71 -29.11 -21.75
CA ASN A 505 29.97 -27.89 -21.41
C ASN A 505 28.78 -27.68 -22.34
N THR A 506 28.15 -28.77 -22.76
CA THR A 506 26.93 -28.70 -23.55
C THR A 506 26.16 -30.00 -23.30
N TYR A 507 25.13 -29.94 -22.48
CA TYR A 507 24.41 -31.12 -22.01
C TYR A 507 23.08 -31.23 -22.74
N LYS A 508 22.82 -32.41 -23.30
CA LYS A 508 21.52 -32.74 -23.87
C LYS A 508 20.73 -33.52 -22.82
N LEU A 509 19.52 -33.08 -22.54
CA LEU A 509 18.68 -33.68 -21.51
C LEU A 509 17.44 -34.29 -22.13
N ASP A 510 17.17 -35.56 -21.80
CA ASP A 510 15.92 -36.19 -22.19
C ASP A 510 14.88 -35.86 -21.13
N PRO A 511 13.85 -35.06 -21.43
CA PRO A 511 12.92 -34.63 -20.39
C PRO A 511 11.97 -35.72 -19.90
N ALA A 512 11.96 -36.89 -20.53
CA ALA A 512 11.06 -37.96 -20.10
C ALA A 512 11.62 -38.71 -18.89
N THR A 513 12.80 -39.31 -19.06
CA THR A 513 13.41 -40.13 -18.02
C THR A 513 14.60 -39.43 -17.36
N SER A 514 14.75 -38.12 -17.57
CA SER A 514 15.84 -37.33 -17.00
C SER A 514 17.21 -37.88 -17.41
N ALA A 515 17.30 -38.41 -18.63
CA ALA A 515 18.54 -38.98 -19.14
C ALA A 515 19.46 -37.85 -19.59
N VAL A 516 20.30 -37.40 -18.67
CA VAL A 516 21.23 -36.31 -18.94
C VAL A 516 22.44 -36.89 -19.66
N THR A 517 22.55 -36.60 -20.95
CA THR A 517 23.69 -37.02 -21.76
C THR A 517 24.48 -35.79 -22.20
N VAL A 518 25.69 -36.04 -22.71
CA VAL A 518 26.62 -34.99 -23.08
C VAL A 518 26.86 -35.06 -24.58
N THR A 519 26.69 -33.93 -25.27
CA THR A 519 26.92 -33.85 -26.70
C THR A 519 28.37 -33.44 -26.95
N ARG A 520 28.70 -33.18 -28.22
CA ARG A 520 30.09 -32.93 -28.59
C ARG A 520 30.49 -31.48 -28.34
N GLY A 521 29.84 -30.53 -29.01
CA GLY A 521 30.34 -29.17 -29.00
C GLY A 521 31.64 -29.11 -29.77
N ILE A 522 31.54 -29.24 -31.10
CA ILE A 522 32.70 -29.59 -31.92
C ILE A 522 33.90 -28.67 -31.88
N LYS A 523 33.70 -27.38 -32.16
CA LYS A 523 34.79 -26.42 -32.09
C LYS A 523 34.26 -25.04 -31.67
N VAL A 524 33.39 -25.02 -30.67
CA VAL A 524 32.89 -23.76 -30.14
C VAL A 524 34.03 -23.03 -29.46
N LEU A 525 34.29 -21.80 -29.90
CA LEU A 525 35.43 -21.01 -29.42
C LEU A 525 35.01 -19.88 -28.47
N LEU A 526 33.79 -19.92 -27.97
CA LEU A 526 33.31 -18.87 -27.08
C LEU A 526 33.93 -19.02 -25.69
N THR A 527 33.74 -18.00 -24.86
CA THR A 527 34.18 -18.07 -23.47
C THR A 527 33.19 -17.51 -22.46
N ASN A 528 32.14 -16.80 -22.89
CA ASN A 528 31.22 -16.13 -21.96
C ASN A 528 29.79 -16.64 -22.05
N LEU A 529 29.23 -16.74 -23.26
CA LEU A 529 27.82 -17.09 -23.46
C LEU A 529 26.91 -16.12 -22.70
N GLN A 530 26.92 -14.87 -23.18
CA GLN A 530 26.05 -13.86 -22.61
C GLN A 530 24.58 -14.29 -22.69
N PHE A 531 24.07 -14.51 -23.89
CA PHE A 531 22.67 -14.88 -24.09
C PHE A 531 22.58 -16.12 -24.97
N VAL A 532 21.55 -16.92 -24.73
CA VAL A 532 21.20 -18.06 -25.58
C VAL A 532 19.77 -17.86 -26.01
N LEU A 533 19.55 -17.74 -27.31
CA LEU A 533 18.23 -17.45 -27.86
C LEU A 533 17.64 -18.73 -28.45
N ALA A 534 16.43 -19.08 -28.00
CA ALA A 534 15.76 -20.28 -28.45
C ALA A 534 14.66 -19.95 -29.45
N SER B 26 6.39 -31.27 -6.39
CA SER B 26 6.37 -32.71 -6.25
C SER B 26 7.43 -33.37 -7.11
N MET B 27 8.31 -34.14 -6.49
CA MET B 27 9.40 -34.80 -7.19
C MET B 27 9.01 -36.15 -7.78
N ASP B 28 7.94 -36.76 -7.28
CA ASP B 28 7.57 -38.09 -7.76
C ASP B 28 6.94 -38.04 -9.15
N GLU B 29 6.10 -37.05 -9.41
CA GLU B 29 5.40 -36.95 -10.68
C GLU B 29 6.27 -36.29 -11.73
N ASN B 30 6.16 -36.79 -12.97
CA ASN B 30 6.84 -36.22 -14.12
C ASN B 30 5.80 -36.08 -15.20
N TYR B 31 5.80 -34.94 -15.89
CA TYR B 31 4.74 -34.65 -16.86
C TYR B 31 4.81 -35.52 -18.10
N PHE B 32 5.89 -36.28 -18.29
CA PHE B 32 6.03 -37.16 -19.44
C PHE B 32 5.93 -38.64 -19.08
N VAL B 33 5.67 -38.97 -17.81
CA VAL B 33 5.49 -40.35 -17.40
C VAL B 33 4.13 -40.51 -16.75
N ASN B 34 3.92 -39.81 -15.64
CA ASN B 34 2.66 -39.89 -14.91
C ASN B 34 2.54 -38.70 -13.96
N TYR B 35 1.31 -38.21 -13.82
CA TYR B 35 1.03 -37.12 -12.90
C TYR B 35 -0.45 -37.17 -12.55
N THR B 36 -0.85 -36.35 -11.58
CA THR B 36 -2.22 -36.29 -11.10
C THR B 36 -2.94 -35.14 -11.77
N PHE B 37 -4.09 -35.44 -12.39
CA PHE B 37 -4.89 -34.44 -13.08
C PHE B 37 -5.86 -33.82 -12.08
N LYS B 38 -5.52 -32.64 -11.56
CA LYS B 38 -6.37 -31.93 -10.61
C LYS B 38 -7.33 -31.06 -11.41
N ASP B 39 -8.58 -31.50 -11.50
CA ASP B 39 -9.59 -30.79 -12.28
C ASP B 39 -10.31 -29.78 -11.41
N ARG B 40 -10.12 -28.50 -11.70
CA ARG B 40 -10.75 -27.42 -10.94
C ARG B 40 -12.13 -27.05 -11.46
N SER B 41 -12.53 -27.60 -12.61
CA SER B 41 -13.85 -27.35 -13.17
C SER B 41 -14.86 -28.42 -12.78
N HIS B 42 -14.46 -29.37 -11.94
CA HIS B 42 -15.36 -30.44 -11.49
C HIS B 42 -16.09 -30.04 -10.22
N SER B 43 -16.65 -28.82 -10.23
CA SER B 43 -17.65 -28.43 -9.26
C SER B 43 -18.78 -27.73 -10.01
N GLY B 44 -18.43 -27.02 -11.07
CA GLY B 44 -19.44 -26.40 -11.91
C GLY B 44 -20.25 -27.42 -12.69
N ARG B 45 -19.57 -28.42 -13.26
CA ARG B 45 -20.28 -29.40 -14.06
C ARG B 45 -21.29 -30.19 -13.24
N VAL B 46 -20.93 -30.63 -12.04
CA VAL B 46 -21.87 -31.39 -11.22
C VAL B 46 -23.03 -30.51 -10.76
N ALA B 47 -22.72 -29.31 -10.26
CA ALA B 47 -23.76 -28.43 -9.75
C ALA B 47 -24.69 -27.93 -10.85
N GLN B 48 -24.22 -27.89 -12.10
CA GLN B 48 -25.09 -27.54 -13.22
C GLN B 48 -25.84 -28.75 -13.76
N GLY B 49 -25.21 -29.93 -13.78
CA GLY B 49 -25.91 -31.11 -14.22
C GLY B 49 -27.06 -31.48 -13.31
N ILE B 50 -26.89 -31.27 -12.00
CA ILE B 50 -27.99 -31.56 -11.09
C ILE B 50 -29.13 -30.57 -11.27
N MET B 51 -28.84 -29.28 -11.42
CA MET B 51 -29.90 -28.29 -11.59
C MET B 51 -30.53 -28.33 -12.98
N LYS B 52 -29.87 -28.91 -13.97
CA LYS B 52 -30.41 -29.01 -15.32
C LYS B 52 -31.13 -30.33 -15.59
N LEU B 53 -30.47 -31.45 -15.29
CA LEU B 53 -30.98 -32.77 -15.62
C LEU B 53 -31.91 -33.34 -14.55
N CYS B 54 -31.71 -32.95 -13.30
CA CYS B 54 -32.44 -33.55 -12.18
C CYS B 54 -33.70 -32.79 -11.79
N LEU B 55 -33.94 -31.62 -12.38
CA LEU B 55 -35.08 -30.79 -11.97
C LEU B 55 -36.01 -30.39 -13.11
N GLU B 56 -35.49 -30.13 -14.31
CA GLU B 56 -36.33 -29.59 -15.37
C GLU B 56 -37.27 -30.63 -15.98
N GLU B 57 -37.06 -31.92 -15.71
CA GLU B 57 -37.94 -32.94 -16.24
C GLU B 57 -38.33 -34.02 -15.24
N GLU B 58 -37.82 -33.96 -14.01
CA GLU B 58 -38.24 -34.83 -12.91
C GLU B 58 -38.05 -36.31 -13.25
N LEU B 59 -36.78 -36.69 -13.45
CA LEU B 59 -36.41 -38.08 -13.65
C LEU B 59 -35.51 -38.55 -12.51
N PHE B 60 -35.22 -39.84 -12.51
CA PHE B 60 -34.34 -40.47 -11.51
C PHE B 60 -34.85 -40.27 -10.08
N ALA B 61 -36.13 -39.95 -9.92
CA ALA B 61 -36.70 -39.82 -8.59
C ALA B 61 -36.77 -41.18 -7.91
N ASP B 62 -36.40 -41.22 -6.63
CA ASP B 62 -36.44 -42.46 -5.87
C ASP B 62 -37.08 -42.32 -4.50
N VAL B 63 -37.33 -41.11 -4.01
CA VAL B 63 -38.07 -40.91 -2.78
C VAL B 63 -39.18 -39.90 -3.03
N THR B 64 -40.33 -40.15 -2.41
CA THR B 64 -41.52 -39.31 -2.57
C THR B 64 -41.83 -38.67 -1.21
N ILE B 65 -41.67 -37.34 -1.14
CA ILE B 65 -41.95 -36.58 0.07
C ILE B 65 -43.21 -35.77 -0.15
N SER B 66 -44.21 -35.97 0.70
CA SER B 66 -45.49 -35.29 0.61
C SER B 66 -45.71 -34.44 1.85
N VAL B 67 -45.95 -33.14 1.64
CA VAL B 67 -46.19 -32.21 2.73
C VAL B 67 -47.51 -31.51 2.46
N GLU B 68 -48.49 -31.69 3.36
CA GLU B 68 -49.79 -31.03 3.28
C GLU B 68 -50.48 -31.33 1.95
N GLY B 69 -50.62 -32.62 1.66
CA GLY B 69 -51.36 -33.10 0.53
C GLY B 69 -50.56 -33.25 -0.76
N ARG B 70 -49.80 -32.24 -1.14
CA ARG B 70 -49.12 -32.23 -2.43
C ARG B 70 -47.96 -33.23 -2.43
N GLU B 71 -47.75 -33.86 -3.58
CA GLU B 71 -46.74 -34.89 -3.73
C GLU B 71 -45.51 -34.37 -4.45
N PHE B 72 -44.33 -34.63 -3.88
CA PHE B 72 -43.06 -34.23 -4.47
C PHE B 72 -42.26 -35.46 -4.88
N GLN B 73 -41.46 -35.30 -5.91
CA GLN B 73 -40.48 -36.30 -6.31
C GLN B 73 -39.08 -35.73 -6.06
N LEU B 74 -38.31 -36.41 -5.23
CA LEU B 74 -37.01 -35.92 -4.80
C LEU B 74 -35.98 -37.03 -4.92
N HIS B 75 -34.72 -36.64 -5.02
CA HIS B 75 -33.60 -37.55 -5.19
C HIS B 75 -32.86 -37.67 -3.87
N ARG B 76 -32.66 -38.89 -3.40
CA ARG B 76 -32.03 -39.09 -2.11
C ARG B 76 -30.62 -38.54 -2.04
N LEU B 77 -29.92 -38.50 -3.18
CA LEU B 77 -28.49 -38.20 -3.16
C LEU B 77 -28.23 -36.76 -2.74
N VAL B 78 -28.81 -35.79 -3.44
CA VAL B 78 -28.54 -34.38 -3.15
C VAL B 78 -29.02 -34.03 -1.74
N LEU B 79 -30.22 -34.49 -1.38
CA LEU B 79 -30.77 -34.18 -0.07
C LEU B 79 -29.90 -34.74 1.03
N SER B 80 -29.55 -36.03 0.96
CA SER B 80 -28.71 -36.64 1.96
C SER B 80 -27.29 -36.07 1.99
N ALA B 81 -26.82 -35.51 0.87
CA ALA B 81 -25.49 -34.93 0.83
C ALA B 81 -25.45 -33.47 1.20
N GLN B 82 -26.60 -32.82 1.35
CA GLN B 82 -26.62 -31.41 1.71
C GLN B 82 -27.19 -31.12 3.10
N SER B 83 -28.15 -31.90 3.58
CA SER B 83 -28.72 -31.69 4.91
C SER B 83 -28.63 -32.99 5.68
N CYS B 84 -27.93 -32.97 6.81
CA CYS B 84 -27.67 -34.18 7.58
C CYS B 84 -28.95 -34.79 8.16
N PHE B 85 -30.01 -33.99 8.35
CA PHE B 85 -31.25 -34.53 8.87
C PHE B 85 -31.83 -35.57 7.93
N PHE B 86 -31.83 -35.29 6.62
CA PHE B 86 -32.29 -36.29 5.67
C PHE B 86 -31.32 -37.46 5.59
N ARG B 87 -30.03 -37.23 5.83
CA ARG B 87 -29.09 -38.35 5.88
C ARG B 87 -29.44 -39.29 7.01
N SER B 88 -29.81 -38.75 8.17
CA SER B 88 -30.24 -39.58 9.29
C SER B 88 -31.60 -40.24 9.05
N MET B 89 -32.51 -39.58 8.35
CA MET B 89 -33.82 -40.17 8.10
C MET B 89 -33.77 -41.29 7.05
N PHE B 90 -32.99 -41.09 5.98
CA PHE B 90 -32.95 -42.08 4.91
C PHE B 90 -32.16 -43.32 5.30
N THR B 91 -31.01 -43.13 5.96
CA THR B 91 -30.11 -44.24 6.28
C THR B 91 -30.35 -44.81 7.67
N SER B 92 -31.58 -44.72 8.19
CA SER B 92 -31.90 -45.27 9.48
C SER B 92 -32.11 -46.78 9.36
N ASN B 93 -32.55 -47.42 10.45
CA ASN B 93 -32.82 -48.84 10.46
C ASN B 93 -34.28 -49.20 10.61
N LEU B 94 -35.15 -48.23 10.88
CA LEU B 94 -36.58 -48.51 11.03
C LEU B 94 -37.19 -48.87 9.69
N LYS B 95 -38.27 -49.67 9.75
CA LYS B 95 -38.96 -50.10 8.55
C LYS B 95 -39.88 -49.03 7.97
N GLU B 96 -40.12 -47.94 8.71
CA GLU B 96 -40.94 -46.85 8.18
C GLU B 96 -40.19 -46.04 7.12
N ALA B 97 -38.87 -45.92 7.25
CA ALA B 97 -38.08 -45.17 6.29
C ALA B 97 -37.99 -45.87 4.94
N HIS B 98 -38.01 -47.19 4.92
CA HIS B 98 -37.90 -47.95 3.68
C HIS B 98 -39.19 -47.94 2.86
N ASN B 99 -40.28 -47.42 3.39
CA ASN B 99 -41.48 -47.23 2.60
C ASN B 99 -41.25 -46.11 1.59
N ARG B 100 -41.91 -46.22 0.44
CA ARG B 100 -41.66 -45.29 -0.66
C ARG B 100 -42.03 -43.85 -0.30
N VAL B 101 -43.17 -43.63 0.34
CA VAL B 101 -43.64 -42.29 0.63
C VAL B 101 -43.45 -42.00 2.12
N ILE B 102 -42.71 -40.93 2.41
CA ILE B 102 -42.52 -40.44 3.77
C ILE B 102 -43.29 -39.13 3.88
N VAL B 103 -43.87 -38.89 5.05
CA VAL B 103 -44.70 -37.71 5.28
C VAL B 103 -44.02 -36.81 6.30
N LEU B 104 -43.85 -35.54 5.95
CA LEU B 104 -43.35 -34.55 6.88
C LEU B 104 -44.52 -33.97 7.67
N GLN B 105 -44.38 -33.97 8.99
CA GLN B 105 -45.53 -33.65 9.84
C GLN B 105 -46.00 -32.22 9.65
N ASP B 106 -45.09 -31.24 9.78
CA ASP B 106 -45.51 -29.85 9.74
C ASP B 106 -44.31 -28.97 9.37
N VAL B 107 -44.28 -28.51 8.12
CA VAL B 107 -43.45 -27.34 7.82
C VAL B 107 -44.33 -26.28 7.16
N SER B 108 -44.77 -26.54 5.93
CA SER B 108 -45.70 -25.69 5.17
C SER B 108 -45.85 -26.27 3.78
N GLU B 109 -46.70 -25.69 2.95
CA GLU B 109 -46.65 -26.03 1.54
C GLU B 109 -45.61 -25.20 0.79
N SER B 110 -45.64 -23.87 0.97
CA SER B 110 -44.74 -23.01 0.22
C SER B 110 -43.32 -23.02 0.78
N VAL B 111 -43.18 -23.12 2.11
CA VAL B 111 -41.85 -23.09 2.72
C VAL B 111 -41.03 -24.27 2.25
N PHE B 112 -41.63 -25.47 2.20
CA PHE B 112 -40.88 -26.62 1.71
C PHE B 112 -40.57 -26.50 0.22
N GLN B 113 -41.43 -25.84 -0.55
CA GLN B 113 -41.09 -25.57 -1.94
C GLN B 113 -39.86 -24.69 -2.04
N LEU B 114 -39.79 -23.62 -1.24
CA LEU B 114 -38.60 -22.79 -1.21
C LEU B 114 -37.37 -23.58 -0.76
N LEU B 115 -37.55 -24.49 0.19
CA LEU B 115 -36.40 -25.26 0.68
C LEU B 115 -35.88 -26.23 -0.36
N VAL B 116 -36.78 -26.90 -1.09
CA VAL B 116 -36.33 -27.77 -2.18
C VAL B 116 -35.64 -26.93 -3.26
N ASP B 117 -36.20 -25.75 -3.57
CA ASP B 117 -35.57 -24.86 -4.53
C ASP B 117 -34.18 -24.45 -4.09
N TYR B 118 -33.98 -24.22 -2.80
CA TYR B 118 -32.65 -23.86 -2.31
C TYR B 118 -31.70 -25.05 -2.37
N ILE B 119 -32.17 -26.23 -1.96
CA ILE B 119 -31.28 -27.38 -1.92
C ILE B 119 -30.82 -27.75 -3.32
N TYR B 120 -31.70 -27.67 -4.32
CA TYR B 120 -31.30 -28.04 -5.67
C TYR B 120 -30.54 -26.92 -6.36
N HIS B 121 -31.14 -25.74 -6.49
CA HIS B 121 -30.51 -24.65 -7.24
C HIS B 121 -29.48 -23.91 -6.39
N GLY B 122 -29.91 -23.29 -5.31
CA GLY B 122 -29.02 -22.49 -4.49
C GLY B 122 -29.44 -21.04 -4.41
N THR B 123 -30.61 -20.73 -4.97
CA THR B 123 -31.16 -19.38 -4.97
C THR B 123 -32.59 -19.44 -4.47
N VAL B 124 -32.84 -18.84 -3.31
CA VAL B 124 -34.17 -18.77 -2.74
C VAL B 124 -34.50 -17.32 -2.46
N LYS B 125 -35.76 -16.95 -2.68
CA LYS B 125 -36.23 -15.57 -2.51
C LYS B 125 -36.84 -15.43 -1.12
N LEU B 126 -36.01 -15.03 -0.16
CA LEU B 126 -36.47 -14.81 1.21
C LEU B 126 -37.37 -13.58 1.26
N ARG B 127 -38.54 -13.71 1.87
CA ARG B 127 -39.48 -12.61 2.01
C ARG B 127 -39.68 -12.29 3.48
N ALA B 128 -39.96 -11.00 3.75
CA ALA B 128 -40.18 -10.56 5.12
C ALA B 128 -41.42 -11.17 5.74
N GLU B 129 -42.46 -11.43 4.94
CA GLU B 129 -43.69 -12.01 5.47
C GLU B 129 -43.50 -13.48 5.84
N GLU B 130 -42.50 -14.13 5.27
CA GLU B 130 -42.35 -15.58 5.38
C GLU B 130 -40.92 -15.93 5.76
N LEU B 131 -40.40 -15.29 6.80
CA LEU B 131 -39.03 -15.51 7.21
C LEU B 131 -38.91 -16.39 8.46
N GLN B 132 -39.70 -16.09 9.49
CA GLN B 132 -39.57 -16.84 10.74
C GLN B 132 -39.84 -18.32 10.53
N GLU B 133 -40.84 -18.64 9.71
CA GLU B 133 -41.12 -20.03 9.39
C GLU B 133 -39.90 -20.69 8.73
N ILE B 134 -39.29 -20.00 7.77
CA ILE B 134 -38.09 -20.51 7.13
C ILE B 134 -36.97 -20.63 8.14
N TYR B 135 -36.87 -19.68 9.07
CA TYR B 135 -35.84 -19.76 10.10
C TYR B 135 -35.95 -21.03 10.91
N GLU B 136 -37.13 -21.29 11.48
CA GLU B 136 -37.31 -22.47 12.31
C GLU B 136 -37.12 -23.75 11.50
N VAL B 137 -37.67 -23.81 10.30
CA VAL B 137 -37.55 -25.04 9.52
C VAL B 137 -36.12 -25.28 9.06
N SER B 138 -35.44 -24.26 8.54
CA SER B 138 -34.05 -24.38 8.13
C SER B 138 -33.13 -24.69 9.29
N ASP B 139 -33.49 -24.34 10.51
CA ASP B 139 -32.78 -24.87 11.67
C ASP B 139 -33.13 -26.31 11.99
N MET B 140 -34.37 -26.73 11.70
CA MET B 140 -34.73 -28.12 11.94
C MET B 140 -34.03 -29.07 10.97
N TYR B 141 -33.81 -28.63 9.73
CA TYR B 141 -33.16 -29.46 8.72
C TYR B 141 -31.65 -29.26 8.66
N GLN B 142 -31.10 -28.37 9.49
CA GLN B 142 -29.66 -28.16 9.64
C GLN B 142 -28.99 -27.62 8.38
N LEU B 143 -29.74 -26.95 7.51
CA LEU B 143 -29.12 -26.25 6.38
C LEU B 143 -28.45 -24.99 6.89
N THR B 144 -27.22 -25.14 7.41
CA THR B 144 -26.63 -24.07 8.22
C THR B 144 -26.39 -22.78 7.45
N SER B 145 -26.18 -22.84 6.14
CA SER B 145 -25.95 -21.60 5.40
C SER B 145 -27.21 -20.76 5.32
N LEU B 146 -28.34 -21.38 4.95
CA LEU B 146 -29.61 -20.66 4.97
C LEU B 146 -29.99 -20.24 6.37
N PHE B 147 -29.65 -21.04 7.38
CA PHE B 147 -29.94 -20.66 8.75
C PHE B 147 -29.19 -19.40 9.14
N GLU B 148 -27.91 -19.30 8.79
CA GLU B 148 -27.15 -18.09 9.09
C GLU B 148 -27.67 -16.89 8.31
N GLU B 149 -28.00 -17.07 7.03
CA GLU B 149 -28.52 -15.96 6.25
C GLU B 149 -29.85 -15.46 6.81
N CYS B 150 -30.74 -16.38 7.18
CA CYS B 150 -32.00 -15.99 7.81
C CYS B 150 -31.78 -15.36 9.17
N SER B 151 -30.77 -15.80 9.92
CA SER B 151 -30.46 -15.14 11.19
C SER B 151 -30.09 -13.67 10.96
N ARG B 152 -29.23 -13.42 9.97
CA ARG B 152 -28.87 -12.03 9.69
C ARG B 152 -30.07 -11.23 9.18
N PHE B 153 -30.84 -11.81 8.27
CA PHE B 153 -31.97 -11.09 7.69
C PHE B 153 -33.09 -10.87 8.70
N LEU B 154 -33.13 -11.66 9.77
CA LEU B 154 -34.04 -11.39 10.88
C LEU B 154 -33.44 -10.41 11.88
N ALA B 155 -32.11 -10.33 11.94
CA ALA B 155 -31.49 -9.28 12.75
C ALA B 155 -31.65 -7.91 12.13
N ARG B 156 -31.85 -7.84 10.82
CA ARG B 156 -32.04 -6.54 10.17
C ARG B 156 -33.40 -5.91 10.45
N THR B 157 -34.47 -6.70 10.57
CA THR B 157 -35.83 -6.18 10.51
C THR B 157 -36.60 -6.34 11.82
N VAL B 158 -35.98 -6.04 12.95
CA VAL B 158 -36.66 -6.05 14.25
C VAL B 158 -36.61 -4.64 14.82
N GLN B 159 -37.70 -3.89 14.69
CA GLN B 159 -37.62 -2.48 15.08
C GLN B 159 -37.87 -2.27 16.57
N VAL B 160 -39.13 -2.37 17.01
CA VAL B 160 -39.46 -2.43 18.44
C VAL B 160 -40.56 -3.46 18.64
N GLY B 161 -41.38 -3.67 17.61
CA GLY B 161 -42.62 -4.39 17.79
C GLY B 161 -42.44 -5.86 18.13
N ASN B 162 -41.53 -6.53 17.43
CA ASN B 162 -41.25 -7.95 17.68
C ASN B 162 -39.94 -8.13 18.45
N CYS B 163 -39.37 -7.06 18.97
CA CYS B 163 -38.06 -7.11 19.61
C CYS B 163 -38.06 -7.97 20.87
N LEU B 164 -39.23 -8.27 21.43
CA LEU B 164 -39.35 -9.25 22.51
C LEU B 164 -40.01 -10.53 22.05
N GLN B 165 -40.21 -10.72 20.74
CA GLN B 165 -40.68 -11.98 20.20
C GLN B 165 -39.63 -12.68 19.35
N VAL B 166 -38.68 -11.94 18.79
CA VAL B 166 -37.53 -12.55 18.13
C VAL B 166 -36.46 -12.93 19.14
N MET B 167 -36.30 -12.10 20.18
CA MET B 167 -35.41 -12.43 21.29
C MET B 167 -35.77 -13.80 21.88
N TRP B 168 -37.07 -14.06 22.05
CA TRP B 168 -37.49 -15.36 22.57
C TRP B 168 -37.30 -16.47 21.55
N LEU B 169 -37.10 -16.12 20.27
CA LEU B 169 -36.88 -17.11 19.22
C LEU B 169 -35.41 -17.44 19.04
N ALA B 170 -34.52 -16.72 19.73
CA ALA B 170 -33.09 -17.03 19.72
C ALA B 170 -32.64 -17.75 20.96
N ASP B 171 -33.17 -17.38 22.13
CA ASP B 171 -32.87 -18.11 23.36
C ASP B 171 -33.39 -19.54 23.29
N ARG B 172 -34.47 -19.76 22.55
CA ARG B 172 -35.00 -21.11 22.36
C ARG B 172 -34.25 -21.90 21.29
N HIS B 173 -33.45 -21.22 20.48
CA HIS B 173 -32.77 -21.85 19.35
C HIS B 173 -31.26 -21.80 19.44
N SER B 174 -30.69 -21.09 20.43
CA SER B 174 -29.25 -20.99 20.64
C SER B 174 -28.55 -20.40 19.42
N ASP B 175 -28.90 -19.15 19.13
CA ASP B 175 -28.26 -18.38 18.07
C ASP B 175 -27.83 -17.04 18.64
N PRO B 176 -26.67 -17.01 19.31
CA PRO B 176 -26.31 -15.82 20.12
C PRO B 176 -26.17 -14.52 19.33
N GLU B 177 -25.85 -14.56 18.04
CA GLU B 177 -25.69 -13.31 17.29
C GLU B 177 -27.03 -12.58 17.17
N LEU B 178 -28.08 -13.29 16.77
CA LEU B 178 -29.41 -12.70 16.74
C LEU B 178 -29.87 -12.32 18.14
N TYR B 179 -29.52 -13.13 19.13
CA TYR B 179 -29.88 -12.82 20.51
C TYR B 179 -29.20 -11.55 21.01
N THR B 180 -28.05 -11.19 20.46
CA THR B 180 -27.40 -9.94 20.83
C THR B 180 -27.98 -8.77 20.04
N ALA B 181 -28.22 -8.96 18.74
CA ALA B 181 -28.78 -7.91 17.92
C ALA B 181 -30.24 -7.60 18.25
N ALA B 182 -30.96 -8.53 18.87
CA ALA B 182 -32.34 -8.31 19.29
C ALA B 182 -32.43 -8.01 20.78
N LYS B 183 -31.30 -7.86 21.46
CA LYS B 183 -31.23 -7.29 22.79
C LYS B 183 -30.74 -5.86 22.75
N HIS B 184 -29.82 -5.55 21.83
CA HIS B 184 -29.37 -4.17 21.65
C HIS B 184 -30.51 -3.25 21.27
N CYS B 185 -31.46 -3.75 20.48
CA CYS B 185 -32.58 -2.94 20.00
C CYS B 185 -33.82 -3.05 20.87
N ALA B 186 -33.77 -3.87 21.93
CA ALA B 186 -34.83 -3.89 22.93
C ALA B 186 -34.44 -3.19 24.21
N LYS B 187 -33.13 -3.05 24.46
CA LYS B 187 -32.67 -2.30 25.62
C LYS B 187 -32.91 -0.81 25.46
N THR B 188 -32.58 -0.27 24.30
CA THR B 188 -32.67 1.16 24.04
C THR B 188 -34.09 1.65 23.82
N HIS B 189 -35.09 0.80 24.02
CA HIS B 189 -36.49 1.20 23.93
C HIS B 189 -37.28 0.69 25.12
N LEU B 190 -36.61 0.48 26.26
CA LEU B 190 -37.23 -0.10 27.44
C LEU B 190 -38.33 0.79 28.04
N ALA B 191 -38.30 2.10 27.77
CA ALA B 191 -39.33 2.98 28.31
C ALA B 191 -40.69 2.66 27.73
N GLN B 192 -40.84 2.79 26.40
CA GLN B 192 -42.08 2.46 25.73
C GLN B 192 -42.41 0.98 25.79
N LEU B 193 -41.39 0.11 25.81
CA LEU B 193 -41.61 -1.33 25.89
C LEU B 193 -42.15 -1.76 27.24
N GLN B 194 -42.08 -0.90 28.25
CA GLN B 194 -42.47 -1.29 29.59
C GLN B 194 -43.96 -1.64 29.67
N ASN B 195 -44.81 -0.85 29.01
CA ASN B 195 -46.25 -1.04 29.12
C ASN B 195 -46.74 -2.28 28.38
N THR B 196 -45.99 -2.80 27.41
CA THR B 196 -46.45 -3.94 26.64
C THR B 196 -46.55 -5.18 27.52
N GLU B 197 -47.64 -5.93 27.36
CA GLU B 197 -47.88 -7.11 28.20
C GLU B 197 -46.86 -8.22 27.95
N GLU B 198 -46.29 -8.30 26.74
CA GLU B 198 -45.29 -9.32 26.48
C GLU B 198 -44.06 -9.11 27.34
N PHE B 199 -43.62 -7.86 27.50
CA PHE B 199 -42.55 -7.55 28.44
C PHE B 199 -42.91 -7.97 29.85
N LEU B 200 -44.19 -7.91 30.20
CA LEU B 200 -44.66 -8.27 31.53
C LEU B 200 -44.65 -9.77 31.78
N HIS B 201 -44.80 -10.59 30.73
CA HIS B 201 -44.81 -12.04 30.86
C HIS B 201 -43.42 -12.65 30.64
N LEU B 202 -42.39 -11.82 30.63
CA LEU B 202 -41.03 -12.24 30.32
C LEU B 202 -40.43 -12.99 31.51
N PRO B 203 -39.79 -14.14 31.29
CA PRO B 203 -39.16 -14.88 32.40
C PRO B 203 -37.97 -14.14 33.00
N HIS B 204 -37.40 -14.73 34.06
CA HIS B 204 -36.32 -14.07 34.80
C HIS B 204 -35.04 -13.94 33.98
N ARG B 205 -34.63 -15.01 33.30
CA ARG B 205 -33.32 -15.01 32.65
C ARG B 205 -33.23 -13.92 31.59
N LEU B 206 -34.27 -13.76 30.78
CA LEU B 206 -34.25 -12.74 29.75
C LEU B 206 -34.16 -11.34 30.35
N LEU B 207 -34.90 -11.10 31.43
CA LEU B 207 -34.83 -9.80 32.08
C LEU B 207 -33.45 -9.54 32.67
N THR B 208 -32.83 -10.56 33.27
CA THR B 208 -31.48 -10.40 33.79
C THR B 208 -30.50 -10.08 32.68
N ASP B 209 -30.62 -10.75 31.54
CA ASP B 209 -29.73 -10.51 30.42
C ASP B 209 -29.99 -9.19 29.69
N ILE B 210 -31.21 -8.65 29.76
CA ILE B 210 -31.47 -7.36 29.12
C ILE B 210 -31.11 -6.19 30.03
N ILE B 211 -31.23 -6.34 31.35
CA ILE B 211 -30.93 -5.23 32.25
C ILE B 211 -29.44 -5.05 32.48
N SER B 212 -28.66 -6.14 32.47
CA SER B 212 -27.29 -6.10 32.94
C SER B 212 -26.29 -5.69 31.87
N ASP B 213 -26.73 -4.96 30.86
CA ASP B 213 -25.87 -4.59 29.74
C ASP B 213 -25.83 -3.06 29.58
N GLY B 214 -26.38 -2.30 30.53
CA GLY B 214 -26.27 -0.86 30.45
C GLY B 214 -27.46 -0.13 29.87
N VAL B 215 -28.64 -0.32 30.45
CA VAL B 215 -29.87 0.35 30.03
C VAL B 215 -29.65 1.86 30.07
N PRO B 216 -30.09 2.60 29.04
CA PRO B 216 -29.87 4.05 29.02
C PRO B 216 -30.62 4.76 30.14
N CYS B 217 -30.14 5.96 30.45
CA CYS B 217 -30.63 6.72 31.60
C CYS B 217 -32.10 7.12 31.46
N SER B 218 -32.51 7.55 30.26
CA SER B 218 -33.84 8.10 30.08
C SER B 218 -34.93 7.03 29.95
N GLN B 219 -34.55 5.75 29.95
CA GLN B 219 -35.51 4.67 29.79
C GLN B 219 -36.20 4.27 31.10
N ASN B 220 -35.78 4.85 32.23
CA ASN B 220 -36.31 4.55 33.55
C ASN B 220 -36.33 3.04 33.81
N PRO B 221 -35.16 2.42 33.98
CA PRO B 221 -35.16 0.97 34.22
C PRO B 221 -35.72 0.59 35.59
N THR B 222 -35.53 1.45 36.60
CA THR B 222 -36.09 1.15 37.91
C THR B 222 -37.61 1.13 37.89
N GLU B 223 -38.24 2.04 37.15
CA GLU B 223 -39.68 1.97 36.97
C GLU B 223 -40.08 0.69 36.26
N ALA B 224 -39.31 0.26 35.26
CA ALA B 224 -39.63 -0.98 34.57
C ALA B 224 -39.56 -2.19 35.49
N ILE B 225 -38.50 -2.29 36.30
CA ILE B 225 -38.38 -3.46 37.18
C ILE B 225 -39.45 -3.43 38.27
N GLU B 226 -39.79 -2.24 38.77
CA GLU B 226 -40.86 -2.16 39.75
C GLU B 226 -42.21 -2.54 39.15
N ALA B 227 -42.49 -2.10 37.91
CA ALA B 227 -43.74 -2.45 37.28
C ALA B 227 -43.81 -3.94 36.94
N TRP B 228 -42.67 -4.54 36.61
CA TRP B 228 -42.64 -5.98 36.37
C TRP B 228 -43.00 -6.76 37.64
N ILE B 229 -42.50 -6.31 38.79
CA ILE B 229 -42.83 -6.95 40.05
C ILE B 229 -44.28 -6.73 40.43
N ASN B 230 -44.82 -5.54 40.14
CA ASN B 230 -46.18 -5.17 40.55
C ASN B 230 -47.26 -6.07 39.98
N PHE B 231 -46.93 -6.97 39.04
CA PHE B 231 -47.92 -7.94 38.58
C PHE B 231 -48.31 -8.89 39.71
N ASN B 232 -47.33 -9.61 40.27
CA ASN B 232 -47.52 -10.43 41.46
C ASN B 232 -46.41 -10.06 42.44
N LYS B 233 -46.64 -8.99 43.20
CA LYS B 233 -45.60 -8.49 44.10
C LYS B 233 -45.49 -9.35 45.36
N GLU B 234 -46.61 -9.87 45.86
CA GLU B 234 -46.59 -10.68 47.07
C GLU B 234 -45.93 -12.03 46.88
N GLU B 235 -45.63 -12.42 45.63
CA GLU B 235 -44.94 -13.67 45.35
C GLU B 235 -43.50 -13.47 44.90
N ARG B 236 -43.17 -12.30 44.35
CA ARG B 236 -41.84 -12.03 43.80
C ARG B 236 -41.15 -10.86 44.50
N GLU B 237 -41.64 -10.44 45.66
CA GLU B 237 -41.08 -9.27 46.33
C GLU B 237 -39.64 -9.53 46.77
N ALA B 238 -39.40 -10.63 47.48
CA ALA B 238 -38.04 -11.02 47.81
C ALA B 238 -37.26 -11.43 46.57
N PHE B 239 -37.97 -11.81 45.50
CA PHE B 239 -37.34 -12.16 44.25
C PHE B 239 -36.96 -10.92 43.44
N ALA B 240 -37.47 -9.75 43.83
CA ALA B 240 -37.25 -8.54 43.06
C ALA B 240 -35.82 -8.03 43.21
N GLU B 241 -35.31 -7.99 44.44
CA GLU B 241 -34.04 -7.34 44.71
C GLU B 241 -32.85 -8.06 44.09
N SER B 242 -33.03 -9.29 43.58
CA SER B 242 -31.95 -9.95 42.89
C SER B 242 -31.54 -9.20 41.62
N LEU B 243 -32.48 -8.50 41.00
CA LEU B 243 -32.20 -7.75 39.78
C LEU B 243 -31.82 -6.30 40.06
N ARG B 244 -32.34 -5.70 41.13
CA ARG B 244 -31.92 -4.35 41.50
C ARG B 244 -30.45 -4.30 41.91
N THR B 245 -29.89 -5.41 42.39
CA THR B 245 -28.47 -5.49 42.71
C THR B 245 -27.61 -5.74 41.47
N SER B 246 -28.25 -5.95 40.31
CA SER B 246 -27.52 -6.18 39.06
C SER B 246 -27.77 -5.12 38.00
N LEU B 247 -28.63 -4.13 38.27
CA LEU B 247 -28.93 -3.11 37.28
C LEU B 247 -27.72 -2.23 37.02
N LYS B 248 -27.46 -1.96 35.75
CA LYS B 248 -26.43 -1.02 35.34
C LYS B 248 -27.08 0.21 34.70
N GLU B 249 -26.45 1.36 34.90
CA GLU B 249 -26.98 2.62 34.44
C GLU B 249 -25.93 3.34 33.60
N ILE B 250 -26.39 3.99 32.53
CA ILE B 250 -25.51 4.73 31.64
C ILE B 250 -26.30 5.90 31.05
N GLY B 251 -25.59 6.96 30.71
CA GLY B 251 -26.22 8.14 30.14
C GLY B 251 -26.25 8.09 28.62
N GLU B 252 -27.24 8.78 28.05
CA GLU B 252 -27.40 8.83 26.60
C GLU B 252 -26.25 9.62 25.99
N ASN B 253 -25.46 8.96 25.14
CA ASN B 253 -24.33 9.60 24.49
C ASN B 253 -24.26 9.24 23.01
N VAL B 254 -25.37 8.81 22.42
CA VAL B 254 -25.45 8.48 21.01
C VAL B 254 -25.75 9.77 20.26
N HIS B 255 -24.80 10.24 19.47
CA HIS B 255 -24.87 11.56 18.86
C HIS B 255 -24.76 11.47 17.34
N ILE B 256 -24.96 12.62 16.71
CA ILE B 256 -24.63 12.85 15.31
C ILE B 256 -23.88 14.18 15.26
N TYR B 257 -22.56 14.12 15.15
CA TYR B 257 -21.72 15.31 15.23
C TYR B 257 -21.76 16.06 13.91
N LEU B 258 -21.83 17.39 13.99
CA LEU B 258 -21.83 18.26 12.83
C LEU B 258 -20.66 19.23 12.92
N ILE B 259 -19.97 19.45 11.81
CA ILE B 259 -18.92 20.45 11.72
C ILE B 259 -19.16 21.29 10.48
N GLY B 260 -19.05 22.61 10.64
CA GLY B 260 -19.16 23.52 9.51
C GLY B 260 -19.02 24.94 9.98
N LYS B 261 -18.29 25.74 9.19
CA LYS B 261 -18.15 27.14 9.51
C LYS B 261 -19.36 27.93 9.01
N GLU B 262 -19.54 29.12 9.56
CA GLU B 262 -20.71 29.96 9.25
C GLU B 262 -20.45 30.87 8.05
N SER B 263 -19.42 30.59 7.27
CA SER B 263 -19.06 31.27 6.02
C SER B 263 -18.59 32.70 6.25
N SER B 264 -18.63 33.21 7.48
CA SER B 264 -18.16 34.55 7.80
C SER B 264 -17.25 34.61 9.02
N ARG B 265 -17.30 33.62 9.90
CA ARG B 265 -16.48 33.60 11.11
C ARG B 265 -15.36 32.59 10.94
N THR B 266 -14.14 32.97 11.34
CA THR B 266 -12.97 32.12 11.15
C THR B 266 -13.04 30.84 11.98
N HIS B 267 -13.92 30.77 12.97
CA HIS B 267 -14.04 29.60 13.83
C HIS B 267 -15.12 28.66 13.31
N SER B 268 -14.78 27.39 13.19
CA SER B 268 -15.71 26.36 12.75
C SER B 268 -16.20 25.56 13.95
N LEU B 269 -17.51 25.56 14.15
CA LEU B 269 -18.10 24.94 15.34
C LEU B 269 -18.26 23.43 15.15
N ALA B 270 -18.68 22.77 16.23
CA ALA B 270 -18.79 21.33 16.32
C ALA B 270 -20.13 20.92 16.93
N VAL B 271 -21.22 21.48 16.40
CA VAL B 271 -22.55 21.19 16.91
C VAL B 271 -22.75 19.70 17.06
N SER B 272 -23.29 19.29 18.21
CA SER B 272 -23.45 17.89 18.58
C SER B 272 -24.94 17.57 18.69
N LEU B 273 -25.51 16.97 17.64
CA LEU B 273 -26.90 16.58 17.66
C LEU B 273 -27.11 15.33 18.51
N HIS B 274 -28.20 15.32 19.27
CA HIS B 274 -28.62 14.14 20.01
C HIS B 274 -29.93 13.65 19.40
N CYS B 275 -29.95 12.38 18.98
CA CYS B 275 -31.10 11.81 18.29
C CYS B 275 -32.07 11.23 19.30
N ALA B 276 -33.26 11.83 19.38
CA ALA B 276 -34.32 11.36 20.27
C ALA B 276 -35.40 10.66 19.45
N GLU B 277 -36.26 9.93 20.16
CA GLU B 277 -37.29 9.12 19.54
C GLU B 277 -38.68 9.77 19.61
N ASP B 278 -38.77 10.99 20.11
CA ASP B 278 -40.06 11.66 20.27
C ASP B 278 -40.22 12.81 19.27
N ASP B 279 -39.67 12.64 18.07
CA ASP B 279 -39.78 13.61 16.98
C ASP B 279 -39.20 14.97 17.38
N SER B 280 -38.30 14.98 18.36
CA SER B 280 -37.63 16.21 18.82
C SER B 280 -36.12 15.92 18.84
N ILE B 281 -35.47 16.13 17.71
CA ILE B 281 -34.02 15.96 17.63
C ILE B 281 -33.35 17.15 18.30
N SER B 282 -32.63 16.90 19.38
CA SER B 282 -32.14 17.95 20.26
C SER B 282 -30.72 18.34 19.88
N VAL B 283 -30.34 19.55 20.27
CA VAL B 283 -29.01 20.12 20.02
C VAL B 283 -28.34 20.40 21.36
N SER B 284 -27.16 19.84 21.55
CA SER B 284 -26.39 20.06 22.76
C SER B 284 -25.46 21.27 22.55
N GLY B 285 -24.54 21.47 23.48
CA GLY B 285 -23.69 22.66 23.42
C GLY B 285 -22.70 22.60 22.27
N GLN B 286 -22.38 23.78 21.73
CA GLN B 286 -21.39 23.89 20.67
C GLN B 286 -19.98 23.91 21.27
N ASN B 287 -18.99 23.78 20.39
CA ASN B 287 -17.59 23.75 20.82
C ASN B 287 -16.82 24.93 20.25
N SER B 288 -16.95 25.14 18.94
CA SER B 288 -16.43 26.33 18.24
C SER B 288 -14.92 26.44 18.39
N LEU B 289 -14.22 25.47 17.81
CA LEU B 289 -12.79 25.61 17.62
C LEU B 289 -12.51 26.61 16.50
N CYS B 290 -11.36 27.30 16.60
CA CYS B 290 -11.13 28.49 15.80
C CYS B 290 -9.93 28.41 14.87
N HIS B 291 -9.36 27.23 14.62
CA HIS B 291 -8.24 27.20 13.69
C HIS B 291 -8.67 26.84 12.27
N GLN B 292 -9.13 25.61 12.05
CA GLN B 292 -9.62 25.09 10.78
C GLN B 292 -9.94 23.62 11.00
N ILE B 293 -10.80 23.07 10.14
CA ILE B 293 -11.25 21.69 10.28
C ILE B 293 -10.99 20.97 8.97
N THR B 294 -10.43 19.76 9.04
CA THR B 294 -10.23 18.93 7.86
C THR B 294 -10.11 17.47 8.25
N ALA B 295 -10.93 16.63 7.62
CA ALA B 295 -10.84 15.17 7.78
C ALA B 295 -10.99 14.74 9.23
N ALA B 296 -12.16 14.94 9.81
CA ALA B 296 -12.43 14.58 11.20
C ALA B 296 -12.97 13.16 11.31
N CYS B 297 -12.96 12.63 12.53
CA CYS B 297 -13.45 11.28 12.79
C CYS B 297 -14.11 11.25 14.17
N LYS B 298 -15.06 10.33 14.32
CA LYS B 298 -15.74 10.14 15.59
C LYS B 298 -15.58 8.70 16.04
N HIS B 299 -15.31 8.51 17.34
CA HIS B 299 -15.12 7.18 17.89
C HIS B 299 -15.59 7.18 19.34
N GLY B 300 -16.28 6.11 19.72
CA GLY B 300 -16.85 6.02 21.05
C GLY B 300 -17.88 7.08 21.30
N GLY B 301 -17.54 8.07 22.13
CA GLY B 301 -18.42 9.18 22.39
C GLY B 301 -17.74 10.51 22.25
N ASP B 302 -16.49 10.50 21.76
CA ASP B 302 -15.69 11.70 21.63
C ASP B 302 -15.26 11.91 20.19
N LEU B 303 -15.15 13.18 19.81
CA LEU B 303 -14.84 13.57 18.45
C LEU B 303 -13.35 13.80 18.28
N TYR B 304 -12.79 13.32 17.19
CA TYR B 304 -11.41 13.57 16.81
C TYR B 304 -11.38 14.39 15.52
N VAL B 305 -10.45 15.35 15.45
CA VAL B 305 -10.37 16.24 14.31
C VAL B 305 -8.91 16.57 14.03
N VAL B 306 -8.49 16.40 12.79
CA VAL B 306 -7.17 16.87 12.34
C VAL B 306 -7.33 18.30 11.86
N GLY B 307 -6.46 19.18 12.33
CA GLY B 307 -6.60 20.58 11.99
C GLY B 307 -5.35 21.37 12.27
N GLY B 308 -5.52 22.69 12.27
CA GLY B 308 -4.43 23.62 12.47
C GLY B 308 -4.00 24.28 11.17
N SER B 309 -3.17 25.31 11.32
CA SER B 309 -2.62 26.00 10.15
C SER B 309 -1.76 25.04 9.33
N ILE B 310 -0.96 24.22 10.00
CA ILE B 310 -0.27 23.12 9.36
C ILE B 310 -1.03 21.85 9.71
N PRO B 311 -1.69 21.20 8.74
CA PRO B 311 -2.60 20.08 9.07
C PRO B 311 -1.88 18.85 9.58
N ARG B 312 -1.39 18.91 10.82
CA ARG B 312 -0.76 17.77 11.46
C ARG B 312 -1.20 17.52 12.89
N ARG B 313 -1.70 18.54 13.60
CA ARG B 313 -2.10 18.38 14.99
C ARG B 313 -3.57 18.02 15.07
N MET B 314 -3.93 17.15 16.01
CA MET B 314 -5.29 16.68 16.19
C MET B 314 -5.80 17.07 17.57
N TRP B 315 -7.02 17.57 17.63
CA TRP B 315 -7.71 17.90 18.87
C TRP B 315 -8.73 16.83 19.20
N LYS B 316 -8.96 16.62 20.49
CA LYS B 316 -9.94 15.64 20.98
C LYS B 316 -11.01 16.40 21.76
N CYS B 317 -12.22 16.43 21.21
CA CYS B 317 -13.31 17.16 21.84
C CYS B 317 -14.07 16.24 22.80
N ASN B 318 -14.54 16.82 23.90
CA ASN B 318 -15.40 16.12 24.84
C ASN B 318 -16.80 16.74 24.79
N ASN B 319 -17.81 15.88 24.90
CA ASN B 319 -19.20 16.31 24.72
C ASN B 319 -19.74 17.04 25.95
N ALA B 320 -19.78 16.37 27.10
CA ALA B 320 -20.33 16.99 28.30
C ALA B 320 -19.43 18.10 28.81
N THR B 321 -18.19 17.77 29.18
CA THR B 321 -17.21 18.78 29.56
C THR B 321 -16.58 19.36 28.31
N VAL B 322 -17.07 20.52 27.86
CA VAL B 322 -16.64 21.05 26.57
C VAL B 322 -15.21 21.56 26.68
N ASP B 323 -14.27 20.74 26.21
CA ASP B 323 -12.84 21.06 26.25
C ASP B 323 -12.21 20.57 24.96
N TRP B 324 -11.11 21.21 24.56
CA TRP B 324 -10.36 20.80 23.39
C TRP B 324 -9.01 20.27 23.87
N GLU B 325 -8.97 18.97 24.17
CA GLU B 325 -7.74 18.33 24.61
C GLU B 325 -6.77 18.17 23.46
N TRP B 326 -5.55 17.79 23.79
CA TRP B 326 -4.48 17.61 22.82
C TRP B 326 -4.11 16.13 22.72
N CYS B 327 -3.78 15.70 21.51
CA CYS B 327 -3.41 14.32 21.25
C CYS B 327 -2.15 14.28 20.40
N ALA B 328 -1.69 13.08 20.10
CA ALA B 328 -0.46 12.91 19.33
C ALA B 328 -0.66 13.42 17.91
N PRO B 329 0.19 14.33 17.42
CA PRO B 329 0.02 14.88 16.09
C PRO B 329 0.30 13.84 15.00
N LEU B 330 -0.15 14.16 13.79
CA LEU B 330 0.05 13.28 12.66
C LEU B 330 1.56 13.17 12.36
N PRO B 331 2.09 11.96 12.20
CA PRO B 331 3.52 11.84 11.92
C PRO B 331 3.88 12.17 10.48
N ARG B 332 2.94 12.04 9.55
CA ARG B 332 3.21 12.24 8.13
C ARG B 332 2.43 13.43 7.60
N ASP B 333 2.67 13.75 6.33
CA ASP B 333 2.07 14.90 5.67
C ASP B 333 1.15 14.42 4.56
N ARG B 334 -0.12 14.81 4.64
CA ARG B 334 -1.10 14.41 3.64
C ARG B 334 -2.32 15.30 3.75
N LEU B 335 -3.12 15.29 2.68
CA LEU B 335 -4.43 15.94 2.70
C LEU B 335 -5.42 15.07 1.93
N GLN B 336 -6.71 15.34 2.18
CA GLN B 336 -7.80 14.61 1.52
C GLN B 336 -7.68 13.10 1.76
N HIS B 337 -7.31 12.73 2.98
CA HIS B 337 -7.25 11.33 3.37
C HIS B 337 -8.57 10.92 4.01
N THR B 338 -8.66 9.65 4.40
CA THR B 338 -9.90 9.05 4.89
C THR B 338 -9.69 8.56 6.31
N LEU B 339 -10.30 9.25 7.28
CA LEU B 339 -10.26 8.82 8.67
C LEU B 339 -11.42 7.86 8.94
N VAL B 340 -11.08 6.64 9.38
CA VAL B 340 -12.06 5.60 9.63
C VAL B 340 -11.93 5.17 11.08
N SER B 341 -13.06 5.10 11.78
CA SER B 341 -13.06 4.67 13.17
C SER B 341 -13.22 3.17 13.28
N VAL B 342 -12.50 2.56 14.22
CA VAL B 342 -12.63 1.14 14.51
C VAL B 342 -12.61 0.96 16.02
N PRO B 343 -13.76 0.74 16.66
CA PRO B 343 -13.77 0.50 18.11
C PRO B 343 -13.42 -0.93 18.50
N GLY B 344 -13.24 -1.83 17.53
CA GLY B 344 -12.94 -3.21 17.88
C GLY B 344 -11.62 -3.38 18.60
N LYS B 345 -10.57 -2.74 18.09
CA LYS B 345 -9.25 -2.80 18.70
C LYS B 345 -8.78 -1.45 19.21
N ASP B 346 -9.70 -0.51 19.42
CA ASP B 346 -9.39 0.80 19.98
C ASP B 346 -8.35 1.51 19.11
N ALA B 347 -8.76 1.87 17.90
CA ALA B 347 -7.86 2.48 16.93
C ALA B 347 -8.61 3.42 16.00
N ILE B 348 -7.89 4.39 15.46
CA ILE B 348 -8.40 5.31 14.45
C ILE B 348 -7.49 5.19 13.23
N TYR B 349 -8.02 4.72 12.12
CA TYR B 349 -7.22 4.50 10.93
C TYR B 349 -7.29 5.69 9.99
N SER B 350 -6.18 5.97 9.33
CA SER B 350 -6.10 6.98 8.29
C SER B 350 -5.52 6.33 7.04
N LEU B 351 -6.22 6.47 5.91
CA LEU B 351 -5.85 5.77 4.69
C LEU B 351 -5.86 6.72 3.51
N GLY B 352 -5.02 6.43 2.52
CA GLY B 352 -4.94 7.23 1.32
C GLY B 352 -4.36 8.61 1.59
N GLY B 353 -4.54 9.49 0.62
CA GLY B 353 -4.17 10.88 0.76
C GLY B 353 -3.39 11.40 -0.42
N LYS B 354 -3.03 12.68 -0.33
CA LYS B 354 -2.28 13.39 -1.36
C LYS B 354 -1.04 13.97 -0.70
N THR B 355 0.06 14.06 -1.45
CA THR B 355 1.36 14.27 -0.80
C THR B 355 2.10 15.50 -1.28
N LEU B 356 1.41 16.65 -1.37
CA LEU B 356 2.04 17.97 -1.46
C LEU B 356 2.70 18.21 -2.82
N GLN B 357 2.74 17.19 -3.68
CA GLN B 357 3.22 17.36 -5.05
C GLN B 357 2.31 16.63 -6.03
N ASP B 358 1.02 16.55 -5.71
CA ASP B 358 0.02 15.90 -6.56
C ASP B 358 0.40 14.45 -6.86
N THR B 359 0.94 13.78 -5.85
CA THR B 359 1.23 12.35 -5.93
C THR B 359 0.33 11.63 -4.93
N LEU B 360 -0.48 10.70 -5.43
CA LEU B 360 -1.42 9.97 -4.59
C LEU B 360 -0.69 8.84 -3.89
N SER B 361 -0.73 8.86 -2.56
CA SER B 361 0.01 7.92 -1.75
C SER B 361 -0.90 6.81 -1.21
N ASN B 362 -0.29 5.65 -0.99
CA ASN B 362 -0.96 4.50 -0.38
C ASN B 362 -0.14 4.11 0.85
N ALA B 363 -0.70 4.41 2.03
CA ALA B 363 -0.08 4.14 3.31
C ALA B 363 -1.09 4.39 4.41
N VAL B 364 -1.21 3.44 5.34
CA VAL B 364 -2.19 3.56 6.41
C VAL B 364 -1.49 3.60 7.77
N ILE B 365 -1.57 4.73 8.43
CA ILE B 365 -1.08 4.89 9.79
C ILE B 365 -2.27 4.89 10.74
N TYR B 366 -2.14 4.13 11.83
CA TYR B 366 -3.26 3.94 12.75
C TYR B 366 -2.85 4.40 14.13
N TYR B 367 -3.79 4.99 14.86
CA TYR B 367 -3.54 5.61 16.15
C TYR B 367 -4.27 4.87 17.25
N ARG B 368 -3.63 4.78 18.42
CA ARG B 368 -4.23 4.16 19.58
C ARG B 368 -4.57 5.22 20.61
N VAL B 369 -5.79 5.13 21.15
CA VAL B 369 -6.23 6.10 22.16
C VAL B 369 -5.49 5.91 23.47
N GLY B 370 -5.23 4.66 23.86
CA GLY B 370 -4.59 4.39 25.13
C GLY B 370 -3.08 4.59 25.15
N ASP B 371 -2.45 4.78 24.00
CA ASP B 371 -1.01 4.94 23.94
C ASP B 371 -0.56 6.22 23.23
N ASN B 372 -1.43 6.86 22.45
CA ASN B 372 -1.08 8.08 21.71
C ASN B 372 0.14 7.87 20.83
N VAL B 373 0.15 6.75 20.11
CA VAL B 373 1.25 6.40 19.22
C VAL B 373 0.71 6.23 17.81
N TRP B 374 1.53 6.60 16.83
CA TRP B 374 1.18 6.49 15.41
C TRP B 374 2.15 5.54 14.74
N THR B 375 1.71 4.31 14.51
CA THR B 375 2.51 3.28 13.84
C THR B 375 2.00 3.08 12.42
N GLU B 376 2.72 2.25 11.67
CA GLU B 376 2.35 1.92 10.31
C GLU B 376 1.79 0.50 10.24
N THR B 377 1.29 0.14 9.07
CA THR B 377 0.78 -1.20 8.79
C THR B 377 0.99 -1.45 7.30
N THR B 378 0.49 -2.58 6.79
CA THR B 378 0.66 -2.91 5.39
C THR B 378 -0.04 -1.88 4.50
N GLN B 379 0.58 -1.61 3.36
CA GLN B 379 0.15 -0.54 2.46
C GLN B 379 -0.99 -1.01 1.57
N LEU B 380 -1.70 -0.04 0.99
CA LEU B 380 -2.78 -0.33 0.07
C LEU B 380 -2.22 -0.79 -1.28
N GLU B 381 -3.10 -1.37 -2.09
CA GLU B 381 -2.69 -1.85 -3.42
C GLU B 381 -2.68 -0.70 -4.43
N VAL B 382 -3.81 0.00 -4.56
CA VAL B 382 -3.93 1.14 -5.47
C VAL B 382 -4.23 2.37 -4.63
N ALA B 383 -3.41 3.41 -4.80
CA ALA B 383 -3.53 4.62 -4.00
C ALA B 383 -4.79 5.38 -4.38
N VAL B 384 -5.55 5.79 -3.37
CA VAL B 384 -6.75 6.61 -3.55
C VAL B 384 -6.65 7.81 -2.63
N SER B 385 -7.42 8.84 -2.94
CA SER B 385 -7.46 10.04 -2.13
C SER B 385 -8.84 10.66 -2.19
N GLY B 386 -9.24 11.32 -1.11
CA GLY B 386 -10.55 11.94 -1.03
C GLY B 386 -11.69 10.94 -1.12
N ALA B 387 -11.50 9.73 -0.60
CA ALA B 387 -12.51 8.70 -0.66
C ALA B 387 -13.41 8.78 0.57
N ALA B 388 -14.26 7.76 0.75
CA ALA B 388 -15.12 7.66 1.92
C ALA B 388 -14.94 6.28 2.54
N GLY B 389 -14.72 6.23 3.83
CA GLY B 389 -14.48 4.98 4.55
C GLY B 389 -15.63 4.65 5.48
N ALA B 390 -15.95 3.37 5.59
CA ALA B 390 -17.04 2.90 6.42
C ALA B 390 -16.58 1.68 7.20
N ASN B 391 -16.64 1.78 8.53
CA ASN B 391 -16.28 0.65 9.38
C ASN B 391 -17.29 -0.47 9.24
N LEU B 392 -16.82 -1.70 9.30
CA LEU B 392 -17.70 -2.87 9.30
C LEU B 392 -17.20 -3.90 10.32
N ASN B 393 -16.89 -3.41 11.52
CA ASN B 393 -16.56 -4.23 12.70
C ASN B 393 -15.49 -5.29 12.39
N GLY B 394 -14.47 -4.88 11.64
CA GLY B 394 -13.37 -5.78 11.34
C GLY B 394 -12.84 -5.59 9.94
N ILE B 395 -13.60 -4.90 9.10
CA ILE B 395 -13.19 -4.60 7.73
C ILE B 395 -13.40 -3.11 7.48
N ILE B 396 -12.38 -2.46 6.92
CA ILE B 396 -12.46 -1.04 6.57
C ILE B 396 -12.57 -0.96 5.06
N TYR B 397 -13.64 -0.34 4.58
CA TYR B 397 -13.92 -0.27 3.14
C TYR B 397 -13.54 1.11 2.61
N LEU B 398 -12.66 1.13 1.61
CA LEU B 398 -12.33 2.34 0.88
C LEU B 398 -13.22 2.39 -0.35
N LEU B 399 -14.16 3.34 -0.37
CA LEU B 399 -15.17 3.41 -1.41
C LEU B 399 -14.88 4.60 -2.32
N GLY B 400 -14.70 4.33 -3.61
CA GLY B 400 -14.60 5.39 -4.59
C GLY B 400 -13.40 6.29 -4.36
N GLY B 401 -13.63 7.60 -4.50
CA GLY B 401 -12.56 8.56 -4.44
C GLY B 401 -12.03 8.84 -5.84
N GLU B 402 -10.73 9.14 -5.93
CA GLU B 402 -10.09 9.31 -7.22
C GLU B 402 -8.78 8.55 -7.23
N GLU B 403 -8.42 8.01 -8.39
CA GLU B 403 -7.21 7.24 -8.56
C GLU B 403 -6.33 7.89 -9.62
N ASN B 404 -5.04 7.54 -9.58
CA ASN B 404 -4.08 8.13 -10.49
C ASN B 404 -4.26 7.59 -11.90
N ASP B 405 -3.89 8.42 -12.87
CA ASP B 405 -3.84 8.04 -14.27
C ASP B 405 -2.46 8.40 -14.81
N LEU B 406 -1.92 7.53 -15.67
CA LEU B 406 -0.62 7.76 -16.28
C LEU B 406 -0.65 8.94 -17.24
N ASP B 407 -1.83 9.44 -17.60
CA ASP B 407 -1.94 10.67 -18.37
C ASP B 407 -1.90 11.88 -17.43
N PHE B 408 -0.92 11.89 -16.53
CA PHE B 408 -0.60 13.05 -15.69
C PHE B 408 -1.77 13.56 -14.86
N PHE B 409 -2.88 12.82 -14.83
CA PHE B 409 -4.11 13.32 -14.23
C PHE B 409 -4.67 12.29 -13.25
N THR B 410 -5.74 12.68 -12.55
CA THR B 410 -6.45 11.80 -11.63
C THR B 410 -7.89 11.67 -12.10
N LYS B 411 -8.33 10.44 -12.32
CA LYS B 411 -9.69 10.27 -12.80
C LYS B 411 -10.61 9.85 -11.64
N PRO B 412 -11.89 10.20 -11.72
CA PRO B 412 -12.85 9.74 -10.69
C PRO B 412 -12.87 8.22 -10.62
N SER B 413 -12.43 7.68 -9.49
CA SER B 413 -12.23 6.26 -9.35
C SER B 413 -13.55 5.55 -9.07
N ARG B 414 -13.54 4.24 -9.26
CA ARG B 414 -14.73 3.43 -9.04
C ARG B 414 -14.41 2.15 -8.28
N LEU B 415 -13.33 2.10 -7.51
CA LEU B 415 -12.86 0.83 -6.97
C LEU B 415 -13.27 0.67 -5.51
N ILE B 416 -13.51 -0.58 -5.13
CA ILE B 416 -13.90 -0.95 -3.77
C ILE B 416 -12.71 -1.67 -3.15
N GLN B 417 -11.94 -0.96 -2.35
CA GLN B 417 -10.76 -1.54 -1.71
C GLN B 417 -11.09 -1.96 -0.30
N CYS B 418 -10.90 -3.25 -0.01
CA CYS B 418 -11.21 -3.83 1.28
C CYS B 418 -9.93 -4.00 2.08
N PHE B 419 -9.78 -3.21 3.13
CA PHE B 419 -8.61 -3.27 4.00
C PHE B 419 -9.00 -3.95 5.30
N ASP B 420 -8.51 -5.17 5.49
CA ASP B 420 -8.75 -5.90 6.73
C ASP B 420 -8.00 -5.25 7.88
N THR B 421 -8.51 -5.46 9.10
CA THR B 421 -7.87 -4.92 10.30
C THR B 421 -7.48 -5.99 11.31
N GLU B 422 -7.87 -7.24 11.10
CA GLU B 422 -7.49 -8.31 12.01
C GLU B 422 -6.28 -9.09 11.50
N THR B 423 -6.25 -9.39 10.20
CA THR B 423 -5.14 -10.09 9.57
C THR B 423 -4.18 -9.14 8.87
N ASP B 424 -4.62 -7.91 8.58
CA ASP B 424 -3.82 -6.89 7.91
C ASP B 424 -3.42 -7.34 6.50
N LYS B 425 -4.42 -7.62 5.68
CA LYS B 425 -4.24 -7.85 4.25
C LYS B 425 -5.20 -6.95 3.48
N CYS B 426 -4.67 -6.27 2.46
CA CYS B 426 -5.47 -5.41 1.61
C CYS B 426 -5.66 -6.07 0.25
N HIS B 427 -6.91 -6.15 -0.20
CA HIS B 427 -7.21 -6.71 -1.51
C HIS B 427 -8.31 -5.90 -2.16
N VAL B 428 -8.35 -5.98 -3.49
CA VAL B 428 -9.28 -5.20 -4.31
C VAL B 428 -10.40 -6.10 -4.79
N LYS B 429 -11.64 -5.71 -4.51
CA LYS B 429 -12.78 -6.49 -4.96
C LYS B 429 -13.00 -6.27 -6.46
N PRO B 430 -13.44 -7.32 -7.17
CA PRO B 430 -13.56 -7.22 -8.63
C PRO B 430 -14.63 -6.24 -9.10
N TYR B 431 -15.84 -6.36 -8.55
CA TYR B 431 -16.95 -5.55 -9.05
C TYR B 431 -16.77 -4.08 -8.64
N VAL B 432 -17.45 -3.20 -9.37
CA VAL B 432 -17.30 -1.76 -9.22
C VAL B 432 -18.67 -1.14 -8.95
N LEU B 433 -18.64 0.11 -8.50
CA LEU B 433 -19.84 0.86 -8.16
C LEU B 433 -20.60 1.26 -9.42
N PRO B 434 -21.89 1.60 -9.30
CA PRO B 434 -22.62 2.12 -10.47
C PRO B 434 -22.25 3.55 -10.83
N PHE B 435 -21.63 4.30 -9.94
CA PHE B 435 -21.23 5.67 -10.24
C PHE B 435 -19.81 5.86 -9.70
N ALA B 436 -19.34 7.10 -9.69
CA ALA B 436 -17.96 7.39 -9.30
C ALA B 436 -17.87 8.84 -8.84
N GLY B 437 -16.71 9.19 -8.29
CA GLY B 437 -16.42 10.53 -7.86
C GLY B 437 -16.36 10.67 -6.35
N ARG B 438 -16.65 11.88 -5.90
CA ARG B 438 -16.70 12.15 -4.46
C ARG B 438 -18.00 11.60 -3.87
N MET B 439 -17.89 10.97 -2.70
CA MET B 439 -19.02 10.24 -2.13
C MET B 439 -18.87 10.18 -0.62
N HIS B 440 -20.00 9.95 0.05
CA HIS B 440 -20.04 9.81 1.50
C HIS B 440 -20.82 8.56 1.87
N ALA B 441 -20.32 7.82 2.86
CA ALA B 441 -20.90 6.53 3.20
C ALA B 441 -21.09 6.42 4.70
N ALA B 442 -22.12 5.66 5.10
CA ALA B 442 -22.39 5.37 6.50
C ALA B 442 -23.11 4.03 6.58
N VAL B 443 -22.91 3.33 7.68
CA VAL B 443 -23.34 1.95 7.80
C VAL B 443 -24.68 1.87 8.53
N HIS B 444 -25.41 0.77 8.29
CA HIS B 444 -26.69 0.56 8.94
C HIS B 444 -26.92 -0.94 9.12
N LYS B 445 -26.47 -1.47 10.26
CA LYS B 445 -26.79 -2.78 10.82
C LYS B 445 -26.19 -3.98 10.10
N ASP B 446 -25.92 -3.87 8.81
CA ASP B 446 -24.97 -4.75 8.13
C ASP B 446 -24.38 -4.03 6.93
N LEU B 447 -25.06 -2.97 6.51
CA LEU B 447 -24.95 -2.43 5.17
C LEU B 447 -24.05 -1.20 5.15
N VAL B 448 -23.70 -0.78 3.95
CA VAL B 448 -22.90 0.42 3.74
C VAL B 448 -23.67 1.30 2.76
N PHE B 449 -24.50 2.19 3.28
CA PHE B 449 -25.25 3.11 2.44
C PHE B 449 -24.31 4.11 1.80
N ILE B 450 -24.59 4.47 0.55
CA ILE B 450 -23.72 5.32 -0.24
C ILE B 450 -24.56 6.37 -0.96
N VAL B 451 -24.13 7.62 -0.92
CA VAL B 451 -24.73 8.69 -1.71
C VAL B 451 -23.61 9.51 -2.34
N ALA B 452 -23.92 10.11 -3.50
CA ALA B 452 -22.96 10.92 -4.23
C ALA B 452 -23.72 12.02 -4.97
N GLU B 453 -22.98 12.83 -5.72
CA GLU B 453 -23.59 13.89 -6.51
C GLU B 453 -24.53 13.28 -7.54
N GLY B 454 -25.59 14.02 -7.85
CA GLY B 454 -26.63 13.44 -8.69
C GLY B 454 -27.37 12.37 -7.93
N ASP B 455 -28.18 12.79 -6.94
CA ASP B 455 -28.71 11.93 -5.89
C ASP B 455 -29.20 10.57 -6.39
N SER B 456 -28.60 9.51 -5.87
CA SER B 456 -29.01 8.14 -6.18
C SER B 456 -28.50 7.27 -5.04
N LEU B 457 -29.40 6.90 -4.13
CA LEU B 457 -29.01 6.18 -2.92
C LEU B 457 -28.96 4.69 -3.20
N VAL B 458 -27.77 4.11 -3.16
CA VAL B 458 -27.60 2.67 -3.30
C VAL B 458 -27.42 2.08 -1.91
N CYS B 459 -27.52 0.76 -1.83
CA CYS B 459 -27.45 0.03 -0.56
C CYS B 459 -26.47 -1.13 -0.73
N TYR B 460 -25.21 -0.87 -0.43
CA TYR B 460 -24.18 -1.88 -0.57
C TYR B 460 -24.42 -3.03 0.40
N ASN B 461 -23.96 -4.22 0.02
CA ASN B 461 -24.02 -5.38 0.88
C ASN B 461 -22.82 -6.27 0.60
N PRO B 462 -21.87 -6.37 1.52
CA PRO B 462 -20.59 -7.03 1.22
C PRO B 462 -20.63 -8.55 1.30
N LEU B 463 -21.53 -9.10 2.11
CA LEU B 463 -21.54 -10.55 2.32
C LEU B 463 -21.93 -11.30 1.05
N LEU B 464 -22.87 -10.76 0.27
CA LEU B 464 -23.27 -11.41 -0.98
C LEU B 464 -23.04 -10.52 -2.20
N ASP B 465 -22.41 -9.36 -2.03
CA ASP B 465 -21.86 -8.57 -3.14
C ASP B 465 -22.94 -8.20 -4.16
N SER B 466 -23.89 -7.39 -3.69
CA SER B 466 -24.94 -6.90 -4.58
C SER B 466 -25.38 -5.52 -4.13
N PHE B 467 -25.96 -4.78 -5.07
CA PHE B 467 -26.47 -3.43 -4.83
C PHE B 467 -27.97 -3.40 -4.99
N THR B 468 -28.59 -2.34 -4.45
CA THR B 468 -29.94 -1.95 -4.78
C THR B 468 -29.96 -0.46 -5.04
N ARG B 469 -31.15 0.11 -5.19
CA ARG B 469 -31.26 1.54 -5.42
C ARG B 469 -32.47 2.10 -4.69
N LEU B 470 -32.44 3.41 -4.46
CA LEU B 470 -33.48 4.09 -3.69
C LEU B 470 -33.50 5.54 -4.18
N CYS B 471 -34.47 5.87 -5.02
CA CYS B 471 -34.56 7.21 -5.58
C CYS B 471 -34.87 8.23 -4.50
N LEU B 472 -34.36 9.45 -4.68
CA LEU B 472 -34.54 10.52 -3.72
C LEU B 472 -35.28 11.69 -4.37
N PRO B 473 -36.06 12.46 -3.59
CA PRO B 473 -36.77 13.61 -4.15
C PRO B 473 -35.83 14.78 -4.36
N GLU B 474 -35.51 15.07 -5.62
CA GLU B 474 -34.70 16.23 -5.95
C GLU B 474 -35.43 17.53 -5.69
N ALA B 475 -36.72 17.61 -5.99
CA ALA B 475 -37.51 18.81 -5.77
C ALA B 475 -38.86 18.46 -5.15
N SER B 481 -25.99 19.81 -5.52
CA SER B 481 -25.99 19.77 -4.06
C SER B 481 -25.67 18.38 -3.55
N LEU B 482 -24.41 18.20 -3.15
CA LEU B 482 -23.94 16.92 -2.65
C LEU B 482 -24.64 16.58 -1.34
N TRP B 483 -25.04 15.33 -1.18
CA TRP B 483 -25.76 14.88 0.00
C TRP B 483 -24.81 14.22 1.01
N LYS B 484 -25.15 14.39 2.29
CA LYS B 484 -24.40 13.79 3.39
C LYS B 484 -25.31 12.83 4.13
N ILE B 485 -24.74 11.74 4.63
CA ILE B 485 -25.50 10.66 5.26
C ILE B 485 -25.00 10.46 6.67
N ALA B 486 -25.93 10.38 7.62
CA ALA B 486 -25.64 9.98 8.99
C ALA B 486 -26.74 9.05 9.46
N SER B 487 -26.34 7.95 10.10
CA SER B 487 -27.28 6.92 10.54
C SER B 487 -27.29 6.85 12.05
N CYS B 488 -28.48 6.86 12.64
CA CYS B 488 -28.61 6.79 14.08
C CYS B 488 -30.02 6.35 14.45
N ASN B 489 -30.13 5.63 15.56
CA ASN B 489 -31.42 5.20 16.12
C ASN B 489 -32.23 4.36 15.14
N GLY B 490 -31.55 3.66 14.23
CA GLY B 490 -32.19 2.80 13.27
C GLY B 490 -32.64 3.48 12.00
N SER B 491 -32.94 4.78 12.06
CA SER B 491 -33.33 5.55 10.89
C SER B 491 -32.12 6.25 10.29
N ILE B 492 -32.24 6.63 9.03
CA ILE B 492 -31.15 7.23 8.26
C ILE B 492 -31.52 8.67 7.96
N TYR B 493 -30.69 9.61 8.39
CA TYR B 493 -30.89 11.02 8.14
C TYR B 493 -29.90 11.48 7.08
N VAL B 494 -30.41 12.05 6.00
CA VAL B 494 -29.58 12.62 4.93
C VAL B 494 -29.67 14.14 5.01
N PHE B 495 -28.56 14.81 4.73
CA PHE B 495 -28.47 16.25 4.87
C PHE B 495 -28.09 16.90 3.55
N ARG B 496 -28.26 18.21 3.49
CA ARG B 496 -27.87 19.02 2.34
C ARG B 496 -26.57 19.77 2.64
N ASP B 497 -25.98 20.33 1.59
CA ASP B 497 -24.81 21.20 1.75
C ASP B 497 -25.24 22.66 1.84
N ARG B 498 -25.93 23.14 0.81
CA ARG B 498 -26.44 24.51 0.83
C ARG B 498 -27.72 24.54 1.65
N TYR B 499 -27.87 25.59 2.47
CA TYR B 499 -28.82 25.54 3.57
C TYR B 499 -30.07 26.38 3.30
N LYS B 500 -30.03 27.25 2.29
CA LYS B 500 -31.15 28.18 2.06
C LYS B 500 -32.48 27.42 2.08
N LYS B 501 -33.40 27.89 2.90
CA LYS B 501 -34.46 27.06 3.48
C LYS B 501 -35.48 26.67 2.42
N GLY B 502 -35.28 25.48 1.84
CA GLY B 502 -36.28 24.93 0.96
C GLY B 502 -37.51 24.48 1.72
N ASP B 503 -37.41 23.36 2.44
CA ASP B 503 -38.42 23.01 3.44
C ASP B 503 -37.83 22.89 4.83
N ALA B 504 -36.93 21.94 5.06
CA ALA B 504 -36.15 21.88 6.29
C ALA B 504 -34.72 21.43 6.01
N ASN B 505 -34.50 20.93 4.78
CA ASN B 505 -33.19 20.48 4.30
C ASN B 505 -32.59 19.38 5.17
N THR B 506 -33.44 18.68 5.94
CA THR B 506 -33.00 17.57 6.76
C THR B 506 -34.04 16.46 6.60
N TYR B 507 -33.71 15.42 5.85
CA TYR B 507 -34.66 14.39 5.47
C TYR B 507 -34.42 13.13 6.30
N LYS B 508 -35.47 12.66 6.96
CA LYS B 508 -35.47 11.37 7.64
C LYS B 508 -35.98 10.32 6.68
N LEU B 509 -35.14 9.35 6.36
CA LEU B 509 -35.47 8.31 5.39
C LEU B 509 -35.74 7.00 6.13
N ASP B 510 -36.86 6.37 5.80
CA ASP B 510 -37.13 5.02 6.29
C ASP B 510 -36.61 4.05 5.25
N PRO B 511 -35.57 3.26 5.55
CA PRO B 511 -34.91 2.48 4.50
C PRO B 511 -35.69 1.27 4.02
N ALA B 512 -36.82 0.95 4.65
CA ALA B 512 -37.59 -0.21 4.21
C ALA B 512 -38.49 0.13 3.02
N THR B 513 -39.40 1.08 3.21
CA THR B 513 -40.39 1.44 2.21
C THR B 513 -40.03 2.72 1.46
N SER B 514 -38.79 3.21 1.61
CA SER B 514 -38.33 4.43 0.96
C SER B 514 -39.18 5.64 1.34
N ALA B 515 -39.76 5.62 2.55
CA ALA B 515 -40.63 6.69 3.02
C ALA B 515 -39.76 7.87 3.45
N VAL B 516 -39.53 8.78 2.51
CA VAL B 516 -38.71 9.95 2.76
C VAL B 516 -39.59 11.02 3.42
N THR B 517 -39.37 11.24 4.72
CA THR B 517 -40.07 12.27 5.48
C THR B 517 -39.12 13.42 5.74
N VAL B 518 -39.64 14.48 6.34
CA VAL B 518 -38.89 15.69 6.64
C VAL B 518 -39.00 15.97 8.13
N THR B 519 -37.86 16.17 8.78
CA THR B 519 -37.83 16.46 10.21
C THR B 519 -37.75 17.97 10.42
N ARG B 520 -37.58 18.38 11.68
CA ARG B 520 -37.67 19.79 12.03
C ARG B 520 -36.38 20.54 11.74
N GLY B 521 -35.29 20.16 12.43
CA GLY B 521 -34.10 20.98 12.39
C GLY B 521 -34.36 22.28 13.14
N ILE B 522 -34.46 22.18 14.46
CA ILE B 522 -35.11 23.23 15.25
C ILE B 522 -34.53 24.63 15.07
N LYS B 523 -33.26 24.81 15.41
CA LYS B 523 -32.61 26.12 15.26
C LYS B 523 -31.17 25.96 14.81
N VAL B 524 -30.95 25.08 13.83
CA VAL B 524 -29.60 24.89 13.28
C VAL B 524 -29.21 26.15 12.53
N LEU B 525 -28.08 26.75 12.90
CA LEU B 525 -27.58 27.97 12.28
C LEU B 525 -26.45 27.71 11.29
N LEU B 526 -26.24 26.45 10.93
CA LEU B 526 -25.18 26.09 9.98
C LEU B 526 -25.52 26.59 8.58
N THR B 527 -24.47 26.77 7.77
CA THR B 527 -24.66 27.19 6.38
C THR B 527 -23.81 26.45 5.36
N ASN B 528 -22.78 25.70 5.75
CA ASN B 528 -21.98 24.92 4.80
C ASN B 528 -22.00 23.43 5.06
N LEU B 529 -21.91 22.99 6.33
CA LEU B 529 -21.91 21.58 6.69
C LEU B 529 -20.74 20.84 6.02
N GLN B 530 -19.52 21.22 6.46
CA GLN B 530 -18.32 20.63 5.89
C GLN B 530 -18.28 19.12 6.06
N PHE B 531 -18.50 18.64 7.29
CA PHE B 531 -18.49 17.21 7.57
C PHE B 531 -19.63 16.85 8.50
N VAL B 532 -20.23 15.69 8.26
CA VAL B 532 -21.22 15.09 9.14
C VAL B 532 -20.70 13.72 9.53
N LEU B 533 -20.57 13.47 10.83
CA LEU B 533 -19.96 12.25 11.33
C LEU B 533 -21.03 11.33 11.91
N ALA B 534 -21.00 10.07 11.48
CA ALA B 534 -21.97 9.09 11.95
C ALA B 534 -21.78 8.78 13.43
N ARG C 8 37.88 25.10 29.94
CA ARG C 8 37.56 26.49 29.64
C ARG C 8 38.07 26.89 28.27
N ARG C 9 37.28 26.62 27.23
CA ARG C 9 37.61 27.00 25.87
C ARG C 9 36.83 28.24 25.47
N LYS C 10 37.47 29.10 24.69
CA LYS C 10 36.88 30.37 24.31
C LYS C 10 35.71 30.13 23.36
N VAL C 11 34.49 30.37 23.85
CA VAL C 11 33.28 30.18 23.07
C VAL C 11 32.51 31.49 23.10
N CYS C 12 32.16 32.01 21.93
CA CYS C 12 31.42 33.26 21.81
C CYS C 12 29.95 32.99 21.52
N TYR C 13 29.09 33.82 22.08
CA TYR C 13 27.65 33.62 22.02
C TYR C 13 26.99 34.88 21.50
N TYR C 14 25.93 34.70 20.70
CA TYR C 14 25.19 35.80 20.12
C TYR C 14 23.74 35.78 20.57
N TYR C 15 23.24 36.95 20.99
CA TYR C 15 21.86 37.08 21.40
C TYR C 15 21.45 38.54 21.35
N ASP C 16 20.21 38.79 20.95
CA ASP C 16 19.61 40.11 20.98
C ASP C 16 18.22 40.00 21.61
N GLY C 17 17.81 41.08 22.28
CA GLY C 17 16.52 41.11 22.93
C GLY C 17 15.33 41.32 22.03
N ASP C 18 15.57 41.59 20.74
CA ASP C 18 14.50 41.84 19.79
C ASP C 18 14.01 40.57 19.10
N VAL C 19 14.85 39.53 19.02
CA VAL C 19 14.45 38.31 18.33
C VAL C 19 13.32 37.58 19.05
N GLY C 20 13.18 37.77 20.35
CA GLY C 20 12.13 37.11 21.10
C GLY C 20 10.76 37.76 21.02
N ASN C 21 10.63 38.85 20.28
CA ASN C 21 9.37 39.57 20.18
C ASN C 21 8.63 39.33 18.88
N TYR C 22 9.32 38.92 17.82
CA TYR C 22 8.65 38.77 16.53
C TYR C 22 7.73 37.56 16.54
N TYR C 23 6.50 37.78 16.09
CA TYR C 23 5.41 36.82 16.26
C TYR C 23 4.95 36.36 14.88
N TYR C 24 4.85 35.04 14.70
CA TYR C 24 4.50 34.49 13.40
C TYR C 24 3.00 34.45 13.14
N GLY C 25 2.17 34.73 14.14
CA GLY C 25 0.73 34.69 13.96
C GLY C 25 0.09 33.60 14.80
N GLN C 26 -1.24 33.66 14.85
CA GLN C 26 -2.00 32.73 15.68
C GLN C 26 -2.01 31.34 15.06
N GLY C 27 -1.84 30.32 15.91
CA GLY C 27 -1.88 28.95 15.45
C GLY C 27 -0.75 28.56 14.53
N HIS C 28 0.43 29.11 14.74
CA HIS C 28 1.61 28.87 13.91
C HIS C 28 2.65 28.06 14.69
N PRO C 29 3.29 27.08 14.06
CA PRO C 29 4.22 26.21 14.80
C PRO C 29 5.46 26.91 15.33
N MET C 30 6.17 27.61 14.46
CA MET C 30 7.45 28.21 14.84
C MET C 30 7.21 29.46 15.67
N LYS C 31 7.82 29.50 16.85
CA LYS C 31 7.67 30.62 17.77
C LYS C 31 9.04 31.24 18.04
N PRO C 32 9.32 32.44 17.55
CA PRO C 32 10.63 33.06 17.79
C PRO C 32 10.82 33.54 19.23
N HIS C 33 9.86 33.23 20.10
CA HIS C 33 10.03 33.53 21.52
C HIS C 33 10.85 32.46 22.23
N ARG C 34 11.05 31.30 21.59
CA ARG C 34 11.75 30.20 22.22
C ARG C 34 13.20 30.56 22.55
N ILE C 35 13.85 31.32 21.65
CA ILE C 35 15.26 31.65 21.84
C ILE C 35 15.44 32.50 23.08
N ARG C 36 14.48 33.39 23.37
CA ARG C 36 14.60 34.23 24.55
C ARG C 36 14.54 33.40 25.82
N MET C 37 13.67 32.38 25.86
CA MET C 37 13.63 31.51 27.05
C MET C 37 14.87 30.63 27.12
N THR C 38 15.40 30.21 25.97
CA THR C 38 16.66 29.48 25.98
C THR C 38 17.79 30.33 26.56
N HIS C 39 17.85 31.60 26.16
CA HIS C 39 18.84 32.52 26.71
C HIS C 39 18.61 32.73 28.21
N ASN C 40 17.35 32.80 28.64
CA ASN C 40 17.05 32.97 30.05
C ASN C 40 17.44 31.73 30.85
N LEU C 41 17.31 30.54 30.28
CA LEU C 41 17.77 29.33 30.96
C LEU C 41 19.28 29.33 31.13
N LEU C 42 20.01 29.75 30.10
CA LEU C 42 21.43 30.03 30.27
C LEU C 42 21.65 31.15 31.27
N LEU C 43 20.73 32.11 31.31
CA LEU C 43 20.84 33.27 32.18
C LEU C 43 20.61 32.92 33.65
N ASN C 44 20.28 31.67 33.94
CA ASN C 44 20.07 31.21 35.31
C ASN C 44 21.02 30.10 35.72
N TYR C 45 21.78 29.54 34.77
CA TYR C 45 22.69 28.43 35.05
C TYR C 45 24.11 28.85 35.38
N GLY C 46 24.44 30.14 35.23
CA GLY C 46 25.81 30.56 35.43
C GLY C 46 26.73 30.33 34.26
N LEU C 47 26.19 29.90 33.10
CA LEU C 47 27.02 29.64 31.94
C LEU C 47 27.59 30.92 31.33
N TYR C 48 27.06 32.09 31.71
CA TYR C 48 27.60 33.34 31.18
C TYR C 48 29.00 33.62 31.70
N ARG C 49 29.28 33.18 32.93
CA ARG C 49 30.56 33.44 33.57
C ARG C 49 31.73 32.79 32.86
N LYS C 50 31.48 31.80 31.99
CA LYS C 50 32.52 31.09 31.28
C LYS C 50 32.36 31.19 29.77
N MET C 51 31.63 32.20 29.29
CA MET C 51 31.32 32.31 27.87
C MET C 51 31.05 33.76 27.52
N GLU C 52 31.69 34.25 26.47
CA GLU C 52 31.46 35.61 25.99
C GLU C 52 30.06 35.73 25.41
N ILE C 53 29.44 36.88 25.63
CA ILE C 53 28.13 37.20 25.06
C ILE C 53 28.27 38.46 24.23
N TYR C 54 27.88 38.39 22.97
CA TYR C 54 27.92 39.52 22.05
C TYR C 54 26.50 39.89 21.64
N ARG C 55 26.37 41.04 20.97
CA ARG C 55 25.11 41.46 20.38
C ARG C 55 25.25 41.45 18.87
N PRO C 56 24.40 40.71 18.16
CA PRO C 56 24.49 40.71 16.69
C PRO C 56 24.17 42.08 16.12
N HIS C 57 24.87 42.42 15.04
CA HIS C 57 24.60 43.67 14.33
C HIS C 57 23.44 43.48 13.36
N LYS C 58 22.75 44.58 13.09
CA LYS C 58 21.65 44.56 12.12
C LYS C 58 22.22 44.52 10.72
N ALA C 59 21.81 43.51 9.95
CA ALA C 59 22.39 43.28 8.64
C ALA C 59 22.00 44.39 7.66
N ASN C 60 22.49 44.27 6.43
CA ASN C 60 22.27 45.27 5.39
C ASN C 60 22.03 44.53 4.07
N ALA C 61 22.03 45.29 2.97
CA ALA C 61 21.66 44.73 1.68
C ALA C 61 22.85 44.07 0.98
N GLU C 62 24.00 44.75 0.92
CA GLU C 62 25.09 44.26 0.07
C GLU C 62 25.67 42.92 0.57
N GLU C 63 25.76 42.72 1.89
CA GLU C 63 26.15 41.41 2.39
C GLU C 63 25.03 40.38 2.29
N MET C 64 23.79 40.83 2.11
CA MET C 64 22.66 39.92 2.01
C MET C 64 22.43 39.46 0.58
N THR C 65 22.79 40.29 -0.39
CA THR C 65 22.56 40.00 -1.80
C THR C 65 23.63 39.11 -2.42
N LYS C 66 24.61 38.68 -1.62
CA LYS C 66 25.66 37.80 -2.13
C LYS C 66 25.09 36.49 -2.65
N TYR C 67 23.96 36.03 -2.10
CA TYR C 67 23.33 34.79 -2.53
C TYR C 67 21.97 35.02 -3.19
N HIS C 68 21.06 35.71 -2.51
CA HIS C 68 19.72 35.90 -3.03
C HIS C 68 19.72 36.90 -4.20
N SER C 69 18.63 36.85 -4.98
CA SER C 69 18.45 37.77 -6.08
C SER C 69 18.05 39.16 -5.57
N ASP C 70 18.29 40.17 -6.40
CA ASP C 70 18.01 41.54 -6.01
C ASP C 70 16.52 41.80 -5.79
N ASP C 71 15.66 41.28 -6.66
CA ASP C 71 14.23 41.51 -6.53
C ASP C 71 13.65 40.86 -5.28
N TYR C 72 14.19 39.71 -4.87
CA TYR C 72 13.73 39.06 -3.66
C TYR C 72 14.00 39.91 -2.43
N ILE C 73 15.22 40.46 -2.33
CA ILE C 73 15.56 41.35 -1.22
C ILE C 73 14.74 42.62 -1.29
N LYS C 74 14.48 43.12 -2.51
CA LYS C 74 13.66 44.32 -2.64
C LYS C 74 12.24 44.07 -2.12
N PHE C 75 11.66 42.91 -2.44
CA PHE C 75 10.34 42.58 -1.92
C PHE C 75 10.39 42.48 -0.40
N LEU C 76 11.33 41.70 0.14
CA LEU C 76 11.40 41.55 1.59
C LEU C 76 11.63 42.88 2.30
N ARG C 77 12.25 43.85 1.63
CA ARG C 77 12.34 45.20 2.20
C ARG C 77 11.01 45.92 2.13
N SER C 78 10.29 45.75 1.02
CA SER C 78 9.08 46.54 0.77
C SER C 78 7.82 45.93 1.35
N ILE C 79 7.88 44.73 1.93
CA ILE C 79 6.68 44.07 2.43
C ILE C 79 6.26 44.67 3.76
N ARG C 80 4.95 44.72 4.00
CA ARG C 80 4.37 45.22 5.24
C ARG C 80 2.94 44.72 5.32
N PRO C 81 2.43 44.46 6.52
CA PRO C 81 1.05 43.94 6.63
C PRO C 81 -0.03 44.98 6.39
N ASP C 82 0.33 46.21 6.02
CA ASP C 82 -0.68 47.24 5.80
C ASP C 82 -1.23 47.25 4.37
N ASN C 83 -0.41 46.95 3.38
CA ASN C 83 -0.83 46.84 1.99
C ASN C 83 -1.07 45.39 1.60
N MET C 84 -1.72 44.65 2.51
CA MET C 84 -1.87 43.21 2.33
C MET C 84 -2.67 42.88 1.08
N SER C 85 -3.74 43.65 0.83
CA SER C 85 -4.64 43.43 -0.30
C SER C 85 -4.28 44.30 -1.50
N GLU C 86 -3.00 44.60 -1.69
CA GLU C 86 -2.56 45.44 -2.79
C GLU C 86 -1.48 44.82 -3.66
N TYR C 87 -0.70 43.88 -3.13
CA TYR C 87 0.38 43.27 -3.88
C TYR C 87 0.28 41.76 -3.87
N SER C 88 -0.91 41.24 -4.19
CA SER C 88 -1.15 39.80 -4.10
C SER C 88 -0.26 39.00 -5.07
N LYS C 89 -0.03 39.53 -6.28
CA LYS C 89 0.79 38.81 -7.25
C LYS C 89 2.22 38.63 -6.76
N GLN C 90 2.81 39.69 -6.20
CA GLN C 90 4.18 39.60 -5.70
C GLN C 90 4.27 38.58 -4.57
N MET C 91 3.26 38.56 -3.70
CA MET C 91 3.20 37.53 -2.66
C MET C 91 3.16 36.13 -3.27
N GLN C 92 2.20 35.88 -4.17
CA GLN C 92 1.93 34.54 -4.66
C GLN C 92 3.03 34.01 -5.56
N ARG C 93 3.85 34.89 -6.13
CA ARG C 93 4.97 34.39 -6.93
C ARG C 93 6.13 33.95 -6.03
N PHE C 94 6.53 34.79 -5.07
CA PHE C 94 7.67 34.51 -4.22
C PHE C 94 7.35 33.56 -3.07
N ASN C 95 6.13 33.04 -2.99
CA ASN C 95 5.74 32.09 -1.95
C ASN C 95 5.95 32.65 -0.55
N VAL C 96 5.48 33.88 -0.31
CA VAL C 96 5.57 34.50 1.00
C VAL C 96 4.16 34.65 1.54
N GLY C 97 3.28 33.72 1.16
CA GLY C 97 1.89 33.81 1.55
C GLY C 97 1.54 33.04 2.80
N GLU C 98 0.76 31.97 2.64
CA GLU C 98 0.23 31.22 3.76
C GLU C 98 1.22 30.26 4.41
N ASP C 99 2.30 29.90 3.71
CA ASP C 99 3.33 29.06 4.29
C ASP C 99 4.40 29.85 5.03
N CYS C 100 4.64 31.10 4.64
CA CYS C 100 5.54 31.99 5.35
C CYS C 100 4.80 33.29 5.60
N PRO C 101 3.97 33.33 6.64
CA PRO C 101 3.11 34.51 6.85
C PRO C 101 3.93 35.77 7.09
N VAL C 102 3.36 36.89 6.66
CA VAL C 102 4.00 38.18 6.83
C VAL C 102 3.57 38.79 8.16
N PHE C 103 4.37 39.71 8.67
CA PHE C 103 4.14 40.30 9.98
C PHE C 103 4.94 41.59 10.07
N ASP C 104 4.93 42.20 11.25
CA ASP C 104 5.68 43.44 11.47
C ASP C 104 7.17 43.14 11.52
N GLY C 105 7.96 43.89 10.77
CA GLY C 105 9.40 43.77 10.81
C GLY C 105 9.93 42.42 10.36
N LEU C 106 9.37 41.87 9.29
CA LEU C 106 9.91 40.64 8.73
C LEU C 106 11.35 40.84 8.27
N PHE C 107 11.60 41.92 7.53
CA PHE C 107 12.97 42.23 7.15
C PHE C 107 13.84 42.54 8.35
N GLU C 108 13.25 43.06 9.43
CA GLU C 108 14.01 43.26 10.66
C GLU C 108 14.46 41.92 11.24
N PHE C 109 13.57 40.92 11.22
CA PHE C 109 13.95 39.57 11.65
C PHE C 109 15.08 39.02 10.78
N CYS C 110 14.98 39.24 9.47
CA CYS C 110 16.04 38.78 8.58
C CYS C 110 17.35 39.50 8.88
N GLN C 111 17.31 40.82 9.09
CA GLN C 111 18.50 41.56 9.51
C GLN C 111 19.13 40.94 10.74
N LEU C 112 18.32 40.71 11.78
CA LEU C 112 18.87 40.24 13.04
C LEU C 112 19.52 38.86 12.88
N SER C 113 18.81 37.92 12.27
CA SER C 113 19.39 36.58 12.11
C SER C 113 20.61 36.59 11.20
N THR C 114 20.55 37.34 10.09
CA THR C 114 21.68 37.38 9.17
C THR C 114 22.90 38.02 9.83
N GLY C 115 22.71 39.12 10.54
CA GLY C 115 23.82 39.72 11.26
C GLY C 115 24.42 38.77 12.27
N GLY C 116 23.58 38.08 13.04
CA GLY C 116 24.10 37.12 14.00
C GLY C 116 24.96 36.06 13.34
N SER C 117 24.42 35.40 12.31
CA SER C 117 25.16 34.29 11.70
C SER C 117 26.42 34.77 10.99
N VAL C 118 26.34 35.89 10.26
CA VAL C 118 27.50 36.36 9.51
C VAL C 118 28.58 36.86 10.46
N ALA C 119 28.21 37.59 11.52
CA ALA C 119 29.19 38.00 12.51
C ALA C 119 29.80 36.80 13.23
N SER C 120 29.02 35.74 13.44
CA SER C 120 29.58 34.52 14.01
C SER C 120 30.61 33.90 13.08
N ALA C 121 30.34 33.90 11.78
CA ALA C 121 31.33 33.42 10.82
C ALA C 121 32.58 34.31 10.84
N VAL C 122 32.39 35.63 11.00
CA VAL C 122 33.52 36.55 11.06
C VAL C 122 34.34 36.30 12.33
N LYS C 123 33.69 35.91 13.42
CA LYS C 123 34.45 35.53 14.60
C LYS C 123 35.22 34.22 14.40
N LEU C 124 34.56 33.20 13.85
CA LEU C 124 35.21 31.90 13.63
C LEU C 124 36.39 32.01 12.68
N ASN C 125 36.21 32.74 11.58
CA ASN C 125 37.20 32.82 10.50
C ASN C 125 38.43 33.64 10.86
N LYS C 126 38.43 34.31 12.01
CA LYS C 126 39.56 35.13 12.43
C LYS C 126 40.41 34.50 13.53
N GLN C 127 40.24 33.20 13.79
CA GLN C 127 40.96 32.49 14.85
C GLN C 127 40.96 33.25 16.18
N GLN C 128 39.86 33.96 16.48
CA GLN C 128 39.73 34.55 17.81
C GLN C 128 38.93 33.66 18.75
N THR C 129 37.84 33.07 18.28
CA THR C 129 37.04 32.15 19.06
C THR C 129 37.02 30.79 18.36
N ASP C 130 37.24 29.73 19.13
CA ASP C 130 37.33 28.40 18.53
C ASP C 130 35.96 27.90 18.11
N ILE C 131 34.98 27.93 19.02
CA ILE C 131 33.64 27.45 18.76
C ILE C 131 32.68 28.62 18.91
N ALA C 132 31.94 28.92 17.84
CA ALA C 132 31.01 30.04 17.81
C ALA C 132 29.59 29.50 17.80
N VAL C 133 28.76 29.98 18.72
CA VAL C 133 27.40 29.49 18.90
C VAL C 133 26.43 30.63 18.63
N ASN C 134 25.45 30.37 17.76
CA ASN C 134 24.41 31.35 17.46
C ASN C 134 23.11 30.59 17.20
N TRP C 135 22.21 30.59 18.18
CA TRP C 135 20.92 29.92 18.03
C TRP C 135 19.90 30.76 17.29
N ALA C 136 20.20 32.03 17.00
CA ALA C 136 19.23 32.89 16.35
C ALA C 136 18.98 32.47 14.90
N GLY C 137 20.05 32.23 14.15
CA GLY C 137 19.92 31.87 12.75
C GLY C 137 19.60 30.41 12.55
N GLY C 138 20.25 29.78 11.57
CA GLY C 138 20.02 28.38 11.28
C GLY C 138 18.85 28.10 10.38
N LEU C 139 18.20 29.12 9.83
CA LEU C 139 17.06 28.93 8.95
C LEU C 139 17.52 28.36 7.61
N HIS C 140 17.47 27.04 7.46
CA HIS C 140 18.09 26.33 6.35
C HIS C 140 17.06 25.75 5.39
N HIS C 141 15.98 26.48 5.13
CA HIS C 141 15.00 26.07 4.13
C HIS C 141 14.77 27.11 3.04
N ALA C 142 15.21 28.36 3.23
CA ALA C 142 15.02 29.38 2.22
C ALA C 142 15.86 29.07 0.99
N LYS C 143 15.24 29.13 -0.19
CA LYS C 143 15.93 28.88 -1.43
C LYS C 143 16.46 30.20 -1.99
N LYS C 144 16.98 30.18 -3.22
CA LYS C 144 17.67 31.36 -3.74
C LYS C 144 16.73 32.53 -3.96
N SER C 145 15.54 32.29 -4.49
CA SER C 145 14.62 33.39 -4.82
C SER C 145 13.20 33.06 -4.40
N GLU C 146 13.05 32.27 -3.34
CA GLU C 146 11.72 31.96 -2.82
C GLU C 146 11.85 31.44 -1.40
N ALA C 147 10.87 31.77 -0.57
CA ALA C 147 10.81 31.29 0.81
C ALA C 147 10.10 29.95 0.88
N SER C 148 10.47 29.15 1.88
CA SER C 148 9.85 27.86 2.11
C SER C 148 10.21 27.38 3.50
N GLY C 149 9.32 26.59 4.08
CA GLY C 149 9.57 26.01 5.40
C GLY C 149 9.78 27.03 6.50
N PHE C 150 8.99 28.10 6.50
CA PHE C 150 9.04 29.16 7.51
C PHE C 150 10.40 29.87 7.57
N CYS C 151 11.28 29.58 6.61
CA CYS C 151 12.60 30.19 6.56
C CYS C 151 12.62 31.20 5.42
N TYR C 152 12.89 32.46 5.75
CA TYR C 152 12.82 33.53 4.78
C TYR C 152 14.15 33.74 4.06
N VAL C 153 15.24 33.83 4.82
CA VAL C 153 16.57 34.04 4.27
C VAL C 153 17.50 32.95 4.78
N ASN C 154 18.26 32.37 3.86
CA ASN C 154 19.09 31.21 4.16
C ASN C 154 20.39 31.70 4.79
N ASP C 155 20.46 31.61 6.13
CA ASP C 155 21.60 32.16 6.84
C ASP C 155 22.79 31.23 6.84
N ILE C 156 22.56 29.92 6.89
CA ILE C 156 23.68 28.99 6.94
C ILE C 156 24.46 29.01 5.64
N VAL C 157 23.79 29.25 4.52
CA VAL C 157 24.48 29.41 3.25
C VAL C 157 25.36 30.65 3.25
N LEU C 158 24.86 31.77 3.80
CA LEU C 158 25.69 32.97 3.91
C LEU C 158 26.90 32.72 4.80
N ALA C 159 26.71 32.02 5.92
CA ALA C 159 27.83 31.72 6.81
C ALA C 159 28.86 30.84 6.12
N ILE C 160 28.42 29.82 5.38
CA ILE C 160 29.37 28.97 4.68
C ILE C 160 30.10 29.75 3.58
N LEU C 161 29.38 30.63 2.88
CA LEU C 161 30.00 31.46 1.86
C LEU C 161 31.09 32.35 2.48
N GLU C 162 30.81 32.92 3.64
CA GLU C 162 31.82 33.69 4.35
C GLU C 162 33.02 32.83 4.74
N LEU C 163 32.78 31.64 5.29
CA LEU C 163 33.87 30.75 5.67
C LEU C 163 34.71 30.32 4.47
N LEU C 164 34.12 30.28 3.27
CA LEU C 164 34.83 29.79 2.11
C LEU C 164 35.87 30.77 1.58
N LYS C 165 35.77 32.05 1.95
CA LYS C 165 36.74 33.03 1.46
C LYS C 165 38.13 32.82 2.05
N TYR C 166 38.21 32.12 3.18
CA TYR C 166 39.46 31.92 3.91
C TYR C 166 39.84 30.45 4.06
N HIS C 167 38.88 29.58 4.33
CA HIS C 167 39.12 28.15 4.47
C HIS C 167 39.06 27.48 3.11
N GLN C 168 39.50 26.22 3.07
CA GLN C 168 39.52 25.48 1.81
C GLN C 168 38.24 24.68 1.62
N ARG C 169 37.91 23.82 2.57
CA ARG C 169 36.78 22.91 2.46
C ARG C 169 35.95 22.98 3.74
N VAL C 170 34.65 23.16 3.58
CA VAL C 170 33.73 23.35 4.69
C VAL C 170 32.74 22.20 4.70
N LEU C 171 32.60 21.53 5.84
CA LEU C 171 31.70 20.40 5.99
C LEU C 171 30.45 20.86 6.72
N TYR C 172 29.29 20.55 6.16
CA TYR C 172 28.00 20.90 6.74
C TYR C 172 27.35 19.65 7.31
N ILE C 173 26.89 19.73 8.56
CA ILE C 173 26.26 18.61 9.24
C ILE C 173 24.83 19.00 9.60
N ASP C 174 23.88 18.13 9.27
CA ASP C 174 22.46 18.42 9.46
C ASP C 174 21.84 17.33 10.32
N ILE C 175 21.51 17.66 11.57
CA ILE C 175 20.79 16.75 12.45
C ILE C 175 19.29 17.01 12.42
N ASP C 176 18.85 18.11 11.80
CA ASP C 176 17.44 18.46 11.77
C ASP C 176 16.62 17.38 11.08
N ILE C 177 15.39 17.17 11.57
CA ILE C 177 14.57 16.08 11.06
C ILE C 177 14.21 16.33 9.60
N HIS C 178 14.01 17.58 9.21
CA HIS C 178 13.77 17.94 7.82
C HIS C 178 15.05 17.83 7.01
N HIS C 179 14.89 17.68 5.70
CA HIS C 179 16.04 17.70 4.81
C HIS C 179 16.55 19.12 4.65
N GLY C 180 17.87 19.29 4.77
CA GLY C 180 18.48 20.57 4.51
C GLY C 180 18.61 20.84 3.02
N ASP C 181 17.48 20.96 2.34
CA ASP C 181 17.52 21.18 0.90
C ASP C 181 18.04 22.56 0.54
N GLY C 182 17.83 23.56 1.41
CA GLY C 182 18.26 24.91 1.08
C GLY C 182 19.76 25.03 0.93
N VAL C 183 20.52 24.45 1.87
CA VAL C 183 21.98 24.48 1.75
C VAL C 183 22.45 23.57 0.63
N GLU C 184 21.83 22.39 0.47
CA GLU C 184 22.26 21.46 -0.57
C GLU C 184 21.99 22.01 -1.95
N GLU C 185 20.90 22.76 -2.12
CA GLU C 185 20.59 23.35 -3.41
C GLU C 185 21.66 24.33 -3.87
N ALA C 186 22.15 25.17 -2.95
CA ALA C 186 23.16 26.17 -3.29
C ALA C 186 24.51 25.56 -3.63
N PHE C 187 24.87 24.45 -2.99
CA PHE C 187 26.19 23.85 -3.16
C PHE C 187 26.11 22.49 -3.85
N TYR C 188 25.17 22.35 -4.78
CA TYR C 188 24.96 21.09 -5.49
C TYR C 188 25.90 20.90 -6.66
N THR C 189 26.65 21.94 -7.04
CA THR C 189 27.58 21.86 -8.16
C THR C 189 29.03 22.10 -7.75
N THR C 190 29.27 22.97 -6.78
CA THR C 190 30.63 23.30 -6.37
C THR C 190 31.25 22.12 -5.62
N ASP C 191 32.58 22.12 -5.55
CA ASP C 191 33.33 21.01 -4.96
C ASP C 191 34.01 21.39 -3.65
N ARG C 192 33.67 22.52 -3.05
CA ARG C 192 34.32 22.95 -1.83
C ARG C 192 33.44 22.81 -0.59
N VAL C 193 32.25 22.23 -0.71
CA VAL C 193 31.36 22.04 0.44
C VAL C 193 30.76 20.64 0.35
N MET C 194 30.87 19.89 1.44
CA MET C 194 30.24 18.59 1.57
C MET C 194 29.13 18.71 2.59
N THR C 195 27.89 18.49 2.16
CA THR C 195 26.73 18.62 3.04
C THR C 195 26.23 17.23 3.42
N VAL C 196 26.31 16.90 4.70
CA VAL C 196 25.82 15.63 5.21
C VAL C 196 24.53 15.89 5.99
N SER C 197 23.43 15.32 5.51
CA SER C 197 22.12 15.57 6.09
C SER C 197 21.44 14.25 6.42
N PHE C 198 21.05 14.08 7.68
CA PHE C 198 20.28 12.93 8.13
C PHE C 198 18.84 13.38 8.29
N HIS C 199 17.96 12.94 7.39
CA HIS C 199 16.59 13.40 7.38
C HIS C 199 15.64 12.24 7.16
N LYS C 200 14.46 12.35 7.78
CA LYS C 200 13.40 11.39 7.56
C LYS C 200 12.72 11.66 6.22
N TYR C 201 12.54 10.60 5.44
CA TYR C 201 11.88 10.75 4.14
C TYR C 201 11.13 9.44 3.85
N GLY C 202 9.85 9.40 4.22
CA GLY C 202 8.91 8.53 3.57
C GLY C 202 7.95 9.34 2.73
N GLU C 203 7.42 10.38 3.35
CA GLU C 203 6.60 11.38 2.65
C GLU C 203 6.82 12.78 3.20
N TYR C 204 7.79 12.98 4.08
CA TYR C 204 7.86 14.16 4.92
C TYR C 204 8.31 15.39 4.12
N PHE C 205 8.09 16.55 4.71
CA PHE C 205 8.57 17.81 4.16
C PHE C 205 10.10 17.76 4.05
N PRO C 206 10.69 18.20 2.94
CA PRO C 206 10.10 18.68 1.69
C PRO C 206 9.96 17.62 0.61
N GLY C 207 10.17 16.36 0.93
CA GLY C 207 10.08 15.30 -0.06
C GLY C 207 11.32 15.07 -0.87
N THR C 208 12.32 15.95 -0.77
CA THR C 208 13.59 15.76 -1.43
C THR C 208 14.50 14.90 -0.56
N GLY C 209 15.75 14.77 -0.98
CA GLY C 209 16.72 14.02 -0.19
C GLY C 209 16.72 12.53 -0.47
N ASP C 210 16.50 12.16 -1.72
CA ASP C 210 16.58 10.77 -2.11
C ASP C 210 18.03 10.29 -2.03
N LEU C 211 18.19 8.97 -1.86
CA LEU C 211 19.53 8.40 -1.83
C LEU C 211 20.29 8.65 -3.12
N ARG C 212 19.65 8.42 -4.26
CA ARG C 212 20.31 8.43 -5.55
C ARG C 212 20.70 9.83 -6.01
N ASP C 213 20.26 10.88 -5.30
CA ASP C 213 20.71 12.23 -5.56
C ASP C 213 21.95 12.49 -4.71
N ILE C 214 23.12 12.37 -5.33
CA ILE C 214 24.38 12.45 -4.59
C ILE C 214 25.16 13.68 -5.06
N GLY C 215 25.00 14.05 -6.32
CA GLY C 215 25.70 15.20 -6.84
C GLY C 215 25.75 15.16 -8.36
N ALA C 216 26.29 16.25 -8.92
CA ALA C 216 26.38 16.38 -10.37
C ALA C 216 27.43 17.42 -10.71
N GLY C 217 27.84 17.42 -11.97
CA GLY C 217 28.82 18.39 -12.44
C GLY C 217 30.15 18.23 -11.75
N LYS C 218 30.78 19.35 -11.40
CA LYS C 218 32.02 19.30 -10.64
C LYS C 218 31.79 18.67 -9.27
N GLY C 219 30.69 19.01 -8.62
CA GLY C 219 30.37 18.47 -7.32
C GLY C 219 29.64 17.15 -7.38
N LYS C 220 30.34 16.11 -7.85
CA LYS C 220 29.78 14.76 -7.81
C LYS C 220 30.34 14.03 -6.59
N TYR C 221 29.46 13.29 -5.91
CA TYR C 221 29.78 12.62 -4.65
C TYR C 221 30.19 13.61 -3.56
N TYR C 222 29.80 14.88 -3.70
CA TYR C 222 30.10 15.88 -2.69
C TYR C 222 28.81 16.35 -2.04
N ALA C 223 27.90 15.42 -1.80
CA ALA C 223 26.69 15.67 -1.02
C ALA C 223 26.18 14.32 -0.53
N VAL C 224 26.22 14.11 0.78
CA VAL C 224 25.92 12.83 1.39
C VAL C 224 24.56 12.94 2.05
N ASN C 225 23.51 12.50 1.35
CA ASN C 225 22.18 12.46 1.91
C ASN C 225 21.93 11.10 2.53
N TYR C 226 20.99 11.07 3.48
CA TYR C 226 20.86 9.86 4.29
C TYR C 226 19.44 9.72 4.81
N PRO C 227 18.57 8.96 4.14
CA PRO C 227 17.19 8.80 4.61
C PRO C 227 17.08 7.86 5.79
N LEU C 228 16.02 8.06 6.57
CA LEU C 228 15.70 7.22 7.72
C LEU C 228 14.20 6.96 7.74
N ARG C 229 13.72 6.36 8.83
CA ARG C 229 12.31 6.15 9.06
C ARG C 229 11.98 6.53 10.49
N ASP C 230 10.68 6.58 10.79
CA ASP C 230 10.19 7.15 12.03
C ASP C 230 10.58 6.29 13.24
N GLY C 231 10.62 6.94 14.39
CA GLY C 231 10.78 6.25 15.66
C GLY C 231 12.17 5.77 16.00
N ILE C 232 13.20 6.26 15.32
CA ILE C 232 14.56 5.80 15.57
C ILE C 232 14.97 6.16 17.00
N ASP C 233 15.43 5.16 17.75
CA ASP C 233 15.82 5.37 19.15
C ASP C 233 17.24 5.91 19.22
N ASP C 234 17.75 6.06 20.44
CA ASP C 234 19.05 6.70 20.64
C ASP C 234 20.22 5.82 20.19
N GLU C 235 20.21 4.55 20.58
CA GLU C 235 21.35 3.69 20.28
C GLU C 235 21.54 3.50 18.79
N SER C 236 20.44 3.32 18.05
CA SER C 236 20.55 3.24 16.61
C SER C 236 21.13 4.52 16.04
N TYR C 237 20.65 5.68 16.49
CA TYR C 237 21.15 6.95 15.95
C TYR C 237 22.64 7.12 16.22
N GLU C 238 23.11 6.73 17.40
CA GLU C 238 24.55 6.79 17.65
C GLU C 238 25.31 5.85 16.73
N ALA C 239 24.82 4.62 16.56
CA ALA C 239 25.49 3.65 15.70
C ALA C 239 25.47 4.05 14.22
N ILE C 240 24.58 4.94 13.82
CA ILE C 240 24.56 5.46 12.45
C ILE C 240 25.26 6.79 12.29
N PHE C 241 25.50 7.50 13.39
CA PHE C 241 26.15 8.80 13.29
C PHE C 241 27.65 8.73 13.54
N LYS C 242 28.12 7.70 14.26
CA LYS C 242 29.55 7.61 14.51
C LYS C 242 30.35 7.15 13.29
N PRO C 243 29.95 6.09 12.58
CA PRO C 243 30.77 5.64 11.44
C PRO C 243 30.80 6.62 10.27
N VAL C 244 29.65 7.15 9.86
CA VAL C 244 29.60 8.00 8.67
C VAL C 244 30.39 9.28 8.88
N MET C 245 30.25 9.92 10.04
CA MET C 245 30.97 11.16 10.30
C MET C 245 32.47 10.93 10.38
N SER C 246 32.91 9.86 11.05
CA SER C 246 34.33 9.55 11.05
C SER C 246 34.85 9.29 9.65
N LYS C 247 34.07 8.59 8.82
CA LYS C 247 34.49 8.30 7.45
C LYS C 247 34.63 9.59 6.64
N VAL C 248 33.65 10.48 6.72
CA VAL C 248 33.71 11.73 5.99
C VAL C 248 34.89 12.57 6.45
N MET C 249 35.07 12.71 7.77
CA MET C 249 36.17 13.51 8.28
C MET C 249 37.51 12.83 8.05
N GLU C 250 37.51 11.56 7.68
CA GLU C 250 38.75 10.91 7.26
C GLU C 250 39.08 11.17 5.80
N MET C 251 38.09 11.10 4.90
CA MET C 251 38.38 11.31 3.48
C MET C 251 38.07 12.71 2.96
N PHE C 252 37.49 13.60 3.76
CA PHE C 252 37.24 14.95 3.26
C PHE C 252 38.21 15.97 3.83
N GLN C 253 38.66 15.77 5.07
CA GLN C 253 39.59 16.67 5.76
C GLN C 253 39.16 18.12 5.66
N PRO C 254 37.99 18.48 6.19
CA PRO C 254 37.57 19.89 6.16
C PRO C 254 38.29 20.70 7.23
N SER C 255 38.32 22.01 7.01
CA SER C 255 38.94 22.92 7.96
C SER C 255 37.92 23.72 8.77
N ALA C 256 36.63 23.49 8.56
CA ALA C 256 35.59 24.20 9.31
C ALA C 256 34.31 23.39 9.25
N VAL C 257 33.73 23.12 10.40
CA VAL C 257 32.53 22.30 10.51
C VAL C 257 31.38 23.17 10.98
N VAL C 258 30.36 23.32 10.14
CA VAL C 258 29.15 24.05 10.49
C VAL C 258 28.07 23.03 10.83
N LEU C 259 27.78 22.86 12.10
CA LEU C 259 26.83 21.88 12.59
C LEU C 259 25.50 22.56 12.87
N GLN C 260 24.46 22.14 12.16
CA GLN C 260 23.11 22.67 12.37
C GLN C 260 22.46 21.78 13.43
N CYS C 261 22.46 22.26 14.68
CA CYS C 261 21.94 21.49 15.81
C CYS C 261 20.42 21.69 15.89
N GLY C 262 19.71 20.95 15.07
CA GLY C 262 18.26 20.99 15.09
C GLY C 262 17.70 20.46 16.39
N SER C 263 16.48 20.93 16.71
CA SER C 263 15.86 20.52 17.97
C SER C 263 14.41 20.12 17.82
N ASP C 264 13.95 19.87 16.59
CA ASP C 264 12.60 19.34 16.36
C ASP C 264 12.61 17.83 16.09
N SER C 265 13.73 17.17 16.39
CA SER C 265 13.82 15.73 16.30
C SER C 265 13.69 15.05 17.66
N LEU C 266 13.32 15.80 18.70
CA LEU C 266 13.25 15.26 20.05
C LEU C 266 11.97 14.44 20.23
N SER C 267 11.72 14.06 21.48
CA SER C 267 10.64 13.13 21.81
C SER C 267 9.31 13.89 21.93
N GLY C 268 8.63 14.06 20.80
CA GLY C 268 7.25 14.51 20.84
C GLY C 268 6.99 15.96 20.54
N ASP C 269 7.64 16.50 19.50
CA ASP C 269 7.30 17.85 19.07
C ASP C 269 6.06 17.81 18.17
N ARG C 270 5.49 19.01 17.94
CA ARG C 270 4.29 19.10 17.12
C ARG C 270 4.53 18.59 15.71
N LEU C 271 5.63 18.99 15.08
CA LEU C 271 6.01 18.47 13.78
C LEU C 271 7.10 17.41 13.86
N GLY C 272 7.55 17.06 15.07
CA GLY C 272 8.57 16.05 15.21
C GLY C 272 8.03 14.65 15.00
N CYS C 273 8.92 13.75 14.60
CA CYS C 273 8.56 12.35 14.38
C CYS C 273 9.54 11.36 14.97
N PHE C 274 10.75 11.78 15.37
CA PHE C 274 11.75 10.86 15.87
C PHE C 274 11.49 10.55 17.34
N ASN C 275 12.39 9.80 17.96
CA ASN C 275 12.26 9.44 19.37
C ASN C 275 13.61 9.57 20.06
N LEU C 276 14.30 10.68 19.80
CA LEU C 276 15.62 10.91 20.36
C LEU C 276 15.55 11.76 21.62
N THR C 277 16.32 11.38 22.63
CA THR C 277 16.41 12.15 23.85
C THR C 277 17.51 13.20 23.74
N ILE C 278 17.63 14.06 24.75
CA ILE C 278 18.67 15.07 24.76
C ILE C 278 20.04 14.44 24.92
N LYS C 279 20.13 13.32 25.65
CA LYS C 279 21.42 12.72 25.96
C LYS C 279 22.15 12.28 24.70
N GLY C 280 21.47 11.54 23.83
CA GLY C 280 22.07 11.11 22.58
C GLY C 280 22.38 12.24 21.61
N HIS C 281 21.51 13.25 21.57
CA HIS C 281 21.77 14.42 20.72
C HIS C 281 23.06 15.11 21.16
N ALA C 282 23.21 15.29 22.48
CA ALA C 282 24.44 15.85 23.04
C ALA C 282 25.64 14.95 22.79
N LYS C 283 25.46 13.63 22.86
CA LYS C 283 26.56 12.73 22.56
C LYS C 283 27.00 12.89 21.10
N CYS C 284 26.06 13.06 20.18
CA CYS C 284 26.41 13.28 18.77
C CYS C 284 27.19 14.57 18.60
N VAL C 285 26.70 15.68 19.15
CA VAL C 285 27.42 16.94 18.96
C VAL C 285 28.78 16.90 19.64
N GLU C 286 28.89 16.26 20.81
CA GLU C 286 30.19 16.09 21.44
C GLU C 286 31.12 15.24 20.59
N PHE C 287 30.59 14.21 19.92
CA PHE C 287 31.39 13.45 18.96
C PHE C 287 31.95 14.36 17.88
N VAL C 288 31.10 15.17 17.25
CA VAL C 288 31.63 16.07 16.23
C VAL C 288 32.57 17.11 16.85
N LYS C 289 32.27 17.56 18.07
CA LYS C 289 33.13 18.53 18.73
C LYS C 289 34.50 17.95 19.08
N SER C 290 34.57 16.64 19.30
CA SER C 290 35.80 15.99 19.77
C SER C 290 36.91 15.97 18.72
N PHE C 291 36.70 16.57 17.56
CA PHE C 291 37.73 16.62 16.52
C PHE C 291 38.46 17.96 16.48
N ASN C 292 38.31 18.78 17.52
CA ASN C 292 38.97 20.07 17.72
C ASN C 292 39.15 20.87 16.42
N LEU C 293 38.10 20.95 15.62
CA LEU C 293 38.05 21.76 14.41
C LEU C 293 37.36 23.08 14.69
N PRO C 294 37.58 24.10 13.85
CA PRO C 294 36.85 25.36 14.04
C PRO C 294 35.37 25.19 13.78
N MET C 295 34.58 25.21 14.85
CA MET C 295 33.17 24.87 14.82
C MET C 295 32.31 26.11 14.63
N LEU C 296 31.07 25.90 14.22
CA LEU C 296 30.05 26.94 14.15
C LEU C 296 28.69 26.32 14.38
N MET C 297 28.10 26.59 15.53
CA MET C 297 26.79 26.06 15.88
C MET C 297 25.71 26.96 15.29
N LEU C 298 24.60 26.34 14.88
CA LEU C 298 23.43 27.06 14.42
C LEU C 298 22.19 26.49 15.11
N GLY C 299 21.06 27.15 14.87
CA GLY C 299 19.80 26.70 15.44
C GLY C 299 18.91 26.06 14.39
N GLY C 300 17.79 26.71 14.08
CA GLY C 300 16.89 26.20 13.07
C GLY C 300 16.01 25.09 13.59
N GLY C 301 14.72 25.15 13.28
CA GLY C 301 13.78 24.14 13.73
C GLY C 301 13.49 24.25 15.21
N GLY C 302 12.58 23.40 15.66
CA GLY C 302 12.17 23.41 17.05
C GLY C 302 10.80 24.00 17.25
N TYR C 303 9.83 23.16 17.64
CA TYR C 303 8.43 23.57 17.65
C TYR C 303 7.71 23.25 18.95
N THR C 304 8.44 22.88 20.00
CA THR C 304 7.89 22.76 21.35
C THR C 304 8.84 23.50 22.28
N ILE C 305 8.37 24.62 22.84
CA ILE C 305 9.26 25.58 23.47
C ILE C 305 10.01 24.98 24.65
N ARG C 306 9.33 24.18 25.48
CA ARG C 306 9.99 23.58 26.64
C ARG C 306 11.13 22.68 26.21
N ASN C 307 10.85 21.74 25.31
CA ASN C 307 11.86 20.80 24.85
C ASN C 307 13.01 21.51 24.14
N VAL C 308 12.69 22.52 23.32
CA VAL C 308 13.73 23.27 22.64
C VAL C 308 14.63 23.97 23.63
N ALA C 309 14.04 24.63 24.63
CA ALA C 309 14.86 25.32 25.62
C ALA C 309 15.76 24.34 26.36
N ARG C 310 15.22 23.20 26.79
CA ARG C 310 16.03 22.21 27.50
C ARG C 310 17.17 21.70 26.63
N CYS C 311 16.85 21.31 25.39
CA CYS C 311 17.87 20.74 24.51
C CYS C 311 18.95 21.75 24.20
N TRP C 312 18.59 22.99 23.90
CA TRP C 312 19.59 23.98 23.54
C TRP C 312 20.42 24.40 24.75
N THR C 313 19.83 24.47 25.94
CA THR C 313 20.64 24.76 27.11
C THR C 313 21.62 23.64 27.42
N TYR C 314 21.22 22.38 27.23
CA TYR C 314 22.18 21.30 27.47
C TYR C 314 23.25 21.26 26.39
N GLU C 315 22.90 21.61 25.15
CA GLU C 315 23.90 21.72 24.09
C GLU C 315 24.91 22.83 24.39
N THR C 316 24.44 23.97 24.86
CA THR C 316 25.37 25.04 25.23
C THR C 316 26.23 24.63 26.41
N ALA C 317 25.67 23.85 27.33
CA ALA C 317 26.47 23.34 28.45
C ALA C 317 27.56 22.38 27.97
N VAL C 318 27.22 21.46 27.06
CA VAL C 318 28.21 20.48 26.62
C VAL C 318 29.26 21.12 25.73
N ALA C 319 28.90 22.17 24.99
CA ALA C 319 29.91 22.88 24.20
C ALA C 319 30.96 23.54 25.07
N LEU C 320 30.61 23.91 26.31
CA LEU C 320 31.53 24.53 27.25
C LEU C 320 32.19 23.53 28.18
N ASP C 321 31.79 22.26 28.13
CA ASP C 321 32.30 21.22 29.03
C ASP C 321 32.12 21.61 30.49
N THR C 322 30.88 21.94 30.85
CA THR C 322 30.51 22.28 32.22
C THR C 322 29.33 21.41 32.63
N GLU C 323 29.48 20.70 33.74
CA GLU C 323 28.40 19.89 34.28
C GLU C 323 27.34 20.79 34.90
N ILE C 324 26.08 20.41 34.74
CA ILE C 324 24.97 21.23 35.22
C ILE C 324 24.02 20.38 36.04
N PRO C 325 23.39 20.95 37.07
CA PRO C 325 22.41 20.18 37.86
C PRO C 325 21.17 19.86 37.04
N ASN C 326 20.55 18.72 37.36
CA ASN C 326 19.32 18.33 36.70
C ASN C 326 18.14 19.20 37.13
N GLU C 327 18.13 19.67 38.38
CA GLU C 327 17.03 20.48 38.88
C GLU C 327 17.12 21.89 38.32
N LEU C 328 16.01 22.38 37.79
CA LEU C 328 15.97 23.73 37.25
C LEU C 328 16.05 24.74 38.40
N PRO C 329 16.70 25.89 38.19
CA PRO C 329 16.96 26.81 39.31
C PRO C 329 15.83 27.78 39.59
N TYR C 330 16.03 28.62 40.61
CA TYR C 330 15.07 29.67 40.96
C TYR C 330 15.03 30.71 39.86
N ASN C 331 13.87 30.87 39.22
CA ASN C 331 13.77 31.76 38.07
C ASN C 331 12.31 32.19 37.91
N ASP C 332 11.98 32.75 36.76
CA ASP C 332 10.62 33.20 36.46
C ASP C 332 9.78 32.12 35.78
N TYR C 333 10.31 30.91 35.61
CA TYR C 333 9.66 29.87 34.81
C TYR C 333 9.54 28.58 35.62
N PHE C 334 9.02 28.69 36.85
CA PHE C 334 8.76 27.50 37.64
C PHE C 334 7.63 26.67 37.03
N GLU C 335 6.43 27.25 36.96
CA GLU C 335 5.26 26.51 36.48
C GLU C 335 5.27 26.32 34.97
N TYR C 336 6.16 27.00 34.25
CA TYR C 336 6.22 26.85 32.81
C TYR C 336 6.83 25.50 32.41
N PHE C 337 7.84 25.06 33.15
CA PHE C 337 8.57 23.84 32.84
C PHE C 337 8.01 22.60 33.52
N GLY C 338 6.92 22.74 34.28
CA GLY C 338 6.40 21.66 35.07
C GLY C 338 5.85 20.51 34.24
N PRO C 339 5.44 19.42 34.91
CA PRO C 339 5.48 19.21 36.36
C PRO C 339 6.72 18.45 36.83
N ASP C 340 7.52 17.90 35.91
CA ASP C 340 8.69 17.10 36.30
C ASP C 340 9.84 17.95 36.81
N PHE C 341 9.98 19.19 36.31
CA PHE C 341 10.97 20.15 36.76
C PHE C 341 12.40 19.70 36.46
N LYS C 342 12.57 18.69 35.61
CA LYS C 342 13.89 18.17 35.30
C LYS C 342 14.34 18.66 33.92
N LEU C 343 15.57 18.31 33.56
CA LEU C 343 16.17 18.76 32.31
C LEU C 343 16.03 17.75 31.19
N HIS C 344 16.24 16.47 31.48
CA HIS C 344 16.18 15.44 30.45
C HIS C 344 14.74 15.03 30.19
N ILE C 345 14.52 14.39 29.03
CA ILE C 345 13.21 13.98 28.57
C ILE C 345 13.19 12.47 28.39
N SER C 346 12.20 11.82 28.99
CA SER C 346 12.05 10.38 28.79
C SER C 346 11.53 10.10 27.37
N PRO C 347 12.00 9.02 26.75
CA PRO C 347 11.52 8.69 25.40
C PRO C 347 10.07 8.29 25.41
N SER C 348 9.43 8.47 24.25
CA SER C 348 8.03 8.15 24.07
C SER C 348 7.88 6.66 23.74
N ASN C 349 6.67 6.25 23.34
CA ASN C 349 6.36 4.85 23.07
C ASN C 349 6.26 4.56 21.58
N MET C 350 6.86 5.39 20.73
CA MET C 350 6.83 5.15 19.29
C MET C 350 7.71 3.95 18.95
N THR C 351 7.21 3.08 18.07
CA THR C 351 7.93 1.89 17.66
C THR C 351 8.74 2.17 16.41
N ASN C 352 10.05 1.91 16.49
CA ASN C 352 10.93 2.18 15.36
C ASN C 352 10.64 1.24 14.20
N GLN C 353 10.77 1.78 12.98
CA GLN C 353 10.50 1.03 11.76
C GLN C 353 11.75 0.82 10.91
N ASN C 354 12.93 1.15 11.43
CA ASN C 354 14.19 0.95 10.72
C ASN C 354 14.91 -0.22 11.37
N THR C 355 14.91 -1.37 10.68
CA THR C 355 15.52 -2.57 11.22
C THR C 355 17.04 -2.49 11.16
N ASN C 356 17.68 -3.44 11.85
CA ASN C 356 19.15 -3.48 11.86
C ASN C 356 19.69 -3.73 10.46
N GLU C 357 19.06 -4.64 9.69
CA GLU C 357 19.55 -4.94 8.34
C GLU C 357 19.41 -3.74 7.41
N TYR C 358 18.31 -2.99 7.52
CA TYR C 358 18.18 -1.76 6.74
C TYR C 358 19.31 -0.79 7.07
N LEU C 359 19.65 -0.70 8.35
CA LEU C 359 20.67 0.26 8.73
C LEU C 359 22.04 -0.16 8.22
N GLU C 360 22.33 -1.46 8.30
CA GLU C 360 23.57 -1.97 7.75
C GLU C 360 23.65 -1.72 6.26
N LYS C 361 22.54 -1.94 5.55
CA LYS C 361 22.52 -1.72 4.11
C LYS C 361 22.76 -0.26 3.76
N ILE C 362 22.10 0.66 4.47
CA ILE C 362 22.28 2.07 4.16
C ILE C 362 23.69 2.54 4.51
N LYS C 363 24.26 2.05 5.61
CA LYS C 363 25.64 2.41 5.94
C LYS C 363 26.62 1.88 4.91
N GLN C 364 26.39 0.65 4.43
CA GLN C 364 27.27 0.04 3.43
C GLN C 364 27.16 0.79 2.11
N ARG C 365 25.95 1.18 1.70
CA ARG C 365 25.77 2.00 0.50
C ARG C 365 26.48 3.33 0.63
N LEU C 366 26.36 4.00 1.77
CA LEU C 366 27.08 5.25 1.96
C LEU C 366 28.59 5.06 1.92
N PHE C 367 29.09 3.96 2.49
CA PHE C 367 30.52 3.68 2.43
C PHE C 367 30.97 3.52 0.98
N GLU C 368 30.21 2.79 0.16
CA GLU C 368 30.58 2.68 -1.24
C GLU C 368 30.56 4.03 -1.94
N ASN C 369 29.56 4.87 -1.64
CA ASN C 369 29.52 6.19 -2.25
C ASN C 369 30.72 7.03 -1.86
N LEU C 370 31.15 6.94 -0.60
CA LEU C 370 32.26 7.75 -0.10
C LEU C 370 33.62 7.22 -0.52
N ARG C 371 33.74 5.92 -0.81
CA ARG C 371 35.01 5.40 -1.34
C ARG C 371 35.38 6.02 -2.67
N MET C 372 34.42 6.59 -3.40
CA MET C 372 34.64 7.15 -4.72
C MET C 372 35.20 8.57 -4.69
N LEU C 373 35.41 9.14 -3.51
CA LEU C 373 35.95 10.48 -3.41
C LEU C 373 37.36 10.51 -3.98
N PRO C 374 37.68 11.47 -4.85
CA PRO C 374 39.03 11.52 -5.43
C PRO C 374 40.10 11.74 -4.36
N HIS C 375 41.23 11.08 -4.55
CA HIS C 375 42.33 11.19 -3.61
C HIS C 375 42.94 12.58 -3.65
N ALA C 376 43.25 13.11 -2.48
CA ALA C 376 43.84 14.45 -2.37
C ALA C 376 44.75 14.55 -1.14
N MET D 21 16.12 17.63 -8.21
CA MET D 21 16.83 18.78 -7.68
C MET D 21 17.30 19.68 -8.83
N ARG D 22 17.01 20.97 -8.71
CA ARG D 22 17.28 21.91 -9.79
C ARG D 22 18.77 22.17 -9.95
N VAL D 23 19.19 22.38 -11.19
CA VAL D 23 20.57 22.75 -11.54
C VAL D 23 20.52 23.98 -12.44
N GLY D 24 21.30 25.00 -12.08
CA GLY D 24 21.34 26.21 -12.86
C GLY D 24 21.84 27.40 -12.06
N PRO D 25 22.49 28.35 -12.74
CA PRO D 25 23.08 29.50 -12.03
C PRO D 25 22.03 30.39 -11.36
N GLN D 26 20.76 30.15 -11.65
CA GLN D 26 19.67 30.83 -10.99
C GLN D 26 19.25 30.14 -9.69
N TYR D 27 19.93 29.06 -9.33
CA TYR D 27 19.64 28.33 -8.09
C TYR D 27 20.85 28.22 -7.17
N GLN D 28 22.04 27.95 -7.71
CA GLN D 28 23.21 27.74 -6.89
C GLN D 28 23.93 29.06 -6.57
N ALA D 29 24.96 28.95 -5.75
CA ALA D 29 25.73 30.11 -5.33
C ALA D 29 27.03 30.22 -6.13
N VAL D 30 27.52 31.45 -6.26
CA VAL D 30 28.75 31.75 -6.97
C VAL D 30 29.87 31.70 -5.94
N VAL D 31 30.56 30.57 -5.87
CA VAL D 31 31.61 30.35 -4.87
C VAL D 31 32.82 31.22 -5.22
N PRO D 32 33.42 31.90 -4.23
CA PRO D 32 34.66 32.62 -4.48
C PRO D 32 35.86 31.67 -4.55
N ASP D 33 36.89 32.14 -5.25
CA ASP D 33 38.10 31.34 -5.39
C ASP D 33 38.97 31.49 -4.15
N PHE D 34 39.94 30.58 -4.02
CA PHE D 34 40.85 30.56 -2.88
C PHE D 34 42.22 31.05 -3.30
N ASP D 35 42.80 31.93 -2.49
CA ASP D 35 44.16 32.43 -2.70
C ASP D 35 44.94 32.20 -1.42
N PRO D 36 45.95 31.31 -1.43
CA PRO D 36 46.69 31.02 -0.20
C PRO D 36 47.41 32.22 0.39
N ALA D 37 47.83 33.19 -0.42
CA ALA D 37 48.59 34.33 0.06
C ALA D 37 47.72 35.54 0.39
N LYS D 38 46.40 35.41 0.32
CA LYS D 38 45.49 36.53 0.52
C LYS D 38 44.79 36.44 1.87
N LEU D 39 44.96 35.33 2.58
CA LEU D 39 44.23 35.12 3.83
C LEU D 39 44.62 36.14 4.90
N ALA D 40 45.91 36.44 5.02
CA ALA D 40 46.37 37.36 6.06
C ALA D 40 45.93 38.79 5.78
N ARG D 41 45.98 39.23 4.52
CA ARG D 41 45.60 40.60 4.18
C ARG D 41 44.10 40.81 4.39
N ARG D 42 43.27 39.85 3.97
CA ARG D 42 41.83 39.98 4.16
C ARG D 42 41.44 39.84 5.62
N SER D 43 42.14 38.97 6.38
CA SER D 43 41.74 38.71 7.76
C SER D 43 41.83 39.96 8.64
N GLN D 44 42.95 40.67 8.57
CA GLN D 44 43.22 41.77 9.50
C GLN D 44 42.56 43.08 9.08
N GLU D 45 41.84 43.10 7.95
CA GLU D 45 41.20 44.32 7.49
C GLU D 45 39.74 44.45 7.89
N ARG D 46 39.03 43.34 8.08
CA ARG D 46 37.61 43.41 8.39
C ARG D 46 37.39 43.77 9.86
N ASP D 47 36.31 44.50 10.10
CA ASP D 47 35.99 44.97 11.44
C ASP D 47 35.35 43.88 12.29
N ASN D 48 35.32 44.10 13.59
CA ASN D 48 34.66 43.21 14.52
C ASN D 48 33.18 43.60 14.59
N LEU D 49 32.34 42.87 13.86
CA LEU D 49 30.94 43.25 13.69
C LEU D 49 30.10 42.78 14.88
N GLY D 50 30.28 43.49 16.00
CA GLY D 50 29.53 43.20 17.20
C GLY D 50 30.05 43.97 18.40
N MET D 51 29.17 44.33 19.32
CA MET D 51 29.56 45.07 20.52
C MET D 51 29.51 44.13 21.72
N LEU D 52 30.57 44.17 22.53
CA LEU D 52 30.71 43.25 23.64
C LEU D 52 29.87 43.72 24.82
N VAL D 53 29.19 42.78 25.47
CA VAL D 53 28.42 43.09 26.67
C VAL D 53 28.85 42.28 27.88
N TRP D 54 29.60 41.19 27.71
CA TRP D 54 30.09 40.42 28.84
C TRP D 54 31.32 39.63 28.42
N SER D 55 32.26 39.52 29.35
CA SER D 55 33.48 38.73 29.17
C SER D 55 33.81 38.05 30.50
N PRO D 56 34.37 36.85 30.46
CA PRO D 56 34.71 36.16 31.70
C PRO D 56 35.91 36.79 32.39
N ASN D 57 35.86 36.87 33.71
CA ASN D 57 36.95 37.39 34.52
C ASN D 57 37.50 36.26 35.38
N GLN D 58 38.78 35.95 35.19
CA GLN D 58 39.39 34.84 35.93
C GLN D 58 39.68 35.19 37.38
N ASN D 59 40.00 36.45 37.65
CA ASN D 59 40.27 36.89 39.02
C ASN D 59 39.00 37.12 39.83
N LEU D 60 37.83 37.04 39.19
CA LEU D 60 36.56 37.32 39.86
C LEU D 60 35.83 36.00 40.09
N SER D 61 35.82 35.54 41.34
CA SER D 61 35.21 34.27 41.67
C SER D 61 33.69 34.40 41.76
N GLU D 62 33.05 33.28 42.13
CA GLU D 62 31.60 33.19 42.01
C GLU D 62 30.86 33.68 43.25
N ALA D 63 31.50 33.69 44.42
CA ALA D 63 30.77 33.99 45.66
C ALA D 63 30.26 35.44 45.70
N LYS D 64 31.15 36.40 45.45
CA LYS D 64 30.73 37.79 45.46
C LYS D 64 29.82 38.15 44.29
N LEU D 65 29.98 37.50 43.14
CA LEU D 65 29.01 37.67 42.06
C LEU D 65 27.63 37.15 42.43
N ASP D 66 27.54 35.98 43.05
CA ASP D 66 26.25 35.47 43.51
C ASP D 66 25.63 36.39 44.54
N GLU D 67 26.45 36.93 45.46
CA GLU D 67 25.94 37.91 46.42
C GLU D 67 25.42 39.16 45.73
N TYR D 68 26.22 39.76 44.84
CA TYR D 68 25.82 40.99 44.16
C TYR D 68 24.59 40.80 43.29
N ILE D 69 24.40 39.59 42.76
CA ILE D 69 23.23 39.35 41.93
C ILE D 69 21.95 39.44 42.75
N ALA D 70 21.90 38.80 43.93
CA ALA D 70 20.74 38.97 44.80
C ALA D 70 20.63 40.40 45.32
N ILE D 71 21.78 41.05 45.53
CA ILE D 71 21.79 42.47 45.89
C ILE D 71 21.03 43.30 44.85
N ALA D 72 21.33 43.06 43.57
CA ALA D 72 20.63 43.78 42.51
C ALA D 72 19.19 43.33 42.39
N LYS D 73 18.91 42.07 42.75
CA LYS D 73 17.55 41.55 42.63
C LYS D 73 16.60 42.24 43.60
N GLU D 74 16.85 42.11 44.91
CA GLU D 74 15.76 42.29 45.86
C GLU D 74 15.44 43.75 46.16
N LYS D 75 16.45 44.60 46.34
CA LYS D 75 16.13 45.98 46.71
C LYS D 75 15.94 46.91 45.51
N HIS D 76 16.59 46.65 44.37
CA HIS D 76 16.49 47.57 43.25
C HIS D 76 15.80 47.00 42.02
N GLY D 77 15.56 45.69 41.95
CA GLY D 77 14.80 45.12 40.86
C GLY D 77 15.56 44.89 39.58
N TYR D 78 16.88 44.87 39.61
CA TYR D 78 17.67 44.55 38.43
C TYR D 78 17.45 43.09 38.02
N ASN D 79 17.37 42.87 36.71
CA ASN D 79 17.28 41.53 36.16
C ASN D 79 18.69 41.02 35.86
N MET D 80 18.81 39.88 35.18
CA MET D 80 20.12 39.31 34.92
C MET D 80 20.92 40.18 33.96
N GLU D 81 20.32 40.54 32.82
CA GLU D 81 21.08 41.15 31.73
C GLU D 81 21.59 42.54 32.11
N GLN D 82 20.71 43.39 32.65
CA GLN D 82 21.12 44.73 33.04
C GLN D 82 22.11 44.73 34.20
N ALA D 83 21.99 43.80 35.14
CA ALA D 83 22.95 43.72 36.23
C ALA D 83 24.32 43.26 35.72
N LEU D 84 24.35 42.25 34.84
CA LEU D 84 25.61 41.78 34.29
C LEU D 84 26.26 42.79 33.35
N GLY D 85 25.47 43.61 32.65
CA GLY D 85 26.06 44.64 31.82
C GLY D 85 26.80 45.70 32.59
N MET D 86 26.29 46.10 33.76
CA MET D 86 26.95 47.09 34.60
C MET D 86 28.32 46.63 35.08
N LEU D 87 28.51 45.33 35.30
CA LEU D 87 29.81 44.84 35.73
C LEU D 87 30.88 45.11 34.68
N PHE D 88 30.55 44.84 33.41
CA PHE D 88 31.50 45.15 32.34
C PHE D 88 31.57 46.64 32.05
N TRP D 89 30.50 47.39 32.32
CA TRP D 89 30.55 48.83 32.16
C TRP D 89 31.58 49.46 33.09
N HIS D 90 31.85 48.83 34.24
CA HIS D 90 32.87 49.28 35.18
C HIS D 90 34.05 48.32 35.24
N LYS D 91 34.18 47.44 34.24
CA LYS D 91 35.31 46.51 34.14
C LYS D 91 35.39 45.58 35.36
N HIS D 92 34.26 44.93 35.65
CA HIS D 92 34.18 43.90 36.69
C HIS D 92 34.59 44.43 38.06
N ASN D 93 34.29 45.70 38.33
CA ASN D 93 34.54 46.28 39.65
C ASN D 93 33.20 46.32 40.40
N ILE D 94 33.07 45.45 41.41
CA ILE D 94 31.80 45.30 42.10
C ILE D 94 31.47 46.53 42.94
N GLU D 95 32.48 47.11 43.60
CA GLU D 95 32.23 48.25 44.48
C GLU D 95 31.69 49.44 43.71
N LYS D 96 32.32 49.78 42.58
CA LYS D 96 31.83 50.89 41.77
C LYS D 96 30.45 50.60 41.19
N SER D 97 30.18 49.34 40.85
CA SER D 97 28.84 48.96 40.41
C SER D 97 27.81 49.17 41.50
N LEU D 98 28.13 48.84 42.76
CA LEU D 98 27.24 49.16 43.86
C LEU D 98 27.06 50.66 44.02
N ALA D 99 28.12 51.44 43.78
CA ALA D 99 28.03 52.88 43.90
C ALA D 99 27.05 53.47 42.89
N ASP D 100 27.05 52.98 41.66
CA ASP D 100 26.29 53.58 40.58
C ASP D 100 25.01 52.82 40.23
N LEU D 101 24.68 51.74 40.95
CA LEU D 101 23.47 51.01 40.60
C LEU D 101 22.19 51.77 40.97
N PRO D 102 22.11 52.52 42.07
CA PRO D 102 20.90 53.32 42.31
C PRO D 102 20.76 54.53 41.40
N ASN D 103 21.86 54.99 40.79
CA ASN D 103 21.82 56.18 39.96
C ASN D 103 21.16 55.93 38.61
N PHE D 104 21.05 54.69 38.18
CA PHE D 104 20.44 54.34 36.89
C PHE D 104 19.16 53.57 37.16
N THR D 105 18.03 54.17 36.81
CA THR D 105 16.75 53.49 36.94
C THR D 105 16.61 52.45 35.84
N PRO D 106 16.36 51.18 36.16
CA PRO D 106 16.23 50.16 35.12
C PRO D 106 14.92 50.30 34.36
N PHE D 107 14.88 51.20 33.38
CA PHE D 107 13.68 51.53 32.62
C PHE D 107 12.99 50.28 32.07
N PRO D 108 11.83 49.92 32.60
CA PRO D 108 11.10 48.78 32.05
C PRO D 108 10.03 49.22 31.07
N ASP D 109 9.36 48.26 30.43
CA ASP D 109 8.12 48.58 29.71
C ASP D 109 7.07 48.96 30.74
N GLU D 110 6.74 50.26 30.80
CA GLU D 110 5.91 50.79 31.88
C GLU D 110 4.48 50.32 31.69
N TRP D 111 4.21 49.12 32.20
CA TRP D 111 2.87 48.54 32.17
C TRP D 111 2.14 48.97 33.43
N THR D 112 1.34 50.02 33.32
CA THR D 112 0.51 50.44 34.43
C THR D 112 -0.65 49.45 34.62
N VAL D 113 -1.26 49.51 35.80
CA VAL D 113 -2.34 48.59 36.13
C VAL D 113 -3.47 48.70 35.11
N GLU D 114 -3.80 49.94 34.69
CA GLU D 114 -4.79 50.11 33.64
C GLU D 114 -4.36 49.46 32.33
N ASP D 115 -3.07 49.54 32.01
CA ASP D 115 -2.59 48.88 30.80
C ASP D 115 -2.80 47.38 30.87
N LYS D 116 -2.54 46.77 32.02
CA LYS D 116 -2.85 45.36 32.20
C LYS D 116 -4.35 45.10 32.05
N VAL D 117 -5.19 46.00 32.57
CA VAL D 117 -6.64 45.76 32.50
C VAL D 117 -7.14 45.77 31.05
N LEU D 118 -6.75 46.80 30.28
CA LEU D 118 -7.17 46.79 28.88
C LEU D 118 -6.50 45.69 28.07
N PHE D 119 -5.27 45.29 28.41
CA PHE D 119 -4.68 44.15 27.70
C PHE D 119 -5.46 42.87 27.98
N GLU D 120 -5.87 42.69 29.25
CA GLU D 120 -6.78 41.62 29.63
C GLU D 120 -8.07 41.63 28.82
N GLN D 121 -8.70 42.80 28.71
CA GLN D 121 -9.95 42.89 27.96
C GLN D 121 -9.74 42.58 26.48
N ALA D 122 -8.69 43.14 25.89
CA ALA D 122 -8.42 42.94 24.47
C ALA D 122 -8.10 41.49 24.14
N PHE D 123 -7.31 40.81 24.98
CA PHE D 123 -7.04 39.39 24.73
C PHE D 123 -8.31 38.56 24.77
N SER D 124 -9.20 38.81 25.74
CA SER D 124 -10.45 38.07 25.81
C SER D 124 -11.34 38.36 24.61
N PHE D 125 -11.39 39.61 24.16
CA PHE D 125 -12.28 39.95 23.05
C PHE D 125 -11.75 39.44 21.71
N HIS D 126 -10.45 39.57 21.45
CA HIS D 126 -9.92 39.29 20.12
C HIS D 126 -8.99 38.08 20.04
N GLY D 127 -8.33 37.72 21.13
CA GLY D 127 -7.48 36.54 21.11
C GLY D 127 -6.01 36.84 20.84
N LYS D 128 -5.42 36.08 19.93
CA LYS D 128 -3.99 36.17 19.64
C LYS D 128 -3.65 37.21 18.59
N THR D 129 -4.63 37.87 18.00
CA THR D 129 -4.36 38.88 16.97
C THR D 129 -3.89 40.16 17.64
N PHE D 130 -2.57 40.31 17.76
CA PHE D 130 -2.01 41.49 18.43
C PHE D 130 -2.13 42.75 17.60
N HIS D 131 -2.25 42.63 16.27
CA HIS D 131 -2.46 43.80 15.44
C HIS D 131 -3.75 44.52 15.82
N ARG D 132 -4.82 43.77 16.08
CA ARG D 132 -6.05 44.36 16.59
C ARG D 132 -5.91 44.86 18.02
N ILE D 133 -5.19 44.12 18.87
CA ILE D 133 -5.02 44.53 20.26
C ILE D 133 -4.28 45.86 20.34
N GLN D 134 -3.42 46.17 19.36
CA GLN D 134 -2.77 47.46 19.31
C GLN D 134 -3.78 48.61 19.23
N GLN D 135 -4.99 48.35 18.74
CA GLN D 135 -5.97 49.41 18.56
C GLN D 135 -6.47 49.97 19.88
N MET D 136 -6.70 49.12 20.88
CA MET D 136 -7.04 49.60 22.22
C MET D 136 -5.83 50.05 23.02
N LEU D 137 -4.62 49.73 22.59
CA LEU D 137 -3.39 50.17 23.25
C LEU D 137 -2.47 50.80 22.22
N PRO D 138 -2.81 52.00 21.72
CA PRO D 138 -2.04 52.60 20.62
C PRO D 138 -0.65 53.04 21.00
N ASP D 139 -0.33 53.15 22.29
CA ASP D 139 0.97 53.67 22.71
C ASP D 139 2.05 52.59 22.81
N LYS D 140 1.70 51.33 22.60
CA LYS D 140 2.65 50.23 22.75
C LYS D 140 2.79 49.48 21.43
N SER D 141 4.04 49.28 21.01
CA SER D 141 4.32 48.55 19.78
C SER D 141 4.10 47.05 19.98
N ILE D 142 3.84 46.35 18.86
CA ILE D 142 3.46 44.94 18.90
C ILE D 142 4.55 44.11 19.57
N ALA D 143 5.82 44.45 19.29
CA ALA D 143 6.93 43.74 19.90
C ALA D 143 6.90 43.86 21.42
N SER D 144 6.18 44.85 21.95
CA SER D 144 6.05 45.02 23.38
C SER D 144 4.86 44.27 23.97
N LEU D 145 3.73 44.17 23.25
CA LEU D 145 2.62 43.39 23.80
C LEU D 145 2.88 41.90 23.72
N VAL D 146 3.67 41.43 22.74
CA VAL D 146 3.96 40.00 22.70
C VAL D 146 4.78 39.59 23.92
N LYS D 147 5.75 40.42 24.32
CA LYS D 147 6.54 40.15 25.51
C LYS D 147 5.69 40.09 26.76
N PHE D 148 4.74 41.03 26.91
CA PHE D 148 3.85 41.01 28.06
C PHE D 148 2.89 39.82 28.02
N TYR D 149 2.47 39.41 26.82
CA TYR D 149 1.65 38.22 26.69
C TYR D 149 2.39 36.98 27.19
N TYR D 150 3.65 36.81 26.77
CA TYR D 150 4.40 35.65 27.23
C TYR D 150 4.73 35.72 28.72
N SER D 151 4.88 36.92 29.28
CA SER D 151 5.14 37.04 30.71
C SER D 151 3.89 36.84 31.56
N TRP D 152 2.72 37.21 31.04
CA TRP D 152 1.47 37.05 31.77
C TRP D 152 1.06 35.59 31.87
N LYS D 153 1.20 34.82 30.78
CA LYS D 153 0.71 33.45 30.73
C LYS D 153 1.34 32.55 31.78
N LYS D 154 2.36 33.03 32.50
CA LYS D 154 2.99 32.26 33.56
C LYS D 154 2.00 31.94 34.67
ZN ZN E . 13.79 21.48 10.77
C1 IHP F . 0.23 28.50 22.79
C2 IHP F . 0.74 27.72 23.99
C3 IHP F . -0.36 26.86 24.59
C4 IHP F . -0.91 25.93 23.54
C5 IHP F . -1.52 26.77 22.43
C6 IHP F . -0.41 27.57 21.77
O11 IHP F . 1.34 29.16 22.16
P1 IHP F . 1.56 30.76 21.93
O21 IHP F . 0.93 31.06 20.59
O31 IHP F . 0.85 31.43 23.09
O41 IHP F . 3.05 30.97 21.95
O12 IHP F . 1.82 26.87 23.56
P2 IHP F . 3.42 27.01 23.83
O22 IHP F . 4.08 26.00 22.90
O32 IHP F . 3.78 28.44 23.48
O42 IHP F . 3.62 26.69 25.30
O13 IHP F . 0.19 26.08 25.68
P3 IHP F . -0.20 26.17 27.25
O23 IHP F . -0.10 27.63 27.61
O33 IHP F . 0.79 25.30 27.98
O43 IHP F . -1.62 25.63 27.34
O14 IHP F . -1.94 25.09 24.12
P4 IHP F . -1.92 23.47 24.22
O24 IHP F . -3.37 23.02 24.09
O34 IHP F . -1.06 23.00 23.08
O44 IHP F . -1.34 23.14 25.58
O15 IHP F . -2.14 25.90 21.45
P5 IHP F . -3.63 26.06 20.83
O25 IHP F . -3.63 27.38 20.09
O35 IHP F . -4.57 26.04 22.03
O45 IHP F . -3.83 24.87 19.92
O16 IHP F . -0.98 28.37 20.71
P6 IHP F . -0.57 28.39 19.14
O26 IHP F . 0.94 28.33 19.12
O36 IHP F . -1.12 29.68 18.58
O46 IHP F . -1.21 27.16 18.53
N3 A1ACV G . 8.27 21.72 8.65
C5 A1ACV G . 6.66 22.37 7.40
C6 A1ACV G . 5.40 22.36 6.65
C7 A1ACV G . 4.58 21.24 6.69
C8 A1ACV G . 3.40 21.24 5.95
C10 A1ACV G . 1.77 22.00 4.54
N12 A1ACV G . 0.95 23.72 3.09
C13 A1ACV G . 0.02 24.30 2.13
C15 A1ACV G . 0.13 24.92 -0.31
C21 A1ACV G . -0.42 20.55 3.76
C22 A1ACV G . -1.57 19.76 3.29
C24 A1ACV G . -1.17 18.20 1.35
C26 A1ACV G . -1.52 18.88 -0.92
C28 A1ACV G . -1.90 20.42 0.88
C1 A1ACV G . 9.74 23.65 8.41
C11 A1ACV G . 0.80 22.49 3.61
C14 A1ACV G . 0.34 23.81 0.72
C16 A1ACV G . 1.09 26.06 -0.09
C18 A1ACV G . 1.26 26.37 1.39
C19 A1ACV G . 0.07 25.82 2.19
C23 A1ACV G . -1.54 19.45 1.80
C25 A1ACV G . -1.16 17.92 -0.01
C27 A1ACV G . -1.89 20.13 -0.48
C30 A1ACV G . 1.46 20.69 5.00
C32 A1ACV G . 3.87 23.46 5.13
C33 A1ACV G . 5.04 23.46 5.86
C9 A1ACV G . 3.03 22.36 5.16
N17 A1ACV G . 0.64 27.27 -0.82
N2 A1ACV G . 8.51 22.91 8.14
N20 A1ACV G . -0.26 21.77 3.24
N29 A1ACV G . 0.40 19.97 4.64
N31 A1ACV G . 2.44 20.26 5.84
N34 A1ACV G . 7.54 23.37 7.36
N4 A1ACV G . 7.09 21.36 8.18
#